data_2ALF
# 
_entry.id   2ALF 
# 
_audit_conform.dict_name       mmcif_pdbx.dic 
_audit_conform.dict_version    5.392 
_audit_conform.dict_location   http://mmcif.pdb.org/dictionaries/ascii/mmcif_pdbx.dic 
# 
loop_
_database_2.database_id 
_database_2.database_code 
_database_2.pdbx_database_accession 
_database_2.pdbx_DOI 
PDB   2ALF         pdb_00002alf 10.2210/pdb2alf/pdb 
RCSB  RCSB034031   ?            ?                   
WWPDB D_1000034031 ?            ?                   
# 
loop_
_pdbx_audit_revision_history.ordinal 
_pdbx_audit_revision_history.data_content_type 
_pdbx_audit_revision_history.major_revision 
_pdbx_audit_revision_history.minor_revision 
_pdbx_audit_revision_history.revision_date 
1 'Structure model' 1 0 2005-08-23 
2 'Structure model' 1 1 2008-04-30 
3 'Structure model' 1 2 2011-07-13 
4 'Structure model' 1 3 2017-10-11 
5 'Structure model' 1 4 2021-11-10 
6 'Structure model' 1 5 2024-05-29 
# 
_pdbx_audit_revision_details.ordinal             1 
_pdbx_audit_revision_details.revision_ordinal    1 
_pdbx_audit_revision_details.data_content_type   'Structure model' 
_pdbx_audit_revision_details.provider            repository 
_pdbx_audit_revision_details.type                'Initial release' 
_pdbx_audit_revision_details.description         ? 
_pdbx_audit_revision_details.details             ? 
# 
loop_
_pdbx_audit_revision_group.ordinal 
_pdbx_audit_revision_group.revision_ordinal 
_pdbx_audit_revision_group.data_content_type 
_pdbx_audit_revision_group.group 
1 2 'Structure model' 'Version format compliance' 
2 3 'Structure model' 'Version format compliance' 
3 4 'Structure model' 'Refinement description'    
4 5 'Structure model' 'Database references'       
5 5 'Structure model' 'Derived calculations'      
6 6 'Structure model' 'Data collection'           
# 
loop_
_pdbx_audit_revision_category.ordinal 
_pdbx_audit_revision_category.revision_ordinal 
_pdbx_audit_revision_category.data_content_type 
_pdbx_audit_revision_category.category 
1 4 'Structure model' software           
2 5 'Structure model' database_2         
3 5 'Structure model' struct_conn        
4 5 'Structure model' struct_ref_seq_dif 
5 5 'Structure model' struct_site        
6 6 'Structure model' chem_comp_atom     
7 6 'Structure model' chem_comp_bond     
# 
loop_
_pdbx_audit_revision_item.ordinal 
_pdbx_audit_revision_item.revision_ordinal 
_pdbx_audit_revision_item.data_content_type 
_pdbx_audit_revision_item.item 
1  5 'Structure model' '_database_2.pdbx_DOI'                
2  5 'Structure model' '_database_2.pdbx_database_accession' 
3  5 'Structure model' '_struct_conn.ptnr1_auth_comp_id'     
4  5 'Structure model' '_struct_conn.ptnr1_auth_seq_id'      
5  5 'Structure model' '_struct_conn.ptnr1_label_asym_id'    
6  5 'Structure model' '_struct_conn.ptnr1_label_atom_id'    
7  5 'Structure model' '_struct_conn.ptnr1_label_comp_id'    
8  5 'Structure model' '_struct_conn.ptnr1_label_seq_id'     
9  5 'Structure model' '_struct_conn.ptnr2_auth_comp_id'     
10 5 'Structure model' '_struct_conn.ptnr2_auth_seq_id'      
11 5 'Structure model' '_struct_conn.ptnr2_label_asym_id'    
12 5 'Structure model' '_struct_conn.ptnr2_label_atom_id'    
13 5 'Structure model' '_struct_conn.ptnr2_label_comp_id'    
14 5 'Structure model' '_struct_conn.ptnr2_label_seq_id'     
15 5 'Structure model' '_struct_ref_seq_dif.details'         
16 5 'Structure model' '_struct_site.pdbx_auth_asym_id'      
17 5 'Structure model' '_struct_site.pdbx_auth_comp_id'      
18 5 'Structure model' '_struct_site.pdbx_auth_seq_id'       
# 
_pdbx_database_status.entry_id                        2ALF 
_pdbx_database_status.deposit_site                    RCSB 
_pdbx_database_status.process_site                    PDBJ 
_pdbx_database_status.recvd_initial_deposition_date   2005-08-05 
_pdbx_database_status.status_code                     REL 
_pdbx_database_status.status_code_sf                  REL 
_pdbx_database_status.status_code_mr                  ? 
_pdbx_database_status.SG_entry                        ? 
_pdbx_database_status.pdb_format_compatible           Y 
_pdbx_database_status.status_code_cs                  ? 
_pdbx_database_status.methods_development_category    ? 
_pdbx_database_status.status_code_nmr_data            ? 
# 
loop_
_audit_author.name 
_audit_author.pdbx_ordinal 
'Hu, H.'       1 
'Huang, C.-Q.' 2 
'Liu, H.-L.'   3 
'Han, Y.'      4 
'Chen, M.-E.'  5 
'Yu, L.'       6 
'Bi, R.-C.'    7 
# 
_citation.id                        primary 
_citation.title                     'Nuclease activity of Cyclophilin A and its structural basis' 
_citation.journal_abbrev            'TO BE PUBLISHED' 
_citation.journal_volume            ? 
_citation.page_first                ? 
_citation.page_last                 ? 
_citation.year                      ? 
_citation.journal_id_ASTM           ? 
_citation.country                   ? 
_citation.journal_id_ISSN           ? 
_citation.journal_id_CSD            0353 
_citation.book_publisher            ? 
_citation.pdbx_database_id_PubMed   ? 
_citation.pdbx_database_id_DOI      ? 
# 
loop_
_citation_author.citation_id 
_citation_author.name 
_citation_author.ordinal 
_citation_author.identifier_ORCID 
primary 'Hu, H.'       1 ? 
primary 'Huang, C.-Q.' 2 ? 
primary 'Liu, H.-L.'   3 ? 
primary 'Han, Y.'      4 ? 
primary 'Chen, M.-E.'  5 ? 
primary 'Yu, L.'       6 ? 
primary 'Bi, R.-C.'    7 ? 
# 
loop_
_entity.id 
_entity.type 
_entity.src_method 
_entity.pdbx_description 
_entity.formula_weight 
_entity.pdbx_number_of_molecules 
_entity.pdbx_ec 
_entity.pdbx_mutation 
_entity.pdbx_fragment 
_entity.details 
1 polymer     man 'Peptidyl-prolyl cis-trans isomerase A' 17847.271 1   5.2.1.8 K131A ? ? 
2 non-polymer syn 'MAGNESIUM ION'                         24.305    1   ?       ?     ? ? 
3 water       nat water                                   18.015    245 ?       ?     ? ? 
# 
_entity_name_com.entity_id   1 
_entity_name_com.name        'PPIase, Rotamase, Cyclophilin A, Cyclosporin A-binding protein' 
# 
_entity_poly.entity_id                      1 
_entity_poly.type                           'polypeptide(L)' 
_entity_poly.nstd_linkage                   no 
_entity_poly.nstd_monomer                   no 
_entity_poly.pdbx_seq_one_letter_code       
;VNPTVFFDIAVDGEPLGRVSFELFADKVPKTAENFRALSTGEKGFGYKGSCFHRIIPGFMCQGGDFTRHNGTGGKSIYGE
KFEDENFILKHTGPGILSMANAGPNTNGSQFFICTAKTKWLDGKHVVFGAVKEGMNIVEAMERFGSRNGKTSKKITIADC
GQLE
;
_entity_poly.pdbx_seq_one_letter_code_can   
;VNPTVFFDIAVDGEPLGRVSFELFADKVPKTAENFRALSTGEKGFGYKGSCFHRIIPGFMCQGGDFTRHNGTGGKSIYGE
KFEDENFILKHTGPGILSMANAGPNTNGSQFFICTAKTKWLDGKHVVFGAVKEGMNIVEAMERFGSRNGKTSKKITIADC
GQLE
;
_entity_poly.pdbx_strand_id                 A 
_entity_poly.pdbx_target_identifier         ? 
# 
loop_
_pdbx_entity_nonpoly.entity_id 
_pdbx_entity_nonpoly.name 
_pdbx_entity_nonpoly.comp_id 
2 'MAGNESIUM ION' MG  
3 water           HOH 
# 
loop_
_entity_poly_seq.entity_id 
_entity_poly_seq.num 
_entity_poly_seq.mon_id 
_entity_poly_seq.hetero 
1 1   VAL n 
1 2   ASN n 
1 3   PRO n 
1 4   THR n 
1 5   VAL n 
1 6   PHE n 
1 7   PHE n 
1 8   ASP n 
1 9   ILE n 
1 10  ALA n 
1 11  VAL n 
1 12  ASP n 
1 13  GLY n 
1 14  GLU n 
1 15  PRO n 
1 16  LEU n 
1 17  GLY n 
1 18  ARG n 
1 19  VAL n 
1 20  SER n 
1 21  PHE n 
1 22  GLU n 
1 23  LEU n 
1 24  PHE n 
1 25  ALA n 
1 26  ASP n 
1 27  LYS n 
1 28  VAL n 
1 29  PRO n 
1 30  LYS n 
1 31  THR n 
1 32  ALA n 
1 33  GLU n 
1 34  ASN n 
1 35  PHE n 
1 36  ARG n 
1 37  ALA n 
1 38  LEU n 
1 39  SER n 
1 40  THR n 
1 41  GLY n 
1 42  GLU n 
1 43  LYS n 
1 44  GLY n 
1 45  PHE n 
1 46  GLY n 
1 47  TYR n 
1 48  LYS n 
1 49  GLY n 
1 50  SER n 
1 51  CYS n 
1 52  PHE n 
1 53  HIS n 
1 54  ARG n 
1 55  ILE n 
1 56  ILE n 
1 57  PRO n 
1 58  GLY n 
1 59  PHE n 
1 60  MET n 
1 61  CYS n 
1 62  GLN n 
1 63  GLY n 
1 64  GLY n 
1 65  ASP n 
1 66  PHE n 
1 67  THR n 
1 68  ARG n 
1 69  HIS n 
1 70  ASN n 
1 71  GLY n 
1 72  THR n 
1 73  GLY n 
1 74  GLY n 
1 75  LYS n 
1 76  SER n 
1 77  ILE n 
1 78  TYR n 
1 79  GLY n 
1 80  GLU n 
1 81  LYS n 
1 82  PHE n 
1 83  GLU n 
1 84  ASP n 
1 85  GLU n 
1 86  ASN n 
1 87  PHE n 
1 88  ILE n 
1 89  LEU n 
1 90  LYS n 
1 91  HIS n 
1 92  THR n 
1 93  GLY n 
1 94  PRO n 
1 95  GLY n 
1 96  ILE n 
1 97  LEU n 
1 98  SER n 
1 99  MET n 
1 100 ALA n 
1 101 ASN n 
1 102 ALA n 
1 103 GLY n 
1 104 PRO n 
1 105 ASN n 
1 106 THR n 
1 107 ASN n 
1 108 GLY n 
1 109 SER n 
1 110 GLN n 
1 111 PHE n 
1 112 PHE n 
1 113 ILE n 
1 114 CYS n 
1 115 THR n 
1 116 ALA n 
1 117 LYS n 
1 118 THR n 
1 119 LYS n 
1 120 TRP n 
1 121 LEU n 
1 122 ASP n 
1 123 GLY n 
1 124 LYS n 
1 125 HIS n 
1 126 VAL n 
1 127 VAL n 
1 128 PHE n 
1 129 GLY n 
1 130 ALA n 
1 131 VAL n 
1 132 LYS n 
1 133 GLU n 
1 134 GLY n 
1 135 MET n 
1 136 ASN n 
1 137 ILE n 
1 138 VAL n 
1 139 GLU n 
1 140 ALA n 
1 141 MET n 
1 142 GLU n 
1 143 ARG n 
1 144 PHE n 
1 145 GLY n 
1 146 SER n 
1 147 ARG n 
1 148 ASN n 
1 149 GLY n 
1 150 LYS n 
1 151 THR n 
1 152 SER n 
1 153 LYS n 
1 154 LYS n 
1 155 ILE n 
1 156 THR n 
1 157 ILE n 
1 158 ALA n 
1 159 ASP n 
1 160 CYS n 
1 161 GLY n 
1 162 GLN n 
1 163 LEU n 
1 164 GLU n 
# 
_entity_src_gen.entity_id                          1 
_entity_src_gen.pdbx_src_id                        1 
_entity_src_gen.pdbx_alt_source_flag               sample 
_entity_src_gen.pdbx_seq_type                      ? 
_entity_src_gen.pdbx_beg_seq_num                   ? 
_entity_src_gen.pdbx_end_seq_num                   ? 
_entity_src_gen.gene_src_common_name               human 
_entity_src_gen.gene_src_genus                     Homo 
_entity_src_gen.pdbx_gene_src_gene                 CyPA 
_entity_src_gen.gene_src_species                   ? 
_entity_src_gen.gene_src_strain                    ? 
_entity_src_gen.gene_src_tissue                    ? 
_entity_src_gen.gene_src_tissue_fraction           ? 
_entity_src_gen.gene_src_details                   ? 
_entity_src_gen.pdbx_gene_src_fragment             ? 
_entity_src_gen.pdbx_gene_src_scientific_name      'Homo sapiens' 
_entity_src_gen.pdbx_gene_src_ncbi_taxonomy_id     9606 
_entity_src_gen.pdbx_gene_src_variant              ? 
_entity_src_gen.pdbx_gene_src_cell_line            ? 
_entity_src_gen.pdbx_gene_src_atcc                 ? 
_entity_src_gen.pdbx_gene_src_organ                ? 
_entity_src_gen.pdbx_gene_src_organelle            ? 
_entity_src_gen.pdbx_gene_src_cell                 ? 
_entity_src_gen.pdbx_gene_src_cellular_location    ? 
_entity_src_gen.host_org_common_name               ? 
_entity_src_gen.pdbx_host_org_scientific_name      'Escherichia coli BL21(DE3)' 
_entity_src_gen.pdbx_host_org_ncbi_taxonomy_id     469008 
_entity_src_gen.host_org_genus                     Escherichia 
_entity_src_gen.pdbx_host_org_gene                 ? 
_entity_src_gen.pdbx_host_org_organ                ? 
_entity_src_gen.host_org_species                   'Escherichia coli' 
_entity_src_gen.pdbx_host_org_tissue               ? 
_entity_src_gen.pdbx_host_org_tissue_fraction      ? 
_entity_src_gen.pdbx_host_org_strain               'BL21(DE3)' 
_entity_src_gen.pdbx_host_org_variant              ? 
_entity_src_gen.pdbx_host_org_cell_line            ? 
_entity_src_gen.pdbx_host_org_atcc                 ? 
_entity_src_gen.pdbx_host_org_culture_collection   ? 
_entity_src_gen.pdbx_host_org_cell                 ? 
_entity_src_gen.pdbx_host_org_organelle            ? 
_entity_src_gen.pdbx_host_org_cellular_location    ? 
_entity_src_gen.pdbx_host_org_vector_type          plasmid 
_entity_src_gen.pdbx_host_org_vector               ? 
_entity_src_gen.host_org_details                   ? 
_entity_src_gen.expression_system_id               ? 
_entity_src_gen.plasmid_name                       pGEX-4T-1 
_entity_src_gen.plasmid_details                    ? 
_entity_src_gen.pdbx_description                   ? 
# 
loop_
_chem_comp.id 
_chem_comp.type 
_chem_comp.mon_nstd_flag 
_chem_comp.name 
_chem_comp.pdbx_synonyms 
_chem_comp.formula 
_chem_comp.formula_weight 
ALA 'L-peptide linking' y ALANINE         ? 'C3 H7 N O2'     89.093  
ARG 'L-peptide linking' y ARGININE        ? 'C6 H15 N4 O2 1' 175.209 
ASN 'L-peptide linking' y ASPARAGINE      ? 'C4 H8 N2 O3'    132.118 
ASP 'L-peptide linking' y 'ASPARTIC ACID' ? 'C4 H7 N O4'     133.103 
CYS 'L-peptide linking' y CYSTEINE        ? 'C3 H7 N O2 S'   121.158 
GLN 'L-peptide linking' y GLUTAMINE       ? 'C5 H10 N2 O3'   146.144 
GLU 'L-peptide linking' y 'GLUTAMIC ACID' ? 'C5 H9 N O4'     147.129 
GLY 'peptide linking'   y GLYCINE         ? 'C2 H5 N O2'     75.067  
HIS 'L-peptide linking' y HISTIDINE       ? 'C6 H10 N3 O2 1' 156.162 
HOH non-polymer         . WATER           ? 'H2 O'           18.015  
ILE 'L-peptide linking' y ISOLEUCINE      ? 'C6 H13 N O2'    131.173 
LEU 'L-peptide linking' y LEUCINE         ? 'C6 H13 N O2'    131.173 
LYS 'L-peptide linking' y LYSINE          ? 'C6 H15 N2 O2 1' 147.195 
MET 'L-peptide linking' y METHIONINE      ? 'C5 H11 N O2 S'  149.211 
MG  non-polymer         . 'MAGNESIUM ION' ? 'Mg 2'           24.305  
PHE 'L-peptide linking' y PHENYLALANINE   ? 'C9 H11 N O2'    165.189 
PRO 'L-peptide linking' y PROLINE         ? 'C5 H9 N O2'     115.130 
SER 'L-peptide linking' y SERINE          ? 'C3 H7 N O3'     105.093 
THR 'L-peptide linking' y THREONINE       ? 'C4 H9 N O3'     119.119 
TRP 'L-peptide linking' y TRYPTOPHAN      ? 'C11 H12 N2 O2'  204.225 
TYR 'L-peptide linking' y TYROSINE        ? 'C9 H11 N O3'    181.189 
VAL 'L-peptide linking' y VALINE          ? 'C5 H11 N O2'    117.146 
# 
loop_
_pdbx_poly_seq_scheme.asym_id 
_pdbx_poly_seq_scheme.entity_id 
_pdbx_poly_seq_scheme.seq_id 
_pdbx_poly_seq_scheme.mon_id 
_pdbx_poly_seq_scheme.ndb_seq_num 
_pdbx_poly_seq_scheme.pdb_seq_num 
_pdbx_poly_seq_scheme.auth_seq_num 
_pdbx_poly_seq_scheme.pdb_mon_id 
_pdbx_poly_seq_scheme.auth_mon_id 
_pdbx_poly_seq_scheme.pdb_strand_id 
_pdbx_poly_seq_scheme.pdb_ins_code 
_pdbx_poly_seq_scheme.hetero 
A 1 1   VAL 1   2   2   VAL VAL A . n 
A 1 2   ASN 2   3   3   ASN ASN A . n 
A 1 3   PRO 3   4   4   PRO PRO A . n 
A 1 4   THR 4   5   5   THR THR A . n 
A 1 5   VAL 5   6   6   VAL VAL A . n 
A 1 6   PHE 6   7   7   PHE PHE A . n 
A 1 7   PHE 7   8   8   PHE PHE A . n 
A 1 8   ASP 8   9   9   ASP ASP A . n 
A 1 9   ILE 9   10  10  ILE ILE A . n 
A 1 10  ALA 10  11  11  ALA ALA A . n 
A 1 11  VAL 11  12  12  VAL VAL A . n 
A 1 12  ASP 12  13  13  ASP ASP A . n 
A 1 13  GLY 13  14  14  GLY GLY A . n 
A 1 14  GLU 14  15  15  GLU GLU A . n 
A 1 15  PRO 15  16  16  PRO PRO A . n 
A 1 16  LEU 16  17  17  LEU LEU A . n 
A 1 17  GLY 17  18  18  GLY GLY A . n 
A 1 18  ARG 18  19  19  ARG ARG A . n 
A 1 19  VAL 19  20  20  VAL VAL A . n 
A 1 20  SER 20  21  21  SER SER A . n 
A 1 21  PHE 21  22  22  PHE PHE A . n 
A 1 22  GLU 22  23  23  GLU GLU A . n 
A 1 23  LEU 23  24  24  LEU LEU A . n 
A 1 24  PHE 24  25  25  PHE PHE A . n 
A 1 25  ALA 25  26  26  ALA ALA A . n 
A 1 26  ASP 26  27  27  ASP ASP A . n 
A 1 27  LYS 27  28  28  LYS LYS A . n 
A 1 28  VAL 28  29  29  VAL VAL A . n 
A 1 29  PRO 29  30  30  PRO PRO A . n 
A 1 30  LYS 30  31  31  LYS LYS A . n 
A 1 31  THR 31  32  32  THR THR A . n 
A 1 32  ALA 32  33  33  ALA ALA A . n 
A 1 33  GLU 33  34  34  GLU GLU A . n 
A 1 34  ASN 34  35  35  ASN ASN A . n 
A 1 35  PHE 35  36  36  PHE PHE A . n 
A 1 36  ARG 36  37  37  ARG ARG A . n 
A 1 37  ALA 37  38  38  ALA ALA A . n 
A 1 38  LEU 38  39  39  LEU LEU A . n 
A 1 39  SER 39  40  40  SER SER A . n 
A 1 40  THR 40  41  41  THR THR A . n 
A 1 41  GLY 41  42  42  GLY GLY A . n 
A 1 42  GLU 42  43  43  GLU GLU A . n 
A 1 43  LYS 43  44  44  LYS LYS A . n 
A 1 44  GLY 44  45  45  GLY GLY A . n 
A 1 45  PHE 45  46  46  PHE PHE A . n 
A 1 46  GLY 46  47  47  GLY GLY A . n 
A 1 47  TYR 47  48  48  TYR TYR A . n 
A 1 48  LYS 48  49  49  LYS LYS A . n 
A 1 49  GLY 49  50  50  GLY GLY A . n 
A 1 50  SER 50  51  51  SER SER A . n 
A 1 51  CYS 51  52  52  CYS CYS A . n 
A 1 52  PHE 52  53  53  PHE PHE A . n 
A 1 53  HIS 53  54  54  HIS HIS A . n 
A 1 54  ARG 54  55  55  ARG ARG A . n 
A 1 55  ILE 55  56  56  ILE ILE A . n 
A 1 56  ILE 56  57  57  ILE ILE A . n 
A 1 57  PRO 57  58  58  PRO PRO A . n 
A 1 58  GLY 58  59  59  GLY GLY A . n 
A 1 59  PHE 59  60  60  PHE PHE A . n 
A 1 60  MET 60  61  61  MET MET A . n 
A 1 61  CYS 61  62  62  CYS CYS A . n 
A 1 62  GLN 62  63  63  GLN GLN A . n 
A 1 63  GLY 63  64  64  GLY GLY A . n 
A 1 64  GLY 64  65  65  GLY GLY A . n 
A 1 65  ASP 65  66  66  ASP ASP A . n 
A 1 66  PHE 66  67  67  PHE PHE A . n 
A 1 67  THR 67  68  68  THR THR A . n 
A 1 68  ARG 68  69  69  ARG ARG A . n 
A 1 69  HIS 69  70  70  HIS HIS A . n 
A 1 70  ASN 70  71  71  ASN ASN A . n 
A 1 71  GLY 71  72  72  GLY GLY A . n 
A 1 72  THR 72  73  73  THR THR A . n 
A 1 73  GLY 73  74  74  GLY GLY A . n 
A 1 74  GLY 74  75  75  GLY GLY A . n 
A 1 75  LYS 75  76  76  LYS LYS A . n 
A 1 76  SER 76  77  77  SER SER A . n 
A 1 77  ILE 77  78  78  ILE ILE A . n 
A 1 78  TYR 78  79  79  TYR TYR A . n 
A 1 79  GLY 79  80  80  GLY GLY A . n 
A 1 80  GLU 80  81  81  GLU GLU A . n 
A 1 81  LYS 81  82  82  LYS LYS A . n 
A 1 82  PHE 82  83  83  PHE PHE A . n 
A 1 83  GLU 83  84  84  GLU GLU A . n 
A 1 84  ASP 84  85  85  ASP ASP A . n 
A 1 85  GLU 85  86  86  GLU GLU A . n 
A 1 86  ASN 86  87  87  ASN ASN A . n 
A 1 87  PHE 87  88  88  PHE PHE A . n 
A 1 88  ILE 88  89  89  ILE ILE A . n 
A 1 89  LEU 89  90  90  LEU LEU A . n 
A 1 90  LYS 90  91  91  LYS LYS A . n 
A 1 91  HIS 91  92  92  HIS HIS A . n 
A 1 92  THR 92  93  93  THR THR A . n 
A 1 93  GLY 93  94  94  GLY GLY A . n 
A 1 94  PRO 94  95  95  PRO PRO A . n 
A 1 95  GLY 95  96  96  GLY GLY A . n 
A 1 96  ILE 96  97  97  ILE ILE A . n 
A 1 97  LEU 97  98  98  LEU LEU A . n 
A 1 98  SER 98  99  99  SER SER A . n 
A 1 99  MET 99  100 100 MET MET A . n 
A 1 100 ALA 100 101 101 ALA ALA A . n 
A 1 101 ASN 101 102 102 ASN ASN A . n 
A 1 102 ALA 102 103 103 ALA ALA A . n 
A 1 103 GLY 103 104 104 GLY GLY A . n 
A 1 104 PRO 104 105 105 PRO PRO A . n 
A 1 105 ASN 105 106 106 ASN ASN A . n 
A 1 106 THR 106 107 107 THR THR A . n 
A 1 107 ASN 107 108 108 ASN ASN A . n 
A 1 108 GLY 108 109 109 GLY GLY A . n 
A 1 109 SER 109 110 110 SER SER A . n 
A 1 110 GLN 110 111 111 GLN GLN A . n 
A 1 111 PHE 111 112 112 PHE PHE A . n 
A 1 112 PHE 112 113 113 PHE PHE A . n 
A 1 113 ILE 113 114 114 ILE ILE A . n 
A 1 114 CYS 114 115 115 CYS CYS A . n 
A 1 115 THR 115 116 116 THR THR A . n 
A 1 116 ALA 116 117 117 ALA ALA A . n 
A 1 117 LYS 117 118 118 LYS LYS A . n 
A 1 118 THR 118 119 119 THR THR A . n 
A 1 119 LYS 119 120 120 LYS LYS A . n 
A 1 120 TRP 120 121 121 TRP TRP A . n 
A 1 121 LEU 121 122 122 LEU LEU A . n 
A 1 122 ASP 122 123 123 ASP ASP A . n 
A 1 123 GLY 123 124 124 GLY GLY A . n 
A 1 124 LYS 124 125 125 LYS LYS A . n 
A 1 125 HIS 125 126 126 HIS HIS A . n 
A 1 126 VAL 126 127 127 VAL VAL A . n 
A 1 127 VAL 127 128 128 VAL VAL A . n 
A 1 128 PHE 128 129 129 PHE PHE A . n 
A 1 129 GLY 129 130 130 GLY GLY A . n 
A 1 130 ALA 130 131 131 ALA ALA A . n 
A 1 131 VAL 131 132 132 VAL VAL A . n 
A 1 132 LYS 132 133 133 LYS LYS A . n 
A 1 133 GLU 133 134 134 GLU GLU A . n 
A 1 134 GLY 134 135 135 GLY GLY A . n 
A 1 135 MET 135 136 136 MET MET A . n 
A 1 136 ASN 136 137 137 ASN ASN A . n 
A 1 137 ILE 137 138 138 ILE ILE A . n 
A 1 138 VAL 138 139 139 VAL VAL A . n 
A 1 139 GLU 139 140 140 GLU GLU A . n 
A 1 140 ALA 140 141 141 ALA ALA A . n 
A 1 141 MET 141 142 142 MET MET A . n 
A 1 142 GLU 142 143 143 GLU GLU A . n 
A 1 143 ARG 143 144 144 ARG ARG A . n 
A 1 144 PHE 144 145 145 PHE PHE A . n 
A 1 145 GLY 145 146 146 GLY GLY A . n 
A 1 146 SER 146 147 147 SER SER A . n 
A 1 147 ARG 147 148 148 ARG ARG A . n 
A 1 148 ASN 148 149 149 ASN ASN A . n 
A 1 149 GLY 149 150 150 GLY GLY A . n 
A 1 150 LYS 150 151 151 LYS LYS A . n 
A 1 151 THR 151 152 152 THR THR A . n 
A 1 152 SER 152 153 153 SER SER A . n 
A 1 153 LYS 153 154 154 LYS LYS A . n 
A 1 154 LYS 154 155 155 LYS LYS A . n 
A 1 155 ILE 155 156 156 ILE ILE A . n 
A 1 156 THR 156 157 157 THR THR A . n 
A 1 157 ILE 157 158 158 ILE ILE A . n 
A 1 158 ALA 158 159 159 ALA ALA A . n 
A 1 159 ASP 159 160 160 ASP ASP A . n 
A 1 160 CYS 160 161 161 CYS CYS A . n 
A 1 161 GLY 161 162 162 GLY GLY A . n 
A 1 162 GLN 162 163 163 GLN GLN A . n 
A 1 163 LEU 163 164 164 LEU LEU A . n 
A 1 164 GLU 164 165 165 GLU GLU A . n 
# 
loop_
_pdbx_nonpoly_scheme.asym_id 
_pdbx_nonpoly_scheme.entity_id 
_pdbx_nonpoly_scheme.mon_id 
_pdbx_nonpoly_scheme.ndb_seq_num 
_pdbx_nonpoly_scheme.pdb_seq_num 
_pdbx_nonpoly_scheme.auth_seq_num 
_pdbx_nonpoly_scheme.pdb_mon_id 
_pdbx_nonpoly_scheme.auth_mon_id 
_pdbx_nonpoly_scheme.pdb_strand_id 
_pdbx_nonpoly_scheme.pdb_ins_code 
B 2 MG  1   302 302 MG  MG  A . 
C 3 HOH 1   303 1   HOH TIP A . 
C 3 HOH 2   304 2   HOH TIP A . 
C 3 HOH 3   305 3   HOH TIP A . 
C 3 HOH 4   306 4   HOH TIP A . 
C 3 HOH 5   307 5   HOH TIP A . 
C 3 HOH 6   308 6   HOH TIP A . 
C 3 HOH 7   309 7   HOH TIP A . 
C 3 HOH 8   310 8   HOH TIP A . 
C 3 HOH 9   311 9   HOH TIP A . 
C 3 HOH 10  312 10  HOH TIP A . 
C 3 HOH 11  313 11  HOH TIP A . 
C 3 HOH 12  314 12  HOH TIP A . 
C 3 HOH 13  315 13  HOH TIP A . 
C 3 HOH 14  316 14  HOH TIP A . 
C 3 HOH 15  317 15  HOH TIP A . 
C 3 HOH 16  318 16  HOH TIP A . 
C 3 HOH 17  319 17  HOH TIP A . 
C 3 HOH 18  320 18  HOH TIP A . 
C 3 HOH 19  321 19  HOH TIP A . 
C 3 HOH 20  322 20  HOH TIP A . 
C 3 HOH 21  323 21  HOH TIP A . 
C 3 HOH 22  324 22  HOH TIP A . 
C 3 HOH 23  325 23  HOH TIP A . 
C 3 HOH 24  326 24  HOH TIP A . 
C 3 HOH 25  327 25  HOH TIP A . 
C 3 HOH 26  328 26  HOH TIP A . 
C 3 HOH 27  329 27  HOH TIP A . 
C 3 HOH 28  330 28  HOH TIP A . 
C 3 HOH 29  331 29  HOH TIP A . 
C 3 HOH 30  332 30  HOH TIP A . 
C 3 HOH 31  333 31  HOH TIP A . 
C 3 HOH 32  334 32  HOH TIP A . 
C 3 HOH 33  335 33  HOH TIP A . 
C 3 HOH 34  336 34  HOH TIP A . 
C 3 HOH 35  337 35  HOH TIP A . 
C 3 HOH 36  338 36  HOH TIP A . 
C 3 HOH 37  339 37  HOH TIP A . 
C 3 HOH 38  340 38  HOH TIP A . 
C 3 HOH 39  341 39  HOH TIP A . 
C 3 HOH 40  342 40  HOH TIP A . 
C 3 HOH 41  343 41  HOH TIP A . 
C 3 HOH 42  344 42  HOH TIP A . 
C 3 HOH 43  345 43  HOH TIP A . 
C 3 HOH 44  346 44  HOH TIP A . 
C 3 HOH 45  347 45  HOH TIP A . 
C 3 HOH 46  348 46  HOH TIP A . 
C 3 HOH 47  349 47  HOH TIP A . 
C 3 HOH 48  350 48  HOH TIP A . 
C 3 HOH 49  351 49  HOH TIP A . 
C 3 HOH 50  352 50  HOH TIP A . 
C 3 HOH 51  353 51  HOH TIP A . 
C 3 HOH 52  354 52  HOH TIP A . 
C 3 HOH 53  355 53  HOH TIP A . 
C 3 HOH 54  356 54  HOH TIP A . 
C 3 HOH 55  357 55  HOH TIP A . 
C 3 HOH 56  358 56  HOH TIP A . 
C 3 HOH 57  359 57  HOH TIP A . 
C 3 HOH 58  360 58  HOH TIP A . 
C 3 HOH 59  361 59  HOH TIP A . 
C 3 HOH 60  362 60  HOH TIP A . 
C 3 HOH 61  363 61  HOH TIP A . 
C 3 HOH 62  364 62  HOH TIP A . 
C 3 HOH 63  365 63  HOH TIP A . 
C 3 HOH 64  366 64  HOH TIP A . 
C 3 HOH 65  367 65  HOH TIP A . 
C 3 HOH 66  368 66  HOH TIP A . 
C 3 HOH 67  369 67  HOH TIP A . 
C 3 HOH 68  370 68  HOH TIP A . 
C 3 HOH 69  371 69  HOH TIP A . 
C 3 HOH 70  372 70  HOH TIP A . 
C 3 HOH 71  373 71  HOH TIP A . 
C 3 HOH 72  374 72  HOH TIP A . 
C 3 HOH 73  375 73  HOH TIP A . 
C 3 HOH 74  376 74  HOH TIP A . 
C 3 HOH 75  377 75  HOH TIP A . 
C 3 HOH 76  378 76  HOH TIP A . 
C 3 HOH 77  379 77  HOH TIP A . 
C 3 HOH 78  380 78  HOH TIP A . 
C 3 HOH 79  381 79  HOH TIP A . 
C 3 HOH 80  382 80  HOH TIP A . 
C 3 HOH 81  383 81  HOH TIP A . 
C 3 HOH 82  384 82  HOH TIP A . 
C 3 HOH 83  385 83  HOH TIP A . 
C 3 HOH 84  386 84  HOH TIP A . 
C 3 HOH 85  387 85  HOH TIP A . 
C 3 HOH 86  388 86  HOH TIP A . 
C 3 HOH 87  389 87  HOH TIP A . 
C 3 HOH 88  390 88  HOH TIP A . 
C 3 HOH 89  391 89  HOH TIP A . 
C 3 HOH 90  392 90  HOH TIP A . 
C 3 HOH 91  393 91  HOH TIP A . 
C 3 HOH 92  394 92  HOH TIP A . 
C 3 HOH 93  395 93  HOH TIP A . 
C 3 HOH 94  396 94  HOH TIP A . 
C 3 HOH 95  397 95  HOH TIP A . 
C 3 HOH 96  398 96  HOH TIP A . 
C 3 HOH 97  399 97  HOH TIP A . 
C 3 HOH 98  400 98  HOH TIP A . 
C 3 HOH 99  401 99  HOH TIP A . 
C 3 HOH 100 402 100 HOH TIP A . 
C 3 HOH 101 403 101 HOH TIP A . 
C 3 HOH 102 404 102 HOH TIP A . 
C 3 HOH 103 405 103 HOH TIP A . 
C 3 HOH 104 406 104 HOH TIP A . 
C 3 HOH 105 407 105 HOH TIP A . 
C 3 HOH 106 408 106 HOH TIP A . 
C 3 HOH 107 409 107 HOH TIP A . 
C 3 HOH 108 410 108 HOH TIP A . 
C 3 HOH 109 411 109 HOH TIP A . 
C 3 HOH 110 412 110 HOH TIP A . 
C 3 HOH 111 413 111 HOH TIP A . 
C 3 HOH 112 414 112 HOH TIP A . 
C 3 HOH 113 415 113 HOH TIP A . 
C 3 HOH 114 416 114 HOH TIP A . 
C 3 HOH 115 417 115 HOH TIP A . 
C 3 HOH 116 418 116 HOH TIP A . 
C 3 HOH 117 419 117 HOH TIP A . 
C 3 HOH 118 420 118 HOH TIP A . 
C 3 HOH 119 421 119 HOH TIP A . 
C 3 HOH 120 422 120 HOH TIP A . 
C 3 HOH 121 423 121 HOH TIP A . 
C 3 HOH 122 424 122 HOH TIP A . 
C 3 HOH 123 425 123 HOH TIP A . 
C 3 HOH 124 426 124 HOH TIP A . 
C 3 HOH 125 427 125 HOH TIP A . 
C 3 HOH 126 428 126 HOH TIP A . 
C 3 HOH 127 429 127 HOH TIP A . 
C 3 HOH 128 430 128 HOH TIP A . 
C 3 HOH 129 431 129 HOH TIP A . 
C 3 HOH 130 432 130 HOH TIP A . 
C 3 HOH 131 433 131 HOH TIP A . 
C 3 HOH 132 434 132 HOH TIP A . 
C 3 HOH 133 435 133 HOH TIP A . 
C 3 HOH 134 436 134 HOH TIP A . 
C 3 HOH 135 437 135 HOH TIP A . 
C 3 HOH 136 438 136 HOH TIP A . 
C 3 HOH 137 439 137 HOH TIP A . 
C 3 HOH 138 440 138 HOH TIP A . 
C 3 HOH 139 441 139 HOH TIP A . 
C 3 HOH 140 442 140 HOH TIP A . 
C 3 HOH 141 443 141 HOH TIP A . 
C 3 HOH 142 444 142 HOH TIP A . 
C 3 HOH 143 445 143 HOH TIP A . 
C 3 HOH 144 446 144 HOH TIP A . 
C 3 HOH 145 447 145 HOH TIP A . 
C 3 HOH 146 448 146 HOH TIP A . 
C 3 HOH 147 449 147 HOH TIP A . 
C 3 HOH 148 450 148 HOH TIP A . 
C 3 HOH 149 451 149 HOH TIP A . 
C 3 HOH 150 452 150 HOH TIP A . 
C 3 HOH 151 453 151 HOH TIP A . 
C 3 HOH 152 454 152 HOH TIP A . 
C 3 HOH 153 455 153 HOH TIP A . 
C 3 HOH 154 456 154 HOH TIP A . 
C 3 HOH 155 457 155 HOH TIP A . 
C 3 HOH 156 458 156 HOH TIP A . 
C 3 HOH 157 459 157 HOH TIP A . 
C 3 HOH 158 460 158 HOH TIP A . 
C 3 HOH 159 461 159 HOH TIP A . 
C 3 HOH 160 462 160 HOH TIP A . 
C 3 HOH 161 463 161 HOH TIP A . 
C 3 HOH 162 464 162 HOH TIP A . 
C 3 HOH 163 465 163 HOH TIP A . 
C 3 HOH 164 466 164 HOH TIP A . 
C 3 HOH 165 467 165 HOH TIP A . 
C 3 HOH 166 468 166 HOH TIP A . 
C 3 HOH 167 469 167 HOH TIP A . 
C 3 HOH 168 470 168 HOH TIP A . 
C 3 HOH 169 471 169 HOH TIP A . 
C 3 HOH 170 472 170 HOH TIP A . 
C 3 HOH 171 473 171 HOH TIP A . 
C 3 HOH 172 474 172 HOH TIP A . 
C 3 HOH 173 475 173 HOH TIP A . 
C 3 HOH 174 476 174 HOH TIP A . 
C 3 HOH 175 477 175 HOH TIP A . 
C 3 HOH 176 478 176 HOH TIP A . 
C 3 HOH 177 479 177 HOH TIP A . 
C 3 HOH 178 480 178 HOH TIP A . 
C 3 HOH 179 481 179 HOH TIP A . 
C 3 HOH 180 482 180 HOH TIP A . 
C 3 HOH 181 483 181 HOH TIP A . 
C 3 HOH 182 484 182 HOH TIP A . 
C 3 HOH 183 485 183 HOH TIP A . 
C 3 HOH 184 486 184 HOH TIP A . 
C 3 HOH 185 487 185 HOH TIP A . 
C 3 HOH 186 488 186 HOH TIP A . 
C 3 HOH 187 489 187 HOH TIP A . 
C 3 HOH 188 490 188 HOH TIP A . 
C 3 HOH 189 491 189 HOH TIP A . 
C 3 HOH 190 492 190 HOH TIP A . 
C 3 HOH 191 493 191 HOH TIP A . 
C 3 HOH 192 494 192 HOH TIP A . 
C 3 HOH 193 495 193 HOH TIP A . 
C 3 HOH 194 496 194 HOH TIP A . 
C 3 HOH 195 497 195 HOH TIP A . 
C 3 HOH 196 498 196 HOH TIP A . 
C 3 HOH 197 499 197 HOH TIP A . 
C 3 HOH 198 500 198 HOH TIP A . 
C 3 HOH 199 501 199 HOH TIP A . 
C 3 HOH 200 502 200 HOH TIP A . 
C 3 HOH 201 503 201 HOH TIP A . 
C 3 HOH 202 504 202 HOH TIP A . 
C 3 HOH 203 505 203 HOH TIP A . 
C 3 HOH 204 506 204 HOH TIP A . 
C 3 HOH 205 507 205 HOH TIP A . 
C 3 HOH 206 508 206 HOH TIP A . 
C 3 HOH 207 509 207 HOH TIP A . 
C 3 HOH 208 510 208 HOH TIP A . 
C 3 HOH 209 511 209 HOH TIP A . 
C 3 HOH 210 512 210 HOH TIP A . 
C 3 HOH 211 513 211 HOH TIP A . 
C 3 HOH 212 514 212 HOH TIP A . 
C 3 HOH 213 515 213 HOH TIP A . 
C 3 HOH 214 516 214 HOH TIP A . 
C 3 HOH 215 517 215 HOH TIP A . 
C 3 HOH 216 518 216 HOH TIP A . 
C 3 HOH 217 519 217 HOH TIP A . 
C 3 HOH 218 520 218 HOH TIP A . 
C 3 HOH 219 521 219 HOH TIP A . 
C 3 HOH 220 522 220 HOH TIP A . 
C 3 HOH 221 523 221 HOH TIP A . 
C 3 HOH 222 524 222 HOH TIP A . 
C 3 HOH 223 525 223 HOH TIP A . 
C 3 HOH 224 526 224 HOH TIP A . 
C 3 HOH 225 527 225 HOH TIP A . 
C 3 HOH 226 528 226 HOH TIP A . 
C 3 HOH 227 529 227 HOH TIP A . 
C 3 HOH 228 530 228 HOH TIP A . 
C 3 HOH 229 531 229 HOH TIP A . 
C 3 HOH 230 532 230 HOH TIP A . 
C 3 HOH 231 533 231 HOH TIP A . 
C 3 HOH 232 534 232 HOH TIP A . 
C 3 HOH 233 535 233 HOH TIP A . 
C 3 HOH 234 536 234 HOH TIP A . 
C 3 HOH 235 537 235 HOH TIP A . 
C 3 HOH 236 538 236 HOH TIP A . 
C 3 HOH 237 539 237 HOH TIP A . 
C 3 HOH 238 540 238 HOH TIP A . 
C 3 HOH 239 541 239 HOH TIP A . 
C 3 HOH 240 542 240 HOH TIP A . 
C 3 HOH 241 543 241 HOH TIP A . 
C 3 HOH 242 544 242 HOH TIP A . 
C 3 HOH 243 545 243 HOH TIP A . 
C 3 HOH 244 546 244 HOH TIP A . 
C 3 HOH 245 547 245 HOH TIP A . 
# 
loop_
_software.name 
_software.version 
_software.date 
_software.type 
_software.contact_author 
_software.contact_author_email 
_software.classification 
_software.location 
_software.language 
_software.citation_id 
_software.pdbx_ordinal 
DENZO       .     ?               package 'Zbyszek Otwinowski' zbyszek@mix.swmed.edu    'data reduction'  
http://www.lnls.br/infra/linhasluz/denzo-hkl.htm      ?          ? 1 
SCALEPACK   .     ?               package 'Zbyszek Otwinowski' zbyszek@mix.swmed.edu    'data scaling'    
http://www.lnls.br/infra/linhasluz/denzo-hkl.htm      ?          ? 2 
EPMR        2.5   'Sep 13 2000'   program 'Charles R'          crk@agouron.com          phasing           
http://www.msg.ucsf.edu/local/programs/epmr/epmr.html ?          ? 3 
CNS         .     ?               package 'Axel T. Brunger'    axel.brunger@yale.edu    refinement        
http://cns.csb.yale.edu/v1.1/                         Fortran_77 ? 4 
PDB_EXTRACT 1.700 'May. 30, 2005' package PDB                  sw-help@rcsb.rutgers.edu 'data extraction' 
http://pdb.rutgers.edu/software/                      C++        ? 5 
# 
_cell.length_a           33.585 
_cell.length_b           68.264 
_cell.length_c           137.794 
_cell.angle_alpha        90 
_cell.angle_beta         90 
_cell.angle_gamma        90 
_cell.entry_id           2ALF 
_cell.pdbx_unique_axis   ? 
_cell.Z_PDB              8 
# 
_symmetry.space_group_name_H-M             'C 2 2 21' 
_symmetry.entry_id                         2ALF 
_symmetry.pdbx_full_space_group_name_H-M   ? 
_symmetry.Int_Tables_number                20 
_symmetry.cell_setting                     ? 
_symmetry.space_group_name_Hall            ? 
# 
_exptl.entry_id          2ALF 
_exptl.crystals_number   1 
_exptl.method            'X-RAY DIFFRACTION' 
# 
_exptl_crystal.id                    1 
_exptl_crystal.density_Matthews      2.196073 
_exptl_crystal.density_meas          ? 
_exptl_crystal.density_percent_sol   43.55156 
_exptl_crystal.description           ? 
_exptl_crystal.F_000                 ? 
_exptl_crystal.preparation           ? 
# 
_exptl_crystal_grow.crystal_id      1 
_exptl_crystal_grow.method          EVAPORATION 
_exptl_crystal_grow.pH              8.5 
_exptl_crystal_grow.temp            277 
_exptl_crystal_grow.temp_details    ? 
_exptl_crystal_grow.pdbx_details    
'Tris Hydrochloride, Polyethylene Glycol 8000, magnesium chloride, pH 8.5, EVAPORATION, temperature 277K' 
_exptl_crystal_grow.pdbx_pH_range   . 
# 
_diffrn.id                     1 
_diffrn.ambient_temp           100 
_diffrn.ambient_temp_details   ? 
_diffrn.crystal_id             1 
# 
_diffrn_detector.diffrn_id              1 
_diffrn_detector.detector               CCD 
_diffrn_detector.type                   'MAR CCD 165 mm' 
_diffrn_detector.pdbx_collection_date   2004-01-01 
_diffrn_detector.details                ? 
# 
_diffrn_radiation.diffrn_id                        1 
_diffrn_radiation.wavelength_id                    1 
_diffrn_radiation.pdbx_diffrn_protocol             'SINGLE WAVELENGTH' 
_diffrn_radiation.monochromator                    ? 
_diffrn_radiation.pdbx_monochromatic_or_laue_m_l   M 
_diffrn_radiation.pdbx_scattering_type             x-ray 
# 
_diffrn_radiation_wavelength.id           1 
_diffrn_radiation_wavelength.wavelength   0.9801 
_diffrn_radiation_wavelength.wt           1.0 
# 
_diffrn_source.diffrn_id                   1 
_diffrn_source.source                      SYNCHROTRON 
_diffrn_source.type                        'BSRF BEAMLINE 3W1A' 
_diffrn_source.pdbx_wavelength             ? 
_diffrn_source.pdbx_wavelength_list        0.9801 
_diffrn_source.pdbx_synchrotron_site       BSRF 
_diffrn_source.pdbx_synchrotron_beamline   3W1A 
# 
_reflns.entry_id                     2ALF 
_reflns.d_resolution_low             30 
_reflns.d_resolution_high            1.90 
_reflns.number_obs                   12379 
_reflns.percent_possible_obs         95.700 
_reflns.pdbx_Rmerge_I_obs            0.13 
_reflns.pdbx_chi_squared             1.158 
_reflns.pdbx_redundancy              ? 
_reflns.pdbx_scaling_rejects         ? 
_reflns.pdbx_netI_over_sigmaI        ? 
_reflns.pdbx_Rsym_value              ? 
_reflns.observed_criterion_sigma_F   ? 
_reflns.observed_criterion_sigma_I   ? 
_reflns.number_all                   12936 
_reflns.B_iso_Wilson_estimate        ? 
_reflns.R_free_details               ? 
_reflns.limit_h_max                  ? 
_reflns.limit_h_min                  ? 
_reflns.limit_k_max                  ? 
_reflns.limit_k_min                  ? 
_reflns.limit_l_max                  ? 
_reflns.limit_l_min                  ? 
_reflns.observed_criterion_F_max     ? 
_reflns.observed_criterion_F_min     ? 
_reflns.pdbx_diffrn_id               1 
_reflns.pdbx_ordinal                 1 
# 
_reflns_shell.d_res_low              1.97 
_reflns_shell.d_res_high             1.90 
_reflns_shell.number_measured_obs    1132 
_reflns_shell.percent_possible_obs   91.300 
_reflns_shell.Rmerge_I_obs           0.321 
_reflns_shell.pdbx_chi_squared       0.791 
_reflns_shell.pdbx_redundancy        ? 
_reflns_shell.number_unique_obs      ? 
_reflns_shell.meanI_over_sigI_obs    ? 
_reflns_shell.pdbx_Rsym_value        ? 
_reflns_shell.percent_possible_all   ? 
_reflns_shell.number_unique_all      ? 
_reflns_shell.number_measured_all    ? 
_reflns_shell.pdbx_diffrn_id         ? 
_reflns_shell.pdbx_ordinal           1 
# 
_refine.B_iso_mean                               16.879 
_refine.entry_id                                 2ALF 
_refine.ls_d_res_high                            1.9 
_refine.ls_d_res_low                             24.00 
_refine.pdbx_ls_sigma_F                          ? 
_refine.pdbx_ls_sigma_I                          ? 
_refine.ls_number_reflns_all                     12370 
_refine.ls_number_reflns_obs                     11819 
_refine.ls_number_reflns_R_free                  ? 
_refine.ls_percent_reflns_obs                    ? 
_refine.ls_R_factor_all                          ? 
_refine.ls_R_factor_obs                          ? 
_refine.ls_R_factor_R_work                       0.193 
_refine.ls_R_factor_R_free                       0.226 
_refine.ls_redundancy_reflns_obs                 ? 
_refine.pdbx_data_cutoff_high_absF               ? 
_refine.pdbx_data_cutoff_low_absF                ? 
_refine.ls_number_parameters                     ? 
_refine.ls_number_restraints                     ? 
_refine.ls_percent_reflns_R_free                 ? 
_refine.ls_R_factor_R_free_error                 ? 
_refine.ls_R_factor_R_free_error_details         ? 
_refine.pdbx_method_to_determine_struct          'MOLECULAR REPLACEMENT' 
_refine.pdbx_starting_model                      ? 
_refine.pdbx_ls_cross_valid_method               ? 
_refine.pdbx_R_Free_selection_details            ? 
_refine.pdbx_stereochem_target_val_spec_case     ? 
_refine.pdbx_stereochemistry_target_values       'Engh & Huber' 
_refine.solvent_model_details                    ? 
_refine.solvent_model_param_bsol                 ? 
_refine.solvent_model_param_ksol                 ? 
_refine.occupancy_max                            ? 
_refine.occupancy_min                            ? 
_refine.pdbx_isotropic_thermal_model             ? 
_refine.aniso_B[1][1]                            ? 
_refine.aniso_B[1][2]                            ? 
_refine.aniso_B[1][3]                            ? 
_refine.aniso_B[2][2]                            ? 
_refine.aniso_B[2][3]                            ? 
_refine.aniso_B[3][3]                            ? 
_refine.details                                  ? 
_refine.B_iso_min                                ? 
_refine.B_iso_max                                ? 
_refine.correlation_coeff_Fo_to_Fc               ? 
_refine.correlation_coeff_Fo_to_Fc_free          ? 
_refine.pdbx_solvent_vdw_probe_radii             ? 
_refine.pdbx_solvent_ion_probe_radii             ? 
_refine.pdbx_solvent_shrinkage_radii             ? 
_refine.overall_SU_R_Cruickshank_DPI             ? 
_refine.overall_SU_R_free                        ? 
_refine.overall_SU_ML                            ? 
_refine.overall_SU_B                             ? 
_refine.pdbx_overall_ESU_R_Free                  ? 
_refine.pdbx_data_cutoff_high_rms_absF           ? 
_refine.pdbx_overall_ESU_R                       ? 
_refine.ls_wR_factor_R_free                      ? 
_refine.ls_wR_factor_R_work                      ? 
_refine.overall_FOM_free_R_set                   ? 
_refine.overall_FOM_work_R_set                   ? 
_refine.pdbx_refine_id                           'X-RAY DIFFRACTION' 
_refine.pdbx_diffrn_id                           1 
_refine.pdbx_TLS_residual_ADP_flag               ? 
_refine.pdbx_overall_phase_error                 ? 
_refine.pdbx_overall_SU_R_free_Cruickshank_DPI   ? 
_refine.pdbx_overall_SU_R_Blow_DPI               ? 
_refine.pdbx_overall_SU_R_free_Blow_DPI          ? 
# 
_refine_hist.pdbx_refine_id                   'X-RAY DIFFRACTION' 
_refine_hist.cycle_id                         LAST 
_refine_hist.pdbx_number_atoms_protein        1254 
_refine_hist.pdbx_number_atoms_nucleic_acid   0 
_refine_hist.pdbx_number_atoms_ligand         1 
_refine_hist.number_atoms_solvent             245 
_refine_hist.number_atoms_total               1500 
_refine_hist.d_res_high                       1.9 
_refine_hist.d_res_low                        24.00 
# 
_struct.entry_id                  2ALF 
_struct.title                     'crystal structure of human CypA mutant K131A' 
_struct.pdbx_model_details        ? 
_struct.pdbx_CASP_flag            ? 
_struct.pdbx_model_type_details   ? 
# 
_struct_keywords.entry_id        2ALF 
_struct_keywords.pdbx_keywords   ISOMERASE 
_struct_keywords.text            isomerase 
# 
loop_
_struct_asym.id 
_struct_asym.pdbx_blank_PDB_chainid_flag 
_struct_asym.pdbx_modified 
_struct_asym.entity_id 
_struct_asym.details 
A N N 1 ? 
B N N 2 ? 
C N N 3 ? 
# 
_struct_ref.id                         1 
_struct_ref.db_name                    UNP 
_struct_ref.db_code                    PPIA_HUMAN 
_struct_ref.pdbx_db_accession          P62937 
_struct_ref.entity_id                  1 
_struct_ref.pdbx_seq_one_letter_code   
;VNPTVFFDIAVDGEPLGRVSFELFADKVPKTAENFRALSTGEKGFGYKGSCFHRIIPGFMCQGGDFTRHNGTGGKSIYGE
KFEDENFILKHTGPGILSMANAGPNTNGSQFFICTAKTEWLDGKHVVFGKVKEGMNIVEAMERFGSRNGKTSKKITIADC
GQLE
;
_struct_ref.pdbx_align_begin           1 
_struct_ref.pdbx_db_isoform            ? 
# 
_struct_ref_seq.align_id                      1 
_struct_ref_seq.ref_id                        1 
_struct_ref_seq.pdbx_PDB_id_code              2ALF 
_struct_ref_seq.pdbx_strand_id                A 
_struct_ref_seq.seq_align_beg                 1 
_struct_ref_seq.pdbx_seq_align_beg_ins_code   ? 
_struct_ref_seq.seq_align_end                 164 
_struct_ref_seq.pdbx_seq_align_end_ins_code   ? 
_struct_ref_seq.pdbx_db_accession             P62937 
_struct_ref_seq.db_align_beg                  1 
_struct_ref_seq.pdbx_db_align_beg_ins_code    ? 
_struct_ref_seq.db_align_end                  164 
_struct_ref_seq.pdbx_db_align_end_ins_code    ? 
_struct_ref_seq.pdbx_auth_seq_align_beg       2 
_struct_ref_seq.pdbx_auth_seq_align_end       165 
# 
loop_
_struct_ref_seq_dif.align_id 
_struct_ref_seq_dif.pdbx_pdb_id_code 
_struct_ref_seq_dif.mon_id 
_struct_ref_seq_dif.pdbx_pdb_strand_id 
_struct_ref_seq_dif.seq_num 
_struct_ref_seq_dif.pdbx_pdb_ins_code 
_struct_ref_seq_dif.pdbx_seq_db_name 
_struct_ref_seq_dif.pdbx_seq_db_accession_code 
_struct_ref_seq_dif.db_mon_id 
_struct_ref_seq_dif.pdbx_seq_db_seq_num 
_struct_ref_seq_dif.details 
_struct_ref_seq_dif.pdbx_auth_seq_num 
_struct_ref_seq_dif.pdbx_ordinal 
1 2ALF LYS A 119 ? UNP P62937 GLU 119 conflict              120 1 
1 2ALF ALA A 130 ? UNP P62937 LYS 130 'engineered mutation' 131 2 
# 
_pdbx_struct_assembly.id                   1 
_pdbx_struct_assembly.details              author_defined_assembly 
_pdbx_struct_assembly.method_details       ? 
_pdbx_struct_assembly.oligomeric_details   monomeric 
_pdbx_struct_assembly.oligomeric_count     1 
# 
_pdbx_struct_assembly_gen.assembly_id       1 
_pdbx_struct_assembly_gen.oper_expression   1 
_pdbx_struct_assembly_gen.asym_id_list      A,B,C 
# 
_pdbx_struct_oper_list.id                   1 
_pdbx_struct_oper_list.type                 'identity operation' 
_pdbx_struct_oper_list.name                 1_555 
_pdbx_struct_oper_list.symmetry_operation   x,y,z 
_pdbx_struct_oper_list.matrix[1][1]         1.0000000000 
_pdbx_struct_oper_list.matrix[1][2]         0.0000000000 
_pdbx_struct_oper_list.matrix[1][3]         0.0000000000 
_pdbx_struct_oper_list.vector[1]            0.0000000000 
_pdbx_struct_oper_list.matrix[2][1]         0.0000000000 
_pdbx_struct_oper_list.matrix[2][2]         1.0000000000 
_pdbx_struct_oper_list.matrix[2][3]         0.0000000000 
_pdbx_struct_oper_list.vector[2]            0.0000000000 
_pdbx_struct_oper_list.matrix[3][1]         0.0000000000 
_pdbx_struct_oper_list.matrix[3][2]         0.0000000000 
_pdbx_struct_oper_list.matrix[3][3]         1.0000000000 
_pdbx_struct_oper_list.vector[3]            0.0000000000 
# 
_struct_biol.id                    1 
_struct_biol.pdbx_parent_biol_id   ? 
_struct_biol.details               ? 
# 
loop_
_struct_conf.conf_type_id 
_struct_conf.id 
_struct_conf.pdbx_PDB_helix_id 
_struct_conf.beg_label_comp_id 
_struct_conf.beg_label_asym_id 
_struct_conf.beg_label_seq_id 
_struct_conf.pdbx_beg_PDB_ins_code 
_struct_conf.end_label_comp_id 
_struct_conf.end_label_asym_id 
_struct_conf.end_label_seq_id 
_struct_conf.pdbx_end_PDB_ins_code 
_struct_conf.beg_auth_comp_id 
_struct_conf.beg_auth_asym_id 
_struct_conf.beg_auth_seq_id 
_struct_conf.end_auth_comp_id 
_struct_conf.end_auth_asym_id 
_struct_conf.end_auth_seq_id 
_struct_conf.pdbx_PDB_helix_class 
_struct_conf.details 
_struct_conf.pdbx_PDB_helix_length 
HELX_P HELX_P1 1 VAL A 28  ? GLY A 41  ? VAL A 29  GLY A 42  1 ? 14 
HELX_P HELX_P2 2 THR A 118 ? ASP A 122 ? THR A 119 ASP A 123 5 ? 5  
HELX_P HELX_P3 3 GLY A 134 ? ARG A 143 ? GLY A 135 ARG A 144 1 ? 10 
# 
_struct_conf_type.id          HELX_P 
_struct_conf_type.criteria    ? 
_struct_conf_type.reference   ? 
# 
loop_
_struct_conn.id 
_struct_conn.conn_type_id 
_struct_conn.pdbx_leaving_atom_flag 
_struct_conn.pdbx_PDB_id 
_struct_conn.ptnr1_label_asym_id 
_struct_conn.ptnr1_label_comp_id 
_struct_conn.ptnr1_label_seq_id 
_struct_conn.ptnr1_label_atom_id 
_struct_conn.pdbx_ptnr1_label_alt_id 
_struct_conn.pdbx_ptnr1_PDB_ins_code 
_struct_conn.pdbx_ptnr1_standard_comp_id 
_struct_conn.ptnr1_symmetry 
_struct_conn.ptnr2_label_asym_id 
_struct_conn.ptnr2_label_comp_id 
_struct_conn.ptnr2_label_seq_id 
_struct_conn.ptnr2_label_atom_id 
_struct_conn.pdbx_ptnr2_label_alt_id 
_struct_conn.pdbx_ptnr2_PDB_ins_code 
_struct_conn.ptnr1_auth_asym_id 
_struct_conn.ptnr1_auth_comp_id 
_struct_conn.ptnr1_auth_seq_id 
_struct_conn.ptnr2_auth_asym_id 
_struct_conn.ptnr2_auth_comp_id 
_struct_conn.ptnr2_auth_seq_id 
_struct_conn.ptnr2_symmetry 
_struct_conn.pdbx_ptnr3_label_atom_id 
_struct_conn.pdbx_ptnr3_label_seq_id 
_struct_conn.pdbx_ptnr3_label_comp_id 
_struct_conn.pdbx_ptnr3_label_asym_id 
_struct_conn.pdbx_ptnr3_label_alt_id 
_struct_conn.pdbx_ptnr3_PDB_ins_code 
_struct_conn.details 
_struct_conn.pdbx_dist_value 
_struct_conn.pdbx_value_order 
_struct_conn.pdbx_role 
metalc1 metalc ? ? A THR 31 OG1 ? ? ? 1_555 B MG . MG ? ? A THR 32 A MG 302 1_555 ? ? ? ? ? ? ? 2.636 ? ? 
metalc2 metalc ? ? A GLU 85 N   ? ? ? 1_555 B MG . MG ? ? A GLU 86 A MG 302 1_555 ? ? ? ? ? ? ? 2.916 ? ? 
# 
_struct_conn_type.id          metalc 
_struct_conn_type.criteria    ? 
_struct_conn_type.reference   ? 
# 
_pdbx_struct_conn_angle.id                    1 
_pdbx_struct_conn_angle.ptnr1_label_atom_id   OG1 
_pdbx_struct_conn_angle.ptnr1_label_alt_id    ? 
_pdbx_struct_conn_angle.ptnr1_label_asym_id   A 
_pdbx_struct_conn_angle.ptnr1_label_comp_id   THR 
_pdbx_struct_conn_angle.ptnr1_label_seq_id    31 
_pdbx_struct_conn_angle.ptnr1_auth_atom_id    ? 
_pdbx_struct_conn_angle.ptnr1_auth_asym_id    A 
_pdbx_struct_conn_angle.ptnr1_auth_comp_id    THR 
_pdbx_struct_conn_angle.ptnr1_auth_seq_id     32 
_pdbx_struct_conn_angle.ptnr1_PDB_ins_code    ? 
_pdbx_struct_conn_angle.ptnr1_symmetry        1_555 
_pdbx_struct_conn_angle.ptnr2_label_atom_id   MG 
_pdbx_struct_conn_angle.ptnr2_label_alt_id    ? 
_pdbx_struct_conn_angle.ptnr2_label_asym_id   B 
_pdbx_struct_conn_angle.ptnr2_label_comp_id   MG 
_pdbx_struct_conn_angle.ptnr2_label_seq_id    . 
_pdbx_struct_conn_angle.ptnr2_auth_atom_id    ? 
_pdbx_struct_conn_angle.ptnr2_auth_asym_id    A 
_pdbx_struct_conn_angle.ptnr2_auth_comp_id    MG 
_pdbx_struct_conn_angle.ptnr2_auth_seq_id     302 
_pdbx_struct_conn_angle.ptnr2_PDB_ins_code    ? 
_pdbx_struct_conn_angle.ptnr2_symmetry        1_555 
_pdbx_struct_conn_angle.ptnr3_label_atom_id   N 
_pdbx_struct_conn_angle.ptnr3_label_alt_id    ? 
_pdbx_struct_conn_angle.ptnr3_label_asym_id   A 
_pdbx_struct_conn_angle.ptnr3_label_comp_id   GLU 
_pdbx_struct_conn_angle.ptnr3_label_seq_id    85 
_pdbx_struct_conn_angle.ptnr3_auth_atom_id    ? 
_pdbx_struct_conn_angle.ptnr3_auth_asym_id    A 
_pdbx_struct_conn_angle.ptnr3_auth_comp_id    GLU 
_pdbx_struct_conn_angle.ptnr3_auth_seq_id     86 
_pdbx_struct_conn_angle.ptnr3_PDB_ins_code    ? 
_pdbx_struct_conn_angle.ptnr3_symmetry        1_555 
_pdbx_struct_conn_angle.value                 114.2 
_pdbx_struct_conn_angle.value_esd             ? 
# 
_struct_sheet.id               A 
_struct_sheet.type             ? 
_struct_sheet.number_strands   8 
_struct_sheet.details          ? 
# 
loop_
_struct_sheet_order.sheet_id 
_struct_sheet_order.range_id_1 
_struct_sheet_order.range_id_2 
_struct_sheet_order.offset 
_struct_sheet_order.sense 
A 1 2 ? anti-parallel 
A 2 3 ? anti-parallel 
A 3 4 ? anti-parallel 
A 4 5 ? anti-parallel 
A 5 6 ? anti-parallel 
A 6 7 ? anti-parallel 
A 7 8 ? anti-parallel 
# 
loop_
_struct_sheet_range.sheet_id 
_struct_sheet_range.id 
_struct_sheet_range.beg_label_comp_id 
_struct_sheet_range.beg_label_asym_id 
_struct_sheet_range.beg_label_seq_id 
_struct_sheet_range.pdbx_beg_PDB_ins_code 
_struct_sheet_range.end_label_comp_id 
_struct_sheet_range.end_label_asym_id 
_struct_sheet_range.end_label_seq_id 
_struct_sheet_range.pdbx_end_PDB_ins_code 
_struct_sheet_range.beg_auth_comp_id 
_struct_sheet_range.beg_auth_asym_id 
_struct_sheet_range.beg_auth_seq_id 
_struct_sheet_range.end_auth_comp_id 
_struct_sheet_range.end_auth_asym_id 
_struct_sheet_range.end_auth_seq_id 
A 1 ARG A 54  ? ILE A 56  ? ARG A 55  ILE A 57  
A 2 MET A 60  ? GLY A 63  ? MET A 61  GLY A 64  
A 3 PHE A 111 ? CYS A 114 ? PHE A 112 CYS A 115 
A 4 ILE A 96  ? MET A 99  ? ILE A 97  MET A 100 
A 5 VAL A 127 ? GLU A 133 ? VAL A 128 GLU A 134 
A 6 GLU A 14  ? LEU A 23  ? GLU A 15  LEU A 24  
A 7 THR A 4   ? VAL A 11  ? THR A 5   VAL A 12  
A 8 ILE A 155 ? LEU A 163 ? ILE A 156 LEU A 164 
# 
loop_
_pdbx_struct_sheet_hbond.sheet_id 
_pdbx_struct_sheet_hbond.range_id_1 
_pdbx_struct_sheet_hbond.range_id_2 
_pdbx_struct_sheet_hbond.range_1_label_atom_id 
_pdbx_struct_sheet_hbond.range_1_label_comp_id 
_pdbx_struct_sheet_hbond.range_1_label_asym_id 
_pdbx_struct_sheet_hbond.range_1_label_seq_id 
_pdbx_struct_sheet_hbond.range_1_PDB_ins_code 
_pdbx_struct_sheet_hbond.range_1_auth_atom_id 
_pdbx_struct_sheet_hbond.range_1_auth_comp_id 
_pdbx_struct_sheet_hbond.range_1_auth_asym_id 
_pdbx_struct_sheet_hbond.range_1_auth_seq_id 
_pdbx_struct_sheet_hbond.range_2_label_atom_id 
_pdbx_struct_sheet_hbond.range_2_label_comp_id 
_pdbx_struct_sheet_hbond.range_2_label_asym_id 
_pdbx_struct_sheet_hbond.range_2_label_seq_id 
_pdbx_struct_sheet_hbond.range_2_PDB_ins_code 
_pdbx_struct_sheet_hbond.range_2_auth_atom_id 
_pdbx_struct_sheet_hbond.range_2_auth_comp_id 
_pdbx_struct_sheet_hbond.range_2_auth_asym_id 
_pdbx_struct_sheet_hbond.range_2_auth_seq_id 
A 1 2 N ARG A 54  ? N ARG A 55  O GLN A 62  ? O GLN A 63  
A 2 3 N CYS A 61  ? N CYS A 62  O ILE A 113 ? O ILE A 114 
A 3 4 O CYS A 114 ? O CYS A 115 N ILE A 96  ? N ILE A 97  
A 4 5 N LEU A 97  ? N LEU A 98  O GLY A 129 ? O GLY A 130 
A 5 6 O LYS A 132 ? O LYS A 133 N SER A 20  ? N SER A 21  
A 6 7 O LEU A 16  ? O LEU A 17  N ILE A 9   ? N ILE A 10  
A 7 8 N THR A 4   ? N THR A 5   O LEU A 163 ? O LEU A 164 
# 
_struct_site.id                   AC1 
_struct_site.pdbx_evidence_code   Software 
_struct_site.pdbx_auth_asym_id    A 
_struct_site.pdbx_auth_comp_id    MG 
_struct_site.pdbx_auth_seq_id     302 
_struct_site.pdbx_auth_ins_code   ? 
_struct_site.pdbx_num_residues    6 
_struct_site.details              'BINDING SITE FOR RESIDUE MG A 302' 
# 
loop_
_struct_site_gen.id 
_struct_site_gen.site_id 
_struct_site_gen.pdbx_num_res 
_struct_site_gen.label_comp_id 
_struct_site_gen.label_asym_id 
_struct_site_gen.label_seq_id 
_struct_site_gen.pdbx_auth_ins_code 
_struct_site_gen.auth_comp_id 
_struct_site_gen.auth_asym_id 
_struct_site_gen.auth_seq_id 
_struct_site_gen.label_atom_id 
_struct_site_gen.label_alt_id 
_struct_site_gen.symmetry 
_struct_site_gen.details 
1 AC1 6 THR A 31  ? THR A 32  . ? 1_555 ? 
2 AC1 6 GLU A 83  ? GLU A 84  . ? 1_555 ? 
3 AC1 6 ASP A 84  ? ASP A 85  . ? 1_555 ? 
4 AC1 6 GLU A 85  ? GLU A 86  . ? 1_555 ? 
5 AC1 6 ASN A 107 ? ASN A 108 . ? 1_555 ? 
6 AC1 6 VAL A 126 ? VAL A 127 . ? 1_555 ? 
# 
loop_
_pdbx_validate_close_contact.id 
_pdbx_validate_close_contact.PDB_model_num 
_pdbx_validate_close_contact.auth_atom_id_1 
_pdbx_validate_close_contact.auth_asym_id_1 
_pdbx_validate_close_contact.auth_comp_id_1 
_pdbx_validate_close_contact.auth_seq_id_1 
_pdbx_validate_close_contact.PDB_ins_code_1 
_pdbx_validate_close_contact.label_alt_id_1 
_pdbx_validate_close_contact.auth_atom_id_2 
_pdbx_validate_close_contact.auth_asym_id_2 
_pdbx_validate_close_contact.auth_comp_id_2 
_pdbx_validate_close_contact.auth_seq_id_2 
_pdbx_validate_close_contact.PDB_ins_code_2 
_pdbx_validate_close_contact.label_alt_id_2 
_pdbx_validate_close_contact.dist 
1 1 MG A MG  302 ? ? O A HOH 303 ? ? 0.34 
2 1 O  A GLU 23  ? ? O A HOH 522 ? ? 2.19 
# 
loop_
_pdbx_validate_torsion.id 
_pdbx_validate_torsion.PDB_model_num 
_pdbx_validate_torsion.auth_comp_id 
_pdbx_validate_torsion.auth_asym_id 
_pdbx_validate_torsion.auth_seq_id 
_pdbx_validate_torsion.PDB_ins_code 
_pdbx_validate_torsion.label_alt_id 
_pdbx_validate_torsion.phi 
_pdbx_validate_torsion.psi 
1 1 PHE A 60 ? ? -126.36 -74.79 
2 1 ASN A 87 ? ? 176.84  171.85 
# 
_pdbx_phasing_MR.entry_id                     2ALF 
_pdbx_phasing_MR.method_rotation              ? 
_pdbx_phasing_MR.method_translation           ? 
_pdbx_phasing_MR.model_details                ? 
_pdbx_phasing_MR.R_factor                     0.385 
_pdbx_phasing_MR.R_rigid_body                 ? 
_pdbx_phasing_MR.correlation_coeff_Fo_to_Fc   0.660 
_pdbx_phasing_MR.correlation_coeff_Io_to_Ic   ? 
_pdbx_phasing_MR.d_res_high_rotation          ? 
_pdbx_phasing_MR.d_res_low_rotation           ? 
_pdbx_phasing_MR.d_res_high_translation       4.000 
_pdbx_phasing_MR.d_res_low_translation        15.000 
_pdbx_phasing_MR.packing                      ? 
_pdbx_phasing_MR.reflns_percent_rotation      ? 
_pdbx_phasing_MR.reflns_percent_translation   ? 
_pdbx_phasing_MR.sigma_F_rotation             ? 
_pdbx_phasing_MR.sigma_F_translation          ? 
_pdbx_phasing_MR.sigma_I_rotation             ? 
_pdbx_phasing_MR.sigma_I_translation          ? 
# 
loop_
_chem_comp_atom.comp_id 
_chem_comp_atom.atom_id 
_chem_comp_atom.type_symbol 
_chem_comp_atom.pdbx_aromatic_flag 
_chem_comp_atom.pdbx_stereo_config 
_chem_comp_atom.pdbx_ordinal 
ALA N    N  N N 1   
ALA CA   C  N S 2   
ALA C    C  N N 3   
ALA O    O  N N 4   
ALA CB   C  N N 5   
ALA OXT  O  N N 6   
ALA H    H  N N 7   
ALA H2   H  N N 8   
ALA HA   H  N N 9   
ALA HB1  H  N N 10  
ALA HB2  H  N N 11  
ALA HB3  H  N N 12  
ALA HXT  H  N N 13  
ARG N    N  N N 14  
ARG CA   C  N S 15  
ARG C    C  N N 16  
ARG O    O  N N 17  
ARG CB   C  N N 18  
ARG CG   C  N N 19  
ARG CD   C  N N 20  
ARG NE   N  N N 21  
ARG CZ   C  N N 22  
ARG NH1  N  N N 23  
ARG NH2  N  N N 24  
ARG OXT  O  N N 25  
ARG H    H  N N 26  
ARG H2   H  N N 27  
ARG HA   H  N N 28  
ARG HB2  H  N N 29  
ARG HB3  H  N N 30  
ARG HG2  H  N N 31  
ARG HG3  H  N N 32  
ARG HD2  H  N N 33  
ARG HD3  H  N N 34  
ARG HE   H  N N 35  
ARG HH11 H  N N 36  
ARG HH12 H  N N 37  
ARG HH21 H  N N 38  
ARG HH22 H  N N 39  
ARG HXT  H  N N 40  
ASN N    N  N N 41  
ASN CA   C  N S 42  
ASN C    C  N N 43  
ASN O    O  N N 44  
ASN CB   C  N N 45  
ASN CG   C  N N 46  
ASN OD1  O  N N 47  
ASN ND2  N  N N 48  
ASN OXT  O  N N 49  
ASN H    H  N N 50  
ASN H2   H  N N 51  
ASN HA   H  N N 52  
ASN HB2  H  N N 53  
ASN HB3  H  N N 54  
ASN HD21 H  N N 55  
ASN HD22 H  N N 56  
ASN HXT  H  N N 57  
ASP N    N  N N 58  
ASP CA   C  N S 59  
ASP C    C  N N 60  
ASP O    O  N N 61  
ASP CB   C  N N 62  
ASP CG   C  N N 63  
ASP OD1  O  N N 64  
ASP OD2  O  N N 65  
ASP OXT  O  N N 66  
ASP H    H  N N 67  
ASP H2   H  N N 68  
ASP HA   H  N N 69  
ASP HB2  H  N N 70  
ASP HB3  H  N N 71  
ASP HD2  H  N N 72  
ASP HXT  H  N N 73  
CYS N    N  N N 74  
CYS CA   C  N R 75  
CYS C    C  N N 76  
CYS O    O  N N 77  
CYS CB   C  N N 78  
CYS SG   S  N N 79  
CYS OXT  O  N N 80  
CYS H    H  N N 81  
CYS H2   H  N N 82  
CYS HA   H  N N 83  
CYS HB2  H  N N 84  
CYS HB3  H  N N 85  
CYS HG   H  N N 86  
CYS HXT  H  N N 87  
GLN N    N  N N 88  
GLN CA   C  N S 89  
GLN C    C  N N 90  
GLN O    O  N N 91  
GLN CB   C  N N 92  
GLN CG   C  N N 93  
GLN CD   C  N N 94  
GLN OE1  O  N N 95  
GLN NE2  N  N N 96  
GLN OXT  O  N N 97  
GLN H    H  N N 98  
GLN H2   H  N N 99  
GLN HA   H  N N 100 
GLN HB2  H  N N 101 
GLN HB3  H  N N 102 
GLN HG2  H  N N 103 
GLN HG3  H  N N 104 
GLN HE21 H  N N 105 
GLN HE22 H  N N 106 
GLN HXT  H  N N 107 
GLU N    N  N N 108 
GLU CA   C  N S 109 
GLU C    C  N N 110 
GLU O    O  N N 111 
GLU CB   C  N N 112 
GLU CG   C  N N 113 
GLU CD   C  N N 114 
GLU OE1  O  N N 115 
GLU OE2  O  N N 116 
GLU OXT  O  N N 117 
GLU H    H  N N 118 
GLU H2   H  N N 119 
GLU HA   H  N N 120 
GLU HB2  H  N N 121 
GLU HB3  H  N N 122 
GLU HG2  H  N N 123 
GLU HG3  H  N N 124 
GLU HE2  H  N N 125 
GLU HXT  H  N N 126 
GLY N    N  N N 127 
GLY CA   C  N N 128 
GLY C    C  N N 129 
GLY O    O  N N 130 
GLY OXT  O  N N 131 
GLY H    H  N N 132 
GLY H2   H  N N 133 
GLY HA2  H  N N 134 
GLY HA3  H  N N 135 
GLY HXT  H  N N 136 
HIS N    N  N N 137 
HIS CA   C  N S 138 
HIS C    C  N N 139 
HIS O    O  N N 140 
HIS CB   C  N N 141 
HIS CG   C  Y N 142 
HIS ND1  N  Y N 143 
HIS CD2  C  Y N 144 
HIS CE1  C  Y N 145 
HIS NE2  N  Y N 146 
HIS OXT  O  N N 147 
HIS H    H  N N 148 
HIS H2   H  N N 149 
HIS HA   H  N N 150 
HIS HB2  H  N N 151 
HIS HB3  H  N N 152 
HIS HD1  H  N N 153 
HIS HD2  H  N N 154 
HIS HE1  H  N N 155 
HIS HE2  H  N N 156 
HIS HXT  H  N N 157 
HOH O    O  N N 158 
HOH H1   H  N N 159 
HOH H2   H  N N 160 
ILE N    N  N N 161 
ILE CA   C  N S 162 
ILE C    C  N N 163 
ILE O    O  N N 164 
ILE CB   C  N S 165 
ILE CG1  C  N N 166 
ILE CG2  C  N N 167 
ILE CD1  C  N N 168 
ILE OXT  O  N N 169 
ILE H    H  N N 170 
ILE H2   H  N N 171 
ILE HA   H  N N 172 
ILE HB   H  N N 173 
ILE HG12 H  N N 174 
ILE HG13 H  N N 175 
ILE HG21 H  N N 176 
ILE HG22 H  N N 177 
ILE HG23 H  N N 178 
ILE HD11 H  N N 179 
ILE HD12 H  N N 180 
ILE HD13 H  N N 181 
ILE HXT  H  N N 182 
LEU N    N  N N 183 
LEU CA   C  N S 184 
LEU C    C  N N 185 
LEU O    O  N N 186 
LEU CB   C  N N 187 
LEU CG   C  N N 188 
LEU CD1  C  N N 189 
LEU CD2  C  N N 190 
LEU OXT  O  N N 191 
LEU H    H  N N 192 
LEU H2   H  N N 193 
LEU HA   H  N N 194 
LEU HB2  H  N N 195 
LEU HB3  H  N N 196 
LEU HG   H  N N 197 
LEU HD11 H  N N 198 
LEU HD12 H  N N 199 
LEU HD13 H  N N 200 
LEU HD21 H  N N 201 
LEU HD22 H  N N 202 
LEU HD23 H  N N 203 
LEU HXT  H  N N 204 
LYS N    N  N N 205 
LYS CA   C  N S 206 
LYS C    C  N N 207 
LYS O    O  N N 208 
LYS CB   C  N N 209 
LYS CG   C  N N 210 
LYS CD   C  N N 211 
LYS CE   C  N N 212 
LYS NZ   N  N N 213 
LYS OXT  O  N N 214 
LYS H    H  N N 215 
LYS H2   H  N N 216 
LYS HA   H  N N 217 
LYS HB2  H  N N 218 
LYS HB3  H  N N 219 
LYS HG2  H  N N 220 
LYS HG3  H  N N 221 
LYS HD2  H  N N 222 
LYS HD3  H  N N 223 
LYS HE2  H  N N 224 
LYS HE3  H  N N 225 
LYS HZ1  H  N N 226 
LYS HZ2  H  N N 227 
LYS HZ3  H  N N 228 
LYS HXT  H  N N 229 
MET N    N  N N 230 
MET CA   C  N S 231 
MET C    C  N N 232 
MET O    O  N N 233 
MET CB   C  N N 234 
MET CG   C  N N 235 
MET SD   S  N N 236 
MET CE   C  N N 237 
MET OXT  O  N N 238 
MET H    H  N N 239 
MET H2   H  N N 240 
MET HA   H  N N 241 
MET HB2  H  N N 242 
MET HB3  H  N N 243 
MET HG2  H  N N 244 
MET HG3  H  N N 245 
MET HE1  H  N N 246 
MET HE2  H  N N 247 
MET HE3  H  N N 248 
MET HXT  H  N N 249 
MG  MG   MG N N 250 
PHE N    N  N N 251 
PHE CA   C  N S 252 
PHE C    C  N N 253 
PHE O    O  N N 254 
PHE CB   C  N N 255 
PHE CG   C  Y N 256 
PHE CD1  C  Y N 257 
PHE CD2  C  Y N 258 
PHE CE1  C  Y N 259 
PHE CE2  C  Y N 260 
PHE CZ   C  Y N 261 
PHE OXT  O  N N 262 
PHE H    H  N N 263 
PHE H2   H  N N 264 
PHE HA   H  N N 265 
PHE HB2  H  N N 266 
PHE HB3  H  N N 267 
PHE HD1  H  N N 268 
PHE HD2  H  N N 269 
PHE HE1  H  N N 270 
PHE HE2  H  N N 271 
PHE HZ   H  N N 272 
PHE HXT  H  N N 273 
PRO N    N  N N 274 
PRO CA   C  N S 275 
PRO C    C  N N 276 
PRO O    O  N N 277 
PRO CB   C  N N 278 
PRO CG   C  N N 279 
PRO CD   C  N N 280 
PRO OXT  O  N N 281 
PRO H    H  N N 282 
PRO HA   H  N N 283 
PRO HB2  H  N N 284 
PRO HB3  H  N N 285 
PRO HG2  H  N N 286 
PRO HG3  H  N N 287 
PRO HD2  H  N N 288 
PRO HD3  H  N N 289 
PRO HXT  H  N N 290 
SER N    N  N N 291 
SER CA   C  N S 292 
SER C    C  N N 293 
SER O    O  N N 294 
SER CB   C  N N 295 
SER OG   O  N N 296 
SER OXT  O  N N 297 
SER H    H  N N 298 
SER H2   H  N N 299 
SER HA   H  N N 300 
SER HB2  H  N N 301 
SER HB3  H  N N 302 
SER HG   H  N N 303 
SER HXT  H  N N 304 
THR N    N  N N 305 
THR CA   C  N S 306 
THR C    C  N N 307 
THR O    O  N N 308 
THR CB   C  N R 309 
THR OG1  O  N N 310 
THR CG2  C  N N 311 
THR OXT  O  N N 312 
THR H    H  N N 313 
THR H2   H  N N 314 
THR HA   H  N N 315 
THR HB   H  N N 316 
THR HG1  H  N N 317 
THR HG21 H  N N 318 
THR HG22 H  N N 319 
THR HG23 H  N N 320 
THR HXT  H  N N 321 
TRP N    N  N N 322 
TRP CA   C  N S 323 
TRP C    C  N N 324 
TRP O    O  N N 325 
TRP CB   C  N N 326 
TRP CG   C  Y N 327 
TRP CD1  C  Y N 328 
TRP CD2  C  Y N 329 
TRP NE1  N  Y N 330 
TRP CE2  C  Y N 331 
TRP CE3  C  Y N 332 
TRP CZ2  C  Y N 333 
TRP CZ3  C  Y N 334 
TRP CH2  C  Y N 335 
TRP OXT  O  N N 336 
TRP H    H  N N 337 
TRP H2   H  N N 338 
TRP HA   H  N N 339 
TRP HB2  H  N N 340 
TRP HB3  H  N N 341 
TRP HD1  H  N N 342 
TRP HE1  H  N N 343 
TRP HE3  H  N N 344 
TRP HZ2  H  N N 345 
TRP HZ3  H  N N 346 
TRP HH2  H  N N 347 
TRP HXT  H  N N 348 
TYR N    N  N N 349 
TYR CA   C  N S 350 
TYR C    C  N N 351 
TYR O    O  N N 352 
TYR CB   C  N N 353 
TYR CG   C  Y N 354 
TYR CD1  C  Y N 355 
TYR CD2  C  Y N 356 
TYR CE1  C  Y N 357 
TYR CE2  C  Y N 358 
TYR CZ   C  Y N 359 
TYR OH   O  N N 360 
TYR OXT  O  N N 361 
TYR H    H  N N 362 
TYR H2   H  N N 363 
TYR HA   H  N N 364 
TYR HB2  H  N N 365 
TYR HB3  H  N N 366 
TYR HD1  H  N N 367 
TYR HD2  H  N N 368 
TYR HE1  H  N N 369 
TYR HE2  H  N N 370 
TYR HH   H  N N 371 
TYR HXT  H  N N 372 
VAL N    N  N N 373 
VAL CA   C  N S 374 
VAL C    C  N N 375 
VAL O    O  N N 376 
VAL CB   C  N N 377 
VAL CG1  C  N N 378 
VAL CG2  C  N N 379 
VAL OXT  O  N N 380 
VAL H    H  N N 381 
VAL H2   H  N N 382 
VAL HA   H  N N 383 
VAL HB   H  N N 384 
VAL HG11 H  N N 385 
VAL HG12 H  N N 386 
VAL HG13 H  N N 387 
VAL HG21 H  N N 388 
VAL HG22 H  N N 389 
VAL HG23 H  N N 390 
VAL HXT  H  N N 391 
# 
loop_
_chem_comp_bond.comp_id 
_chem_comp_bond.atom_id_1 
_chem_comp_bond.atom_id_2 
_chem_comp_bond.value_order 
_chem_comp_bond.pdbx_aromatic_flag 
_chem_comp_bond.pdbx_stereo_config 
_chem_comp_bond.pdbx_ordinal 
ALA N   CA   sing N N 1   
ALA N   H    sing N N 2   
ALA N   H2   sing N N 3   
ALA CA  C    sing N N 4   
ALA CA  CB   sing N N 5   
ALA CA  HA   sing N N 6   
ALA C   O    doub N N 7   
ALA C   OXT  sing N N 8   
ALA CB  HB1  sing N N 9   
ALA CB  HB2  sing N N 10  
ALA CB  HB3  sing N N 11  
ALA OXT HXT  sing N N 12  
ARG N   CA   sing N N 13  
ARG N   H    sing N N 14  
ARG N   H2   sing N N 15  
ARG CA  C    sing N N 16  
ARG CA  CB   sing N N 17  
ARG CA  HA   sing N N 18  
ARG C   O    doub N N 19  
ARG C   OXT  sing N N 20  
ARG CB  CG   sing N N 21  
ARG CB  HB2  sing N N 22  
ARG CB  HB3  sing N N 23  
ARG CG  CD   sing N N 24  
ARG CG  HG2  sing N N 25  
ARG CG  HG3  sing N N 26  
ARG CD  NE   sing N N 27  
ARG CD  HD2  sing N N 28  
ARG CD  HD3  sing N N 29  
ARG NE  CZ   sing N N 30  
ARG NE  HE   sing N N 31  
ARG CZ  NH1  sing N N 32  
ARG CZ  NH2  doub N N 33  
ARG NH1 HH11 sing N N 34  
ARG NH1 HH12 sing N N 35  
ARG NH2 HH21 sing N N 36  
ARG NH2 HH22 sing N N 37  
ARG OXT HXT  sing N N 38  
ASN N   CA   sing N N 39  
ASN N   H    sing N N 40  
ASN N   H2   sing N N 41  
ASN CA  C    sing N N 42  
ASN CA  CB   sing N N 43  
ASN CA  HA   sing N N 44  
ASN C   O    doub N N 45  
ASN C   OXT  sing N N 46  
ASN CB  CG   sing N N 47  
ASN CB  HB2  sing N N 48  
ASN CB  HB3  sing N N 49  
ASN CG  OD1  doub N N 50  
ASN CG  ND2  sing N N 51  
ASN ND2 HD21 sing N N 52  
ASN ND2 HD22 sing N N 53  
ASN OXT HXT  sing N N 54  
ASP N   CA   sing N N 55  
ASP N   H    sing N N 56  
ASP N   H2   sing N N 57  
ASP CA  C    sing N N 58  
ASP CA  CB   sing N N 59  
ASP CA  HA   sing N N 60  
ASP C   O    doub N N 61  
ASP C   OXT  sing N N 62  
ASP CB  CG   sing N N 63  
ASP CB  HB2  sing N N 64  
ASP CB  HB3  sing N N 65  
ASP CG  OD1  doub N N 66  
ASP CG  OD2  sing N N 67  
ASP OD2 HD2  sing N N 68  
ASP OXT HXT  sing N N 69  
CYS N   CA   sing N N 70  
CYS N   H    sing N N 71  
CYS N   H2   sing N N 72  
CYS CA  C    sing N N 73  
CYS CA  CB   sing N N 74  
CYS CA  HA   sing N N 75  
CYS C   O    doub N N 76  
CYS C   OXT  sing N N 77  
CYS CB  SG   sing N N 78  
CYS CB  HB2  sing N N 79  
CYS CB  HB3  sing N N 80  
CYS SG  HG   sing N N 81  
CYS OXT HXT  sing N N 82  
GLN N   CA   sing N N 83  
GLN N   H    sing N N 84  
GLN N   H2   sing N N 85  
GLN CA  C    sing N N 86  
GLN CA  CB   sing N N 87  
GLN CA  HA   sing N N 88  
GLN C   O    doub N N 89  
GLN C   OXT  sing N N 90  
GLN CB  CG   sing N N 91  
GLN CB  HB2  sing N N 92  
GLN CB  HB3  sing N N 93  
GLN CG  CD   sing N N 94  
GLN CG  HG2  sing N N 95  
GLN CG  HG3  sing N N 96  
GLN CD  OE1  doub N N 97  
GLN CD  NE2  sing N N 98  
GLN NE2 HE21 sing N N 99  
GLN NE2 HE22 sing N N 100 
GLN OXT HXT  sing N N 101 
GLU N   CA   sing N N 102 
GLU N   H    sing N N 103 
GLU N   H2   sing N N 104 
GLU CA  C    sing N N 105 
GLU CA  CB   sing N N 106 
GLU CA  HA   sing N N 107 
GLU C   O    doub N N 108 
GLU C   OXT  sing N N 109 
GLU CB  CG   sing N N 110 
GLU CB  HB2  sing N N 111 
GLU CB  HB3  sing N N 112 
GLU CG  CD   sing N N 113 
GLU CG  HG2  sing N N 114 
GLU CG  HG3  sing N N 115 
GLU CD  OE1  doub N N 116 
GLU CD  OE2  sing N N 117 
GLU OE2 HE2  sing N N 118 
GLU OXT HXT  sing N N 119 
GLY N   CA   sing N N 120 
GLY N   H    sing N N 121 
GLY N   H2   sing N N 122 
GLY CA  C    sing N N 123 
GLY CA  HA2  sing N N 124 
GLY CA  HA3  sing N N 125 
GLY C   O    doub N N 126 
GLY C   OXT  sing N N 127 
GLY OXT HXT  sing N N 128 
HIS N   CA   sing N N 129 
HIS N   H    sing N N 130 
HIS N   H2   sing N N 131 
HIS CA  C    sing N N 132 
HIS CA  CB   sing N N 133 
HIS CA  HA   sing N N 134 
HIS C   O    doub N N 135 
HIS C   OXT  sing N N 136 
HIS CB  CG   sing N N 137 
HIS CB  HB2  sing N N 138 
HIS CB  HB3  sing N N 139 
HIS CG  ND1  sing Y N 140 
HIS CG  CD2  doub Y N 141 
HIS ND1 CE1  doub Y N 142 
HIS ND1 HD1  sing N N 143 
HIS CD2 NE2  sing Y N 144 
HIS CD2 HD2  sing N N 145 
HIS CE1 NE2  sing Y N 146 
HIS CE1 HE1  sing N N 147 
HIS NE2 HE2  sing N N 148 
HIS OXT HXT  sing N N 149 
HOH O   H1   sing N N 150 
HOH O   H2   sing N N 151 
ILE N   CA   sing N N 152 
ILE N   H    sing N N 153 
ILE N   H2   sing N N 154 
ILE CA  C    sing N N 155 
ILE CA  CB   sing N N 156 
ILE CA  HA   sing N N 157 
ILE C   O    doub N N 158 
ILE C   OXT  sing N N 159 
ILE CB  CG1  sing N N 160 
ILE CB  CG2  sing N N 161 
ILE CB  HB   sing N N 162 
ILE CG1 CD1  sing N N 163 
ILE CG1 HG12 sing N N 164 
ILE CG1 HG13 sing N N 165 
ILE CG2 HG21 sing N N 166 
ILE CG2 HG22 sing N N 167 
ILE CG2 HG23 sing N N 168 
ILE CD1 HD11 sing N N 169 
ILE CD1 HD12 sing N N 170 
ILE CD1 HD13 sing N N 171 
ILE OXT HXT  sing N N 172 
LEU N   CA   sing N N 173 
LEU N   H    sing N N 174 
LEU N   H2   sing N N 175 
LEU CA  C    sing N N 176 
LEU CA  CB   sing N N 177 
LEU CA  HA   sing N N 178 
LEU C   O    doub N N 179 
LEU C   OXT  sing N N 180 
LEU CB  CG   sing N N 181 
LEU CB  HB2  sing N N 182 
LEU CB  HB3  sing N N 183 
LEU CG  CD1  sing N N 184 
LEU CG  CD2  sing N N 185 
LEU CG  HG   sing N N 186 
LEU CD1 HD11 sing N N 187 
LEU CD1 HD12 sing N N 188 
LEU CD1 HD13 sing N N 189 
LEU CD2 HD21 sing N N 190 
LEU CD2 HD22 sing N N 191 
LEU CD2 HD23 sing N N 192 
LEU OXT HXT  sing N N 193 
LYS N   CA   sing N N 194 
LYS N   H    sing N N 195 
LYS N   H2   sing N N 196 
LYS CA  C    sing N N 197 
LYS CA  CB   sing N N 198 
LYS CA  HA   sing N N 199 
LYS C   O    doub N N 200 
LYS C   OXT  sing N N 201 
LYS CB  CG   sing N N 202 
LYS CB  HB2  sing N N 203 
LYS CB  HB3  sing N N 204 
LYS CG  CD   sing N N 205 
LYS CG  HG2  sing N N 206 
LYS CG  HG3  sing N N 207 
LYS CD  CE   sing N N 208 
LYS CD  HD2  sing N N 209 
LYS CD  HD3  sing N N 210 
LYS CE  NZ   sing N N 211 
LYS CE  HE2  sing N N 212 
LYS CE  HE3  sing N N 213 
LYS NZ  HZ1  sing N N 214 
LYS NZ  HZ2  sing N N 215 
LYS NZ  HZ3  sing N N 216 
LYS OXT HXT  sing N N 217 
MET N   CA   sing N N 218 
MET N   H    sing N N 219 
MET N   H2   sing N N 220 
MET CA  C    sing N N 221 
MET CA  CB   sing N N 222 
MET CA  HA   sing N N 223 
MET C   O    doub N N 224 
MET C   OXT  sing N N 225 
MET CB  CG   sing N N 226 
MET CB  HB2  sing N N 227 
MET CB  HB3  sing N N 228 
MET CG  SD   sing N N 229 
MET CG  HG2  sing N N 230 
MET CG  HG3  sing N N 231 
MET SD  CE   sing N N 232 
MET CE  HE1  sing N N 233 
MET CE  HE2  sing N N 234 
MET CE  HE3  sing N N 235 
MET OXT HXT  sing N N 236 
PHE N   CA   sing N N 237 
PHE N   H    sing N N 238 
PHE N   H2   sing N N 239 
PHE CA  C    sing N N 240 
PHE CA  CB   sing N N 241 
PHE CA  HA   sing N N 242 
PHE C   O    doub N N 243 
PHE C   OXT  sing N N 244 
PHE CB  CG   sing N N 245 
PHE CB  HB2  sing N N 246 
PHE CB  HB3  sing N N 247 
PHE CG  CD1  doub Y N 248 
PHE CG  CD2  sing Y N 249 
PHE CD1 CE1  sing Y N 250 
PHE CD1 HD1  sing N N 251 
PHE CD2 CE2  doub Y N 252 
PHE CD2 HD2  sing N N 253 
PHE CE1 CZ   doub Y N 254 
PHE CE1 HE1  sing N N 255 
PHE CE2 CZ   sing Y N 256 
PHE CE2 HE2  sing N N 257 
PHE CZ  HZ   sing N N 258 
PHE OXT HXT  sing N N 259 
PRO N   CA   sing N N 260 
PRO N   CD   sing N N 261 
PRO N   H    sing N N 262 
PRO CA  C    sing N N 263 
PRO CA  CB   sing N N 264 
PRO CA  HA   sing N N 265 
PRO C   O    doub N N 266 
PRO C   OXT  sing N N 267 
PRO CB  CG   sing N N 268 
PRO CB  HB2  sing N N 269 
PRO CB  HB3  sing N N 270 
PRO CG  CD   sing N N 271 
PRO CG  HG2  sing N N 272 
PRO CG  HG3  sing N N 273 
PRO CD  HD2  sing N N 274 
PRO CD  HD3  sing N N 275 
PRO OXT HXT  sing N N 276 
SER N   CA   sing N N 277 
SER N   H    sing N N 278 
SER N   H2   sing N N 279 
SER CA  C    sing N N 280 
SER CA  CB   sing N N 281 
SER CA  HA   sing N N 282 
SER C   O    doub N N 283 
SER C   OXT  sing N N 284 
SER CB  OG   sing N N 285 
SER CB  HB2  sing N N 286 
SER CB  HB3  sing N N 287 
SER OG  HG   sing N N 288 
SER OXT HXT  sing N N 289 
THR N   CA   sing N N 290 
THR N   H    sing N N 291 
THR N   H2   sing N N 292 
THR CA  C    sing N N 293 
THR CA  CB   sing N N 294 
THR CA  HA   sing N N 295 
THR C   O    doub N N 296 
THR C   OXT  sing N N 297 
THR CB  OG1  sing N N 298 
THR CB  CG2  sing N N 299 
THR CB  HB   sing N N 300 
THR OG1 HG1  sing N N 301 
THR CG2 HG21 sing N N 302 
THR CG2 HG22 sing N N 303 
THR CG2 HG23 sing N N 304 
THR OXT HXT  sing N N 305 
TRP N   CA   sing N N 306 
TRP N   H    sing N N 307 
TRP N   H2   sing N N 308 
TRP CA  C    sing N N 309 
TRP CA  CB   sing N N 310 
TRP CA  HA   sing N N 311 
TRP C   O    doub N N 312 
TRP C   OXT  sing N N 313 
TRP CB  CG   sing N N 314 
TRP CB  HB2  sing N N 315 
TRP CB  HB3  sing N N 316 
TRP CG  CD1  doub Y N 317 
TRP CG  CD2  sing Y N 318 
TRP CD1 NE1  sing Y N 319 
TRP CD1 HD1  sing N N 320 
TRP CD2 CE2  doub Y N 321 
TRP CD2 CE3  sing Y N 322 
TRP NE1 CE2  sing Y N 323 
TRP NE1 HE1  sing N N 324 
TRP CE2 CZ2  sing Y N 325 
TRP CE3 CZ3  doub Y N 326 
TRP CE3 HE3  sing N N 327 
TRP CZ2 CH2  doub Y N 328 
TRP CZ2 HZ2  sing N N 329 
TRP CZ3 CH2  sing Y N 330 
TRP CZ3 HZ3  sing N N 331 
TRP CH2 HH2  sing N N 332 
TRP OXT HXT  sing N N 333 
TYR N   CA   sing N N 334 
TYR N   H    sing N N 335 
TYR N   H2   sing N N 336 
TYR CA  C    sing N N 337 
TYR CA  CB   sing N N 338 
TYR CA  HA   sing N N 339 
TYR C   O    doub N N 340 
TYR C   OXT  sing N N 341 
TYR CB  CG   sing N N 342 
TYR CB  HB2  sing N N 343 
TYR CB  HB3  sing N N 344 
TYR CG  CD1  doub Y N 345 
TYR CG  CD2  sing Y N 346 
TYR CD1 CE1  sing Y N 347 
TYR CD1 HD1  sing N N 348 
TYR CD2 CE2  doub Y N 349 
TYR CD2 HD2  sing N N 350 
TYR CE1 CZ   doub Y N 351 
TYR CE1 HE1  sing N N 352 
TYR CE2 CZ   sing Y N 353 
TYR CE2 HE2  sing N N 354 
TYR CZ  OH   sing N N 355 
TYR OH  HH   sing N N 356 
TYR OXT HXT  sing N N 357 
VAL N   CA   sing N N 358 
VAL N   H    sing N N 359 
VAL N   H2   sing N N 360 
VAL CA  C    sing N N 361 
VAL CA  CB   sing N N 362 
VAL CA  HA   sing N N 363 
VAL C   O    doub N N 364 
VAL C   OXT  sing N N 365 
VAL CB  CG1  sing N N 366 
VAL CB  CG2  sing N N 367 
VAL CB  HB   sing N N 368 
VAL CG1 HG11 sing N N 369 
VAL CG1 HG12 sing N N 370 
VAL CG1 HG13 sing N N 371 
VAL CG2 HG21 sing N N 372 
VAL CG2 HG22 sing N N 373 
VAL CG2 HG23 sing N N 374 
VAL OXT HXT  sing N N 375 
# 
_atom_sites.entry_id                    2ALF 
_atom_sites.fract_transf_matrix[1][1]   -0.00045152 
_atom_sites.fract_transf_matrix[1][2]   -0.02583635 
_atom_sites.fract_transf_matrix[1][3]   -0.01479289 
_atom_sites.fract_transf_matrix[2][1]   -0.00364592 
_atom_sites.fract_transf_matrix[2][2]   -0.00700171 
_atom_sites.fract_transf_matrix[2][3]   0.01234004 
_atom_sites.fract_transf_matrix[3][1]   -0.00702778 
_atom_sites.fract_transf_matrix[3][2]   0.00099004 
_atom_sites.fract_transf_matrix[3][3]   -0.00151464 
_atom_sites.fract_transf_vector[1]      0.917074 
_atom_sites.fract_transf_vector[2]      0.216714 
_atom_sites.fract_transf_vector[3]      0.377153 
# 
loop_
_atom_type.symbol 
C  
MG 
N  
O  
S  
# 
loop_
_atom_site.group_PDB 
_atom_site.id 
_atom_site.type_symbol 
_atom_site.label_atom_id 
_atom_site.label_alt_id 
_atom_site.label_comp_id 
_atom_site.label_asym_id 
_atom_site.label_entity_id 
_atom_site.label_seq_id 
_atom_site.pdbx_PDB_ins_code 
_atom_site.Cartn_x 
_atom_site.Cartn_y 
_atom_site.Cartn_z 
_atom_site.occupancy 
_atom_site.B_iso_or_equiv 
_atom_site.pdbx_formal_charge 
_atom_site.auth_seq_id 
_atom_site.auth_comp_id 
_atom_site.auth_asym_id 
_atom_site.auth_atom_id 
_atom_site.pdbx_PDB_model_num 
ATOM   1    N  N   . VAL A 1 1   ? -6.515  -3.116  -19.600 1.00 29.89 ? 2   VAL A N   1 
ATOM   2    C  CA  . VAL A 1 1   ? -5.450  -3.945  -18.970 1.00 27.91 ? 2   VAL A CA  1 
ATOM   3    C  C   . VAL A 1 1   ? -5.124  -3.424  -17.575 1.00 25.29 ? 2   VAL A C   1 
ATOM   4    O  O   . VAL A 1 1   ? -5.298  -2.242  -17.283 1.00 25.27 ? 2   VAL A O   1 
ATOM   5    C  CB  . VAL A 1 1   ? -4.154  -3.931  -19.812 1.00 29.90 ? 2   VAL A CB  1 
ATOM   6    C  CG1 . VAL A 1 1   ? -3.544  -2.537  -19.809 1.00 30.46 ? 2   VAL A CG1 1 
ATOM   7    C  CG2 . VAL A 1 1   ? -3.167  -4.950  -19.266 1.00 30.65 ? 2   VAL A CG2 1 
ATOM   8    N  N   . ASN A 1 2   ? -4.648  -4.318  -16.716 1.00 21.95 ? 3   ASN A N   1 
ATOM   9    C  CA  . ASN A 1 2   ? -4.293  -3.949  -15.352 1.00 18.73 ? 3   ASN A CA  1 
ATOM   10   C  C   . ASN A 1 2   ? -3.028  -3.102  -15.320 1.00 16.97 ? 3   ASN A C   1 
ATOM   11   O  O   . ASN A 1 2   ? -1.969  -3.530  -15.784 1.00 15.70 ? 3   ASN A O   1 
ATOM   12   C  CB  . ASN A 1 2   ? -4.094  -5.206  -14.501 1.00 16.41 ? 3   ASN A CB  1 
ATOM   13   C  CG  . ASN A 1 2   ? -5.399  -5.905  -14.189 1.00 14.55 ? 3   ASN A CG  1 
ATOM   14   O  OD1 . ASN A 1 2   ? -5.413  -7.001  -13.626 1.00 15.32 ? 3   ASN A OD1 1 
ATOM   15   N  ND2 . ASN A 1 2   ? -6.507  -5.269  -14.547 1.00 11.50 ? 3   ASN A ND2 1 
ATOM   16   N  N   . PRO A 1 3   ? -3.126  -1.883  -14.772 1.00 15.44 ? 4   PRO A N   1 
ATOM   17   C  CA  . PRO A 1 3   ? -1.972  -0.989  -14.688 1.00 13.45 ? 4   PRO A CA  1 
ATOM   18   C  C   . PRO A 1 3   ? -0.916  -1.489  -13.711 1.00 15.04 ? 4   PRO A C   1 
ATOM   19   O  O   . PRO A 1 3   ? -1.201  -2.280  -12.811 1.00 14.17 ? 4   PRO A O   1 
ATOM   20   C  CB  . PRO A 1 3   ? -2.594  0.332   -14.251 1.00 15.00 ? 4   PRO A CB  1 
ATOM   21   C  CG  . PRO A 1 3   ? -3.756  -0.110  -13.417 1.00 15.34 ? 4   PRO A CG  1 
ATOM   22   C  CD  . PRO A 1 3   ? -4.336  -1.227  -14.245 1.00 13.25 ? 4   PRO A CD  1 
ATOM   23   N  N   . THR A 1 4   ? 0.310   -1.022  -13.902 1.00 15.20 ? 5   THR A N   1 
ATOM   24   C  CA  . THR A 1 4   ? 1.422   -1.404  -13.047 1.00 15.60 ? 5   THR A CA  1 
ATOM   25   C  C   . THR A 1 4   ? 2.019   -0.150  -12.427 1.00 14.74 ? 5   THR A C   1 
ATOM   26   O  O   . THR A 1 4   ? 2.270   0.832   -13.125 1.00 15.43 ? 5   THR A O   1 
ATOM   27   C  CB  . THR A 1 4   ? 2.523   -2.122  -13.846 1.00 15.84 ? 5   THR A CB  1 
ATOM   28   O  OG1 . THR A 1 4   ? 1.989   -3.316  -14.430 1.00 17.57 ? 5   THR A OG1 1 
ATOM   29   C  CG2 . THR A 1 4   ? 3.690   -2.480  -12.932 1.00 17.44 ? 5   THR A CG2 1 
ATOM   30   N  N   . VAL A 1 5   ? 2.240   -0.194  -11.118 1.00 13.69 ? 6   VAL A N   1 
ATOM   31   C  CA  . VAL A 1 5   ? 2.803   0.933   -10.383 1.00 15.17 ? 6   VAL A CA  1 
ATOM   32   C  C   . VAL A 1 5   ? 4.102   0.522   -9.693  1.00 14.54 ? 6   VAL A C   1 
ATOM   33   O  O   . VAL A 1 5   ? 4.319   -0.658  -9.409  1.00 14.62 ? 6   VAL A O   1 
ATOM   34   C  CB  . VAL A 1 5   ? 1.802   1.440   -9.312  1.00 15.06 ? 6   VAL A CB  1 
ATOM   35   C  CG1 . VAL A 1 5   ? 2.485   2.402   -8.353  1.00 20.65 ? 6   VAL A CG1 1 
ATOM   36   C  CG2 . VAL A 1 5   ? 0.637   2.123   -9.990  1.00 17.62 ? 6   VAL A CG2 1 
ATOM   37   N  N   . PHE A 1 6   ? 4.970   1.492   -9.432  1.00 14.22 ? 7   PHE A N   1 
ATOM   38   C  CA  . PHE A 1 6   ? 6.226   1.200   -8.756  1.00 13.79 ? 7   PHE A CA  1 
ATOM   39   C  C   . PHE A 1 6   ? 6.472   2.158   -7.603  1.00 12.35 ? 7   PHE A C   1 
ATOM   40   O  O   . PHE A 1 6   ? 6.009   3.299   -7.621  1.00 12.42 ? 7   PHE A O   1 
ATOM   41   C  CB  . PHE A 1 6   ? 7.413   1.308   -9.720  1.00 13.27 ? 7   PHE A CB  1 
ATOM   42   C  CG  . PHE A 1 6   ? 7.818   2.722   -10.025 1.00 15.80 ? 7   PHE A CG  1 
ATOM   43   C  CD1 . PHE A 1 6   ? 7.272   3.398   -11.112 1.00 16.27 ? 7   PHE A CD1 1 
ATOM   44   C  CD2 . PHE A 1 6   ? 8.730   3.391   -9.208  1.00 18.58 ? 7   PHE A CD2 1 
ATOM   45   C  CE1 . PHE A 1 6   ? 7.628   4.721   -11.384 1.00 18.20 ? 7   PHE A CE1 1 
ATOM   46   C  CE2 . PHE A 1 6   ? 9.093   4.716   -9.468  1.00 19.48 ? 7   PHE A CE2 1 
ATOM   47   C  CZ  . PHE A 1 6   ? 8.540   5.382   -10.560 1.00 18.30 ? 7   PHE A CZ  1 
ATOM   48   N  N   . PHE A 1 7   ? 7.211   1.676   -6.610  1.00 11.60 ? 8   PHE A N   1 
ATOM   49   C  CA  . PHE A 1 7   ? 7.608   2.472   -5.453  1.00 13.65 ? 8   PHE A CA  1 
ATOM   50   C  C   . PHE A 1 7   ? 9.123   2.321   -5.381  1.00 14.10 ? 8   PHE A C   1 
ATOM   51   O  O   . PHE A 1 7   ? 9.635   1.212   -5.534  1.00 13.74 ? 8   PHE A O   1 
ATOM   52   C  CB  . PHE A 1 7   ? 7.053   1.917   -4.129  1.00 12.17 ? 8   PHE A CB  1 
ATOM   53   C  CG  . PHE A 1 7   ? 5.586   2.175   -3.890  1.00 12.59 ? 8   PHE A CG  1 
ATOM   54   C  CD1 . PHE A 1 7   ? 4.860   3.045   -4.694  1.00 11.70 ? 8   PHE A CD1 1 
ATOM   55   C  CD2 . PHE A 1 7   ? 4.939   1.547   -2.826  1.00 10.03 ? 8   PHE A CD2 1 
ATOM   56   C  CE1 . PHE A 1 7   ? 3.509   3.289   -4.439  1.00 11.63 ? 8   PHE A CE1 1 
ATOM   57   C  CE2 . PHE A 1 7   ? 3.590   1.783   -2.564  1.00 8.08  ? 8   PHE A CE2 1 
ATOM   58   C  CZ  . PHE A 1 7   ? 2.875   2.656   -3.373  1.00 11.14 ? 8   PHE A CZ  1 
ATOM   59   N  N   . ASP A 1 8   ? 9.840   3.420   -5.172  1.00 15.00 ? 9   ASP A N   1 
ATOM   60   C  CA  . ASP A 1 8   ? 11.287  3.338   -5.004  1.00 16.24 ? 9   ASP A CA  1 
ATOM   61   C  C   . ASP A 1 8   ? 11.473  3.587   -3.511  1.00 16.13 ? 9   ASP A C   1 
ATOM   62   O  O   . ASP A 1 8   ? 11.335  4.716   -3.037  1.00 16.30 ? 9   ASP A O   1 
ATOM   63   C  CB  . ASP A 1 8   ? 12.023  4.398   -5.835  1.00 15.15 ? 9   ASP A CB  1 
ATOM   64   C  CG  . ASP A 1 8   ? 12.126  4.018   -7.303  1.00 18.08 ? 9   ASP A CG  1 
ATOM   65   O  OD1 . ASP A 1 8   ? 12.395  2.831   -7.596  1.00 16.15 ? 9   ASP A OD1 1 
ATOM   66   O  OD2 . ASP A 1 8   ? 11.951  4.907   -8.165  1.00 18.87 ? 9   ASP A OD2 1 
ATOM   67   N  N   . ILE A 1 9   ? 11.759  2.513   -2.779  1.00 15.54 ? 10  ILE A N   1 
ATOM   68   C  CA  . ILE A 1 9   ? 11.912  2.554   -1.329  1.00 13.67 ? 10  ILE A CA  1 
ATOM   69   C  C   . ILE A 1 9   ? 13.284  3.003   -0.837  1.00 14.92 ? 10  ILE A C   1 
ATOM   70   O  O   . ILE A 1 9   ? 14.307  2.596   -1.372  1.00 13.14 ? 10  ILE A O   1 
ATOM   71   C  CB  . ILE A 1 9   ? 11.622  1.167   -0.724  1.00 12.75 ? 10  ILE A CB  1 
ATOM   72   C  CG1 . ILE A 1 9   ? 10.296  0.620   -1.277  1.00 13.10 ? 10  ILE A CG1 1 
ATOM   73   C  CG2 . ILE A 1 9   ? 11.580  1.263   0.794   1.00 11.96 ? 10  ILE A CG2 1 
ATOM   74   C  CD1 . ILE A 1 9   ? 9.062   1.408   -0.854  1.00 11.72 ? 10  ILE A CD1 1 
ATOM   75   N  N   . ALA A 1 10  ? 13.291  3.833   0.201   1.00 16.34 ? 11  ALA A N   1 
ATOM   76   C  CA  . ALA A 1 10  ? 14.537  4.334   0.775   1.00 15.92 ? 11  ALA A CA  1 
ATOM   77   C  C   . ALA A 1 10  ? 14.520  4.188   2.292   1.00 15.52 ? 11  ALA A C   1 
ATOM   78   O  O   . ALA A 1 10  ? 13.468  4.289   2.919   1.00 12.67 ? 11  ALA A O   1 
ATOM   79   C  CB  . ALA A 1 10  ? 14.734  5.799   0.396   1.00 13.15 ? 11  ALA A CB  1 
ATOM   80   N  N   . VAL A 1 11  ? 15.695  3.942   2.866   1.00 15.64 ? 12  VAL A N   1 
ATOM   81   C  CA  . VAL A 1 11  ? 15.859  3.790   4.312   1.00 15.61 ? 12  VAL A CA  1 
ATOM   82   C  C   . VAL A 1 11  ? 16.692  4.981   4.779   1.00 15.79 ? 12  VAL A C   1 
ATOM   83   O  O   . VAL A 1 11  ? 17.857  5.118   4.400   1.00 15.85 ? 12  VAL A O   1 
ATOM   84   C  CB  . VAL A 1 11  ? 16.607  2.481   4.654   1.00 16.17 ? 12  VAL A CB  1 
ATOM   85   C  CG1 . VAL A 1 11  ? 16.793  2.358   6.161   1.00 16.42 ? 12  VAL A CG1 1 
ATOM   86   C  CG2 . VAL A 1 11  ? 15.832  1.293   4.116   1.00 17.46 ? 12  VAL A CG2 1 
ATOM   87   N  N   . ASP A 1 12  ? 16.096  5.840   5.598   1.00 16.50 ? 13  ASP A N   1 
ATOM   88   C  CA  . ASP A 1 12  ? 16.776  7.041   6.065   1.00 17.91 ? 13  ASP A CA  1 
ATOM   89   C  C   . ASP A 1 12  ? 17.340  7.825   4.878   1.00 18.93 ? 13  ASP A C   1 
ATOM   90   O  O   . ASP A 1 12  ? 18.470  8.315   4.916   1.00 20.41 ? 13  ASP A O   1 
ATOM   91   C  CB  . ASP A 1 12  ? 17.898  6.701   7.049   1.00 17.69 ? 13  ASP A CB  1 
ATOM   92   C  CG  . ASP A 1 12  ? 17.374  6.269   8.408   1.00 19.94 ? 13  ASP A CG  1 
ATOM   93   O  OD1 . ASP A 1 12  ? 16.262  6.698   8.781   1.00 20.26 ? 13  ASP A OD1 1 
ATOM   94   O  OD2 . ASP A 1 12  ? 18.081  5.511   9.108   1.00 20.15 ? 13  ASP A OD2 1 
ATOM   95   N  N   . GLY A 1 13  ? 16.544  7.927   3.816   1.00 18.63 ? 14  GLY A N   1 
ATOM   96   C  CA  . GLY A 1 13  ? 16.955  8.673   2.638   1.00 20.36 ? 14  GLY A CA  1 
ATOM   97   C  C   . GLY A 1 13  ? 17.823  7.943   1.630   1.00 21.32 ? 14  GLY A C   1 
ATOM   98   O  O   . GLY A 1 13  ? 18.070  8.461   0.540   1.00 22.05 ? 14  GLY A O   1 
ATOM   99   N  N   . GLU A 1 14  ? 18.289  6.747   1.976   1.00 20.32 ? 15  GLU A N   1 
ATOM   100  C  CA  . GLU A 1 14  ? 19.135  5.980   1.067   1.00 21.60 ? 15  GLU A CA  1 
ATOM   101  C  C   . GLU A 1 14  ? 18.325  4.937   0.302   1.00 20.98 ? 15  GLU A C   1 
ATOM   102  O  O   . GLU A 1 14  ? 17.510  4.225   0.883   1.00 19.79 ? 15  GLU A O   1 
ATOM   103  C  CB  . GLU A 1 14  ? 20.256  5.292   1.847   1.00 22.68 ? 15  GLU A CB  1 
ATOM   104  C  CG  . GLU A 1 14  ? 20.885  6.180   2.902   1.00 26.11 ? 15  GLU A CG  1 
ATOM   105  C  CD  . GLU A 1 14  ? 22.274  5.735   3.295   1.00 28.08 ? 15  GLU A CD  1 
ATOM   106  O  OE1 . GLU A 1 14  ? 22.505  4.512   3.396   1.00 30.34 ? 15  GLU A OE1 1 
ATOM   107  O  OE2 . GLU A 1 14  ? 23.135  6.613   3.512   1.00 29.63 ? 15  GLU A OE2 1 
ATOM   108  N  N   . PRO A 1 15  ? 18.554  4.828   -1.017  1.00 21.95 ? 16  PRO A N   1 
ATOM   109  C  CA  . PRO A 1 15  ? 17.830  3.861   -1.848  1.00 21.99 ? 16  PRO A CA  1 
ATOM   110  C  C   . PRO A 1 15  ? 17.996  2.414   -1.399  1.00 21.36 ? 16  PRO A C   1 
ATOM   111  O  O   . PRO A 1 15  ? 19.104  1.962   -1.115  1.00 21.72 ? 16  PRO A O   1 
ATOM   112  C  CB  . PRO A 1 15  ? 18.405  4.108   -3.243  1.00 22.39 ? 16  PRO A CB  1 
ATOM   113  C  CG  . PRO A 1 15  ? 19.802  4.570   -2.954  1.00 24.14 ? 16  PRO A CG  1 
ATOM   114  C  CD  . PRO A 1 15  ? 19.589  5.521   -1.804  1.00 23.27 ? 16  PRO A CD  1 
ATOM   115  N  N   . LEU A 1 16  ? 16.881  1.693   -1.331  1.00 19.29 ? 17  LEU A N   1 
ATOM   116  C  CA  . LEU A 1 16  ? 16.890  0.292   -0.930  1.00 17.48 ? 17  LEU A CA  1 
ATOM   117  C  C   . LEU A 1 16  ? 16.589  -0.564  -2.156  1.00 18.45 ? 17  LEU A C   1 
ATOM   118  O  O   . LEU A 1 16  ? 17.333  -1.490  -2.485  1.00 18.74 ? 17  LEU A O   1 
ATOM   119  C  CB  . LEU A 1 16  ? 15.828  0.033   0.146   1.00 17.55 ? 17  LEU A CB  1 
ATOM   120  C  CG  . LEU A 1 16  ? 15.651  -1.425  0.587   1.00 16.48 ? 17  LEU A CG  1 
ATOM   121  C  CD1 . LEU A 1 16  ? 16.951  -1.932  1.201   1.00 17.61 ? 17  LEU A CD1 1 
ATOM   122  C  CD2 . LEU A 1 16  ? 14.516  -1.536  1.590   1.00 19.16 ? 17  LEU A CD2 1 
ATOM   123  N  N   . GLY A 1 17  ? 15.494  -0.238  -2.833  1.00 17.85 ? 18  GLY A N   1 
ATOM   124  C  CA  . GLY A 1 17  ? 15.106  -0.987  -4.013  1.00 17.63 ? 18  GLY A CA  1 
ATOM   125  C  C   . GLY A 1 17  ? 13.729  -0.598  -4.512  1.00 16.71 ? 18  GLY A C   1 
ATOM   126  O  O   . GLY A 1 17  ? 12.994  0.132   -3.846  1.00 17.80 ? 18  GLY A O   1 
ATOM   127  N  N   . ARG A 1 18  ? 13.375  -1.100  -5.689  1.00 16.63 ? 19  ARG A N   1 
ATOM   128  C  CA  . ARG A 1 18  ? 12.084  -0.806  -6.293  1.00 13.91 ? 19  ARG A CA  1 
ATOM   129  C  C   . ARG A 1 18  ? 11.078  -1.943  -6.112  1.00 13.88 ? 19  ARG A C   1 
ATOM   130  O  O   . ARG A 1 18  ? 11.426  -3.122  -6.191  1.00 11.98 ? 19  ARG A O   1 
ATOM   131  C  CB  . ARG A 1 18  ? 12.270  -0.511  -7.786  1.00 15.39 ? 19  ARG A CB  1 
ATOM   132  C  CG  . ARG A 1 18  ? 10.971  -0.442  -8.579  1.00 16.44 ? 19  ARG A CG  1 
ATOM   133  C  CD  . ARG A 1 18  ? 11.191  0.088   -9.991  1.00 16.60 ? 19  ARG A CD  1 
ATOM   134  N  NE  . ARG A 1 18  ? 11.554  1.501   -9.991  1.00 16.45 ? 19  ARG A NE  1 
ATOM   135  C  CZ  . ARG A 1 18  ? 11.585  2.269   -11.076 1.00 19.08 ? 19  ARG A CZ  1 
ATOM   136  N  NH1 . ARG A 1 18  ? 11.275  1.765   -12.262 1.00 21.24 ? 19  ARG A NH1 1 
ATOM   137  N  NH2 . ARG A 1 18  ? 11.910  3.549   -10.974 1.00 19.75 ? 19  ARG A NH2 1 
ATOM   138  N  N   . VAL A 1 19  ? 9.828   -1.577  -5.853  1.00 12.91 ? 20  VAL A N   1 
ATOM   139  C  CA  . VAL A 1 19  ? 8.756   -2.552  -5.694  1.00 13.74 ? 20  VAL A CA  1 
ATOM   140  C  C   . VAL A 1 19  ? 7.678   -2.166  -6.703  1.00 13.23 ? 20  VAL A C   1 
ATOM   141  O  O   . VAL A 1 19  ? 7.277   -1.008  -6.768  1.00 13.83 ? 20  VAL A O   1 
ATOM   142  C  CB  . VAL A 1 19  ? 8.147   -2.511  -4.268  1.00 14.63 ? 20  VAL A CB  1 
ATOM   143  C  CG1 . VAL A 1 19  ? 7.081   -3.589  -4.125  1.00 11.22 ? 20  VAL A CG1 1 
ATOM   144  C  CG2 . VAL A 1 19  ? 9.239   -2.704  -3.229  1.00 13.49 ? 20  VAL A CG2 1 
ATOM   145  N  N   . SER A 1 20  ? 7.232   -3.124  -7.506  1.00 14.27 ? 21  SER A N   1 
ATOM   146  C  CA  . SER A 1 20  ? 6.197   -2.845  -8.498  1.00 13.53 ? 21  SER A CA  1 
ATOM   147  C  C   . SER A 1 20  ? 4.975   -3.695  -8.196  1.00 12.27 ? 21  SER A C   1 
ATOM   148  O  O   . SER A 1 20  ? 5.092   -4.791  -7.649  1.00 13.08 ? 21  SER A O   1 
ATOM   149  C  CB  . SER A 1 20  ? 6.698   -3.147  -9.915  1.00 15.11 ? 21  SER A CB  1 
ATOM   150  O  OG  . SER A 1 20  ? 6.896   -4.536  -10.102 1.00 18.13 ? 21  SER A OG  1 
ATOM   151  N  N   . PHE A 1 21  ? 3.806   -3.185  -8.552  1.00 12.32 ? 22  PHE A N   1 
ATOM   152  C  CA  . PHE A 1 21  ? 2.561   -3.896  -8.291  1.00 12.44 ? 22  PHE A CA  1 
ATOM   153  C  C   . PHE A 1 21  ? 1.684   -3.919  -9.523  1.00 11.98 ? 22  PHE A C   1 
ATOM   154  O  O   . PHE A 1 21  ? 1.747   -3.022  -10.359 1.00 10.77 ? 22  PHE A O   1 
ATOM   155  C  CB  . PHE A 1 21  ? 1.745   -3.190  -7.204  1.00 12.75 ? 22  PHE A CB  1 
ATOM   156  C  CG  . PHE A 1 21  ? 2.538   -2.775  -6.001  1.00 15.24 ? 22  PHE A CG  1 
ATOM   157  C  CD1 . PHE A 1 21  ? 2.622   -3.601  -4.887  1.00 14.20 ? 22  PHE A CD1 1 
ATOM   158  C  CD2 . PHE A 1 21  ? 3.166   -1.533  -5.967  1.00 15.67 ? 22  PHE A CD2 1 
ATOM   159  C  CE1 . PHE A 1 21  ? 3.320   -3.196  -3.752  1.00 14.72 ? 22  PHE A CE1 1 
ATOM   160  C  CE2 . PHE A 1 21  ? 3.866   -1.119  -4.837  1.00 14.38 ? 22  PHE A CE2 1 
ATOM   161  C  CZ  . PHE A 1 21  ? 3.942   -1.951  -3.728  1.00 15.20 ? 22  PHE A CZ  1 
ATOM   162  N  N   . GLU A 1 22  ? 0.865   -4.955  -9.628  1.00 11.31 ? 23  GLU A N   1 
ATOM   163  C  CA  . GLU A 1 22  ? -0.098  -5.034  -10.710 1.00 11.55 ? 23  GLU A CA  1 
ATOM   164  C  C   . GLU A 1 22  ? -1.363  -4.656  -9.959  1.00 12.21 ? 23  GLU A C   1 
ATOM   165  O  O   . GLU A 1 22  ? -1.563  -5.119  -8.840  1.00 11.15 ? 23  GLU A O   1 
ATOM   166  C  CB  . GLU A 1 22  ? -0.221  -6.460  -11.261 1.00 11.16 ? 23  GLU A CB  1 
ATOM   167  C  CG  . GLU A 1 22  ? -1.509  -6.686  -12.051 1.00 13.48 ? 23  GLU A CG  1 
ATOM   168  C  CD  . GLU A 1 22  ? -1.573  -8.041  -12.750 1.00 17.54 ? 23  GLU A CD  1 
ATOM   169  O  OE1 . GLU A 1 22  ? -0.744  -8.931  -12.458 1.00 17.13 ? 23  GLU A OE1 1 
ATOM   170  O  OE2 . GLU A 1 22  ? -2.473  -8.216  -13.597 1.00 18.59 ? 23  GLU A OE2 1 
ATOM   171  N  N   . LEU A 1 23  ? -2.183  -3.784  -10.541 1.00 10.69 ? 24  LEU A N   1 
ATOM   172  C  CA  . LEU A 1 23  ? -3.429  -3.366  -9.904  1.00 11.20 ? 24  LEU A CA  1 
ATOM   173  C  C   . LEU A 1 23  ? -4.564  -4.055  -10.652 1.00 11.82 ? 24  LEU A C   1 
ATOM   174  O  O   . LEU A 1 23  ? -4.704  -3.893  -11.862 1.00 12.09 ? 24  LEU A O   1 
ATOM   175  C  CB  . LEU A 1 23  ? -3.586  -1.843  -9.983  1.00 9.12  ? 24  LEU A CB  1 
ATOM   176  C  CG  . LEU A 1 23  ? -2.417  -1.049  -9.386  1.00 9.40  ? 24  LEU A CG  1 
ATOM   177  C  CD1 . LEU A 1 23  ? -2.695  0.451   -9.492  1.00 8.03  ? 24  LEU A CD1 1 
ATOM   178  C  CD2 . LEU A 1 23  ? -2.215  -1.456  -7.934  1.00 6.95  ? 24  LEU A CD2 1 
ATOM   179  N  N   . PHE A 1 24  ? -5.372  -4.823  -9.926  1.00 10.61 ? 25  PHE A N   1 
ATOM   180  C  CA  . PHE A 1 24  ? -6.462  -5.567  -10.546 1.00 11.00 ? 25  PHE A CA  1 
ATOM   181  C  C   . PHE A 1 24  ? -7.679  -4.722  -10.898 1.00 9.94  ? 25  PHE A C   1 
ATOM   182  O  O   . PHE A 1 24  ? -8.768  -4.914  -10.354 1.00 9.94  ? 25  PHE A O   1 
ATOM   183  C  CB  . PHE A 1 24  ? -6.851  -6.746  -9.646  1.00 9.79  ? 25  PHE A CB  1 
ATOM   184  C  CG  . PHE A 1 24  ? -5.682  -7.630  -9.287  1.00 10.28 ? 25  PHE A CG  1 
ATOM   185  C  CD1 . PHE A 1 24  ? -4.840  -8.125  -10.281 1.00 12.76 ? 25  PHE A CD1 1 
ATOM   186  C  CD2 . PHE A 1 24  ? -5.394  -7.931  -7.956  1.00 12.11 ? 25  PHE A CD2 1 
ATOM   187  C  CE1 . PHE A 1 24  ? -3.724  -8.901  -9.959  1.00 12.11 ? 25  PHE A CE1 1 
ATOM   188  C  CE2 . PHE A 1 24  ? -4.279  -8.709  -7.620  1.00 11.84 ? 25  PHE A CE2 1 
ATOM   189  C  CZ  . PHE A 1 24  ? -3.443  -9.193  -8.625  1.00 12.21 ? 25  PHE A CZ  1 
ATOM   190  N  N   . ALA A 1 25  ? -7.480  -3.792  -11.827 1.00 11.14 ? 26  ALA A N   1 
ATOM   191  C  CA  . ALA A 1 25  ? -8.545  -2.903  -12.281 1.00 11.25 ? 26  ALA A CA  1 
ATOM   192  C  C   . ALA A 1 25  ? -9.693  -3.693  -12.896 1.00 13.52 ? 26  ALA A C   1 
ATOM   193  O  O   . ALA A 1 25  ? -10.832 -3.226  -12.927 1.00 13.32 ? 26  ALA A O   1 
ATOM   194  C  CB  . ALA A 1 25  ? -7.996  -1.904  -13.300 1.00 10.58 ? 26  ALA A CB  1 
ATOM   195  N  N   . ASP A 1 26  ? -9.397  -4.894  -13.384 1.00 14.15 ? 27  ASP A N   1 
ATOM   196  C  CA  . ASP A 1 26  ? -10.425 -5.722  -14.004 1.00 15.55 ? 27  ASP A CA  1 
ATOM   197  C  C   . ASP A 1 26  ? -11.448 -6.241  -12.990 1.00 15.09 ? 27  ASP A C   1 
ATOM   198  O  O   . ASP A 1 26  ? -12.572 -6.575  -13.358 1.00 15.32 ? 27  ASP A O   1 
ATOM   199  C  CB  . ASP A 1 26  ? -9.780  -6.894  -14.757 1.00 17.84 ? 27  ASP A CB  1 
ATOM   200  C  CG  . ASP A 1 26  ? -9.026  -7.837  -13.844 1.00 21.93 ? 27  ASP A CG  1 
ATOM   201  O  OD1 . ASP A 1 26  ? -8.277  -7.357  -12.968 1.00 23.22 ? 27  ASP A OD1 1 
ATOM   202  O  OD2 . ASP A 1 26  ? -9.174  -9.065  -14.010 1.00 27.64 ? 27  ASP A OD2 1 
ATOM   203  N  N   . LYS A 1 27  ? -11.059 -6.288  -11.718 1.00 13.34 ? 28  LYS A N   1 
ATOM   204  C  CA  . LYS A 1 27  ? -11.938 -6.765  -10.653 1.00 12.17 ? 28  LYS A CA  1 
ATOM   205  C  C   . LYS A 1 27  ? -12.361 -5.675  -9.664  1.00 12.47 ? 28  LYS A C   1 
ATOM   206  O  O   . LYS A 1 27  ? -13.444 -5.751  -9.088  1.00 10.98 ? 28  LYS A O   1 
ATOM   207  C  CB  . LYS A 1 27  ? -11.267 -7.915  -9.901  1.00 15.19 ? 28  LYS A CB  1 
ATOM   208  C  CG  . LYS A 1 27  ? -11.145 -9.196  -10.721 1.00 19.31 ? 28  LYS A CG  1 
ATOM   209  C  CD  . LYS A 1 27  ? -10.372 -10.264 -9.964  1.00 22.34 ? 28  LYS A CD  1 
ATOM   210  C  CE  . LYS A 1 27  ? -10.437 -11.610 -10.675 1.00 22.83 ? 28  LYS A CE  1 
ATOM   211  N  NZ  . LYS A 1 27  ? -9.973  -11.518 -12.080 1.00 27.27 ? 28  LYS A NZ  1 
ATOM   212  N  N   . VAL A 1 28  ? -11.499 -4.680  -9.450  1.00 10.46 ? 29  VAL A N   1 
ATOM   213  C  CA  . VAL A 1 28  ? -11.804 -3.559  -8.553  1.00 10.41 ? 29  VAL A CA  1 
ATOM   214  C  C   . VAL A 1 28  ? -11.293 -2.256  -9.172  1.00 10.53 ? 29  VAL A C   1 
ATOM   215  O  O   . VAL A 1 28  ? -10.360 -1.640  -8.661  1.00 10.53 ? 29  VAL A O   1 
ATOM   216  C  CB  . VAL A 1 28  ? -11.150 -3.719  -7.153  1.00 11.08 ? 29  VAL A CB  1 
ATOM   217  C  CG1 . VAL A 1 28  ? -12.069 -4.494  -6.226  1.00 12.60 ? 29  VAL A CG1 1 
ATOM   218  C  CG2 . VAL A 1 28  ? -9.811  -4.425  -7.273  1.00 11.69 ? 29  VAL A CG2 1 
ATOM   219  N  N   . PRO A 1 29  ? -11.913 -1.815  -10.281 1.00 10.63 ? 30  PRO A N   1 
ATOM   220  C  CA  . PRO A 1 29  ? -11.512 -0.583  -10.974 1.00 9.43  ? 30  PRO A CA  1 
ATOM   221  C  C   . PRO A 1 29  ? -11.414 0.698   -10.146 1.00 8.77  ? 30  PRO A C   1 
ATOM   222  O  O   . PRO A 1 29  ? -10.422 1.423   -10.251 1.00 8.34  ? 30  PRO A O   1 
ATOM   223  C  CB  . PRO A 1 29  ? -12.534 -0.472  -12.101 1.00 8.52  ? 30  PRO A CB  1 
ATOM   224  C  CG  . PRO A 1 29  ? -13.746 -1.150  -11.534 1.00 9.19  ? 30  PRO A CG  1 
ATOM   225  C  CD  . PRO A 1 29  ? -13.143 -2.369  -10.878 1.00 8.56  ? 30  PRO A CD  1 
ATOM   226  N  N   . LYS A 1 30  ? -12.426 0.983   -9.329  1.00 7.82  ? 31  LYS A N   1 
ATOM   227  C  CA  . LYS A 1 30  ? -12.411 2.196   -8.517  1.00 10.01 ? 31  LYS A CA  1 
ATOM   228  C  C   . LYS A 1 30  ? -11.259 2.213   -7.522  1.00 9.26  ? 31  LYS A C   1 
ATOM   229  O  O   . LYS A 1 30  ? -10.587 3.227   -7.357  1.00 7.93  ? 31  LYS A O   1 
ATOM   230  C  CB  . LYS A 1 30  ? -13.723 2.368   -7.742  1.00 14.39 ? 31  LYS A CB  1 
ATOM   231  C  CG  . LYS A 1 30  ? -14.884 2.910   -8.562  1.00 21.12 ? 31  LYS A CG  1 
ATOM   232  C  CD  . LYS A 1 30  ? -15.978 3.489   -7.660  1.00 22.60 ? 31  LYS A CD  1 
ATOM   233  C  CE  . LYS A 1 30  ? -15.449 4.652   -6.823  1.00 25.44 ? 31  LYS A CE  1 
ATOM   234  N  NZ  . LYS A 1 30  ? -16.504 5.323   -6.009  1.00 25.81 ? 31  LYS A NZ  1 
ATOM   235  N  N   . THR A 1 31  ? -11.042 1.085   -6.855  1.00 9.17  ? 32  THR A N   1 
ATOM   236  C  CA  . THR A 1 31  ? -9.982  0.991   -5.860  1.00 8.47  ? 32  THR A CA  1 
ATOM   237  C  C   . THR A 1 31  ? -8.609  1.022   -6.528  1.00 8.15  ? 32  THR A C   1 
ATOM   238  O  O   . THR A 1 31  ? -7.679  1.659   -6.033  1.00 7.82  ? 32  THR A O   1 
ATOM   239  C  CB  . THR A 1 31  ? -10.133 -0.293  -5.025  1.00 8.01  ? 32  THR A CB  1 
ATOM   240  O  OG1 . THR A 1 31  ? -11.453 -0.347  -4.461  1.00 6.71  ? 32  THR A OG1 1 
ATOM   241  C  CG2 . THR A 1 31  ? -9.117  -0.307  -3.895  1.00 8.16  ? 32  THR A CG2 1 
ATOM   242  N  N   . ALA A 1 32  ? -8.488  0.335   -7.658  1.00 7.66  ? 33  ALA A N   1 
ATOM   243  C  CA  . ALA A 1 32  ? -7.229  0.305   -8.394  1.00 8.71  ? 33  ALA A CA  1 
ATOM   244  C  C   . ALA A 1 32  ? -6.889  1.706   -8.910  1.00 9.24  ? 33  ALA A C   1 
ATOM   245  O  O   . ALA A 1 32  ? -5.745  2.150   -8.825  1.00 9.28  ? 33  ALA A O   1 
ATOM   246  C  CB  . ALA A 1 32  ? -7.334  -0.669  -9.559  1.00 7.59  ? 33  ALA A CB  1 
ATOM   247  N  N   . GLU A 1 33  ? -7.894  2.395   -9.441  1.00 9.92  ? 34  GLU A N   1 
ATOM   248  C  CA  . GLU A 1 33  ? -7.718  3.745   -9.984  1.00 10.08 ? 34  GLU A CA  1 
ATOM   249  C  C   . GLU A 1 33  ? -7.257  4.742   -8.920  1.00 9.61  ? 34  GLU A C   1 
ATOM   250  O  O   . GLU A 1 33  ? -6.444  5.625   -9.198  1.00 9.85  ? 34  GLU A O   1 
ATOM   251  C  CB  . GLU A 1 33  ? -9.032  4.218   -10.613 1.00 11.16 ? 34  GLU A CB  1 
ATOM   252  C  CG  . GLU A 1 33  ? -9.032  5.650   -11.151 1.00 13.20 ? 34  GLU A CG  1 
ATOM   253  C  CD  . GLU A 1 33  ? -7.876  5.949   -12.095 1.00 12.55 ? 34  GLU A CD  1 
ATOM   254  O  OE1 . GLU A 1 33  ? -7.363  5.018   -12.750 1.00 12.86 ? 34  GLU A OE1 1 
ATOM   255  O  OE2 . GLU A 1 33  ? -7.489  7.135   -12.189 1.00 13.52 ? 34  GLU A OE2 1 
ATOM   256  N  N   . ASN A 1 34  ? -7.783  4.604   -7.708  1.00 9.57  ? 35  ASN A N   1 
ATOM   257  C  CA  . ASN A 1 34  ? -7.408  5.482   -6.603  1.00 8.96  ? 35  ASN A CA  1 
ATOM   258  C  C   . ASN A 1 34  ? -5.916  5.320   -6.316  1.00 10.29 ? 35  ASN A C   1 
ATOM   259  O  O   . ASN A 1 34  ? -5.168  6.296   -6.255  1.00 9.78  ? 35  ASN A O   1 
ATOM   260  C  CB  . ASN A 1 34  ? -8.226  5.131   -5.351  1.00 8.60  ? 35  ASN A CB  1 
ATOM   261  C  CG  . ASN A 1 34  ? -7.836  5.969   -4.127  1.00 11.80 ? 35  ASN A CG  1 
ATOM   262  O  OD1 . ASN A 1 34  ? -7.931  7.198   -4.137  1.00 11.03 ? 35  ASN A OD1 1 
ATOM   263  N  ND2 . ASN A 1 34  ? -7.404  5.297   -3.068  1.00 8.80  ? 35  ASN A ND2 1 
ATOM   264  N  N   . PHE A 1 35  ? -5.480  4.075   -6.158  1.00 8.89  ? 36  PHE A N   1 
ATOM   265  C  CA  . PHE A 1 35  ? -4.080  3.799   -5.871  1.00 8.52  ? 36  PHE A CA  1 
ATOM   266  C  C   . PHE A 1 35  ? -3.173  4.265   -7.015  1.00 8.53  ? 36  PHE A C   1 
ATOM   267  O  O   . PHE A 1 35  ? -2.109  4.835   -6.777  1.00 7.56  ? 36  PHE A O   1 
ATOM   268  C  CB  . PHE A 1 35  ? -3.889  2.301   -5.628  1.00 8.80  ? 36  PHE A CB  1 
ATOM   269  C  CG  . PHE A 1 35  ? -2.523  1.936   -5.121  1.00 9.53  ? 36  PHE A CG  1 
ATOM   270  C  CD1 . PHE A 1 35  ? -2.224  2.016   -3.763  1.00 10.42 ? 36  PHE A CD1 1 
ATOM   271  C  CD2 . PHE A 1 35  ? -1.542  1.487   -5.997  1.00 8.78  ? 36  PHE A CD2 1 
ATOM   272  C  CE1 . PHE A 1 35  ? -0.962  1.646   -3.284  1.00 10.47 ? 36  PHE A CE1 1 
ATOM   273  C  CE2 . PHE A 1 35  ? -0.278  1.117   -5.532  1.00 10.13 ? 36  PHE A CE2 1 
ATOM   274  C  CZ  . PHE A 1 35  ? 0.013   1.194   -4.173  1.00 7.61  ? 36  PHE A CZ  1 
ATOM   275  N  N   . ARG A 1 36  ? -3.599  4.023   -8.252  1.00 8.72  ? 37  ARG A N   1 
ATOM   276  C  CA  . ARG A 1 36  ? -2.816  4.414   -9.425  1.00 8.61  ? 37  ARG A CA  1 
ATOM   277  C  C   . ARG A 1 36  ? -2.599  5.925   -9.479  1.00 9.61  ? 37  ARG A C   1 
ATOM   278  O  O   . ARG A 1 36  ? -1.469  6.391   -9.623  1.00 11.16 ? 37  ARG A O   1 
ATOM   279  C  CB  . ARG A 1 36  ? -3.507  3.961   -10.713 1.00 9.78  ? 37  ARG A CB  1 
ATOM   280  C  CG  . ARG A 1 36  ? -2.686  4.207   -11.977 1.00 10.43 ? 37  ARG A CG  1 
ATOM   281  C  CD  . ARG A 1 36  ? -3.578  4.262   -13.208 1.00 10.69 ? 37  ARG A CD  1 
ATOM   282  N  NE  . ARG A 1 36  ? -4.455  5.429   -13.176 1.00 13.69 ? 37  ARG A NE  1 
ATOM   283  C  CZ  . ARG A 1 36  ? -4.046  6.683   -13.356 1.00 15.50 ? 37  ARG A CZ  1 
ATOM   284  N  NH1 . ARG A 1 36  ? -2.763  6.943   -13.588 1.00 16.01 ? 37  ARG A NH1 1 
ATOM   285  N  NH2 . ARG A 1 36  ? -4.918  7.681   -13.299 1.00 16.06 ? 37  ARG A NH2 1 
ATOM   286  N  N   . ALA A 1 37  ? -3.685  6.687   -9.355  1.00 10.07 ? 38  ALA A N   1 
ATOM   287  C  CA  . ALA A 1 37  ? -3.602  8.143   -9.398  1.00 9.42  ? 38  ALA A CA  1 
ATOM   288  C  C   . ALA A 1 37  ? -2.745  8.694   -8.259  1.00 10.88 ? 38  ALA A C   1 
ATOM   289  O  O   . ALA A 1 37  ? -1.988  9.650   -8.443  1.00 10.93 ? 38  ALA A O   1 
ATOM   290  C  CB  . ALA A 1 37  ? -5.005  8.750   -9.339  1.00 10.06 ? 38  ALA A CB  1 
ATOM   291  N  N   . LEU A 1 38  ? -2.863  8.096   -7.081  1.00 10.28 ? 39  LEU A N   1 
ATOM   292  C  CA  . LEU A 1 38  ? -2.085  8.548   -5.937  1.00 10.60 ? 39  LEU A CA  1 
ATOM   293  C  C   . LEU A 1 38  ? -0.597  8.275   -6.142  1.00 10.64 ? 39  LEU A C   1 
ATOM   294  O  O   . LEU A 1 38  ? 0.258   8.971   -5.585  1.00 10.99 ? 39  LEU A O   1 
ATOM   295  C  CB  . LEU A 1 38  ? -2.585  7.861   -4.667  1.00 10.79 ? 39  LEU A CB  1 
ATOM   296  C  CG  . LEU A 1 38  ? -3.996  8.305   -4.256  1.00 12.50 ? 39  LEU A CG  1 
ATOM   297  C  CD1 . LEU A 1 38  ? -4.477  7.492   -3.058  1.00 10.79 ? 39  LEU A CD1 1 
ATOM   298  C  CD2 . LEU A 1 38  ? -3.977  9.792   -3.923  1.00 12.74 ? 39  LEU A CD2 1 
ATOM   299  N  N   . SER A 1 39  ? -0.301  7.261   -6.951  1.00 9.11  ? 40  SER A N   1 
ATOM   300  C  CA  . SER A 1 39  ? 1.074   6.880   -7.245  1.00 10.90 ? 40  SER A CA  1 
ATOM   301  C  C   . SER A 1 39  ? 1.700   7.793   -8.294  1.00 11.63 ? 40  SER A C   1 
ATOM   302  O  O   . SER A 1 39  ? 2.901   8.054   -8.249  1.00 12.60 ? 40  SER A O   1 
ATOM   303  C  CB  . SER A 1 39  ? 1.136   5.426   -7.729  1.00 11.02 ? 40  SER A CB  1 
ATOM   304  O  OG  . SER A 1 39  ? 0.717   4.522   -6.719  1.00 10.99 ? 40  SER A OG  1 
ATOM   305  N  N   . THR A 1 40  ? 0.900   8.272   -9.244  1.00 13.16 ? 41  THR A N   1 
ATOM   306  C  CA  . THR A 1 40  ? 1.428   9.166   -10.270 1.00 14.76 ? 41  THR A CA  1 
ATOM   307  C  C   . THR A 1 40  ? 1.552   10.579  -9.708  1.00 15.94 ? 41  THR A C   1 
ATOM   308  O  O   . THR A 1 40  ? 2.435   11.331  -10.105 1.00 17.43 ? 41  THR A O   1 
ATOM   309  C  CB  . THR A 1 40  ? 0.520   9.246   -11.514 1.00 13.25 ? 41  THR A CB  1 
ATOM   310  O  OG1 . THR A 1 40  ? -0.724  9.857   -11.154 1.00 12.89 ? 41  THR A OG1 1 
ATOM   311  C  CG2 . THR A 1 40  ? 0.266   7.860   -12.094 1.00 12.86 ? 41  THR A CG2 1 
ATOM   312  N  N   . GLY A 1 41  ? 0.660   10.930  -8.784  1.00 17.03 ? 42  GLY A N   1 
ATOM   313  C  CA  . GLY A 1 41  ? 0.676   12.258  -8.195  1.00 16.96 ? 42  GLY A CA  1 
ATOM   314  C  C   . GLY A 1 41  ? 0.007   13.271  -9.107  1.00 18.22 ? 42  GLY A C   1 
ATOM   315  O  O   . GLY A 1 41  ? 0.179   14.478  -8.946  1.00 16.75 ? 42  GLY A O   1 
ATOM   316  N  N   . GLU A 1 42  ? -0.781  12.778  -10.060 1.00 16.92 ? 43  GLU A N   1 
ATOM   317  C  CA  . GLU A 1 42  ? -1.460  13.643  -11.019 1.00 17.23 ? 43  GLU A CA  1 
ATOM   318  C  C   . GLU A 1 42  ? -2.517  14.574  -10.414 1.00 18.49 ? 43  GLU A C   1 
ATOM   319  O  O   . GLU A 1 42  ? -2.881  15.582  -11.024 1.00 16.75 ? 43  GLU A O   1 
ATOM   320  C  CB  . GLU A 1 42  ? -2.097  12.782  -12.110 1.00 18.91 ? 43  GLU A CB  1 
ATOM   321  C  CG  . GLU A 1 42  ? -3.182  11.858  -11.600 1.00 19.46 ? 43  GLU A CG  1 
ATOM   322  C  CD  . GLU A 1 42  ? -3.570  10.810  -12.620 1.00 21.53 ? 43  GLU A CD  1 
ATOM   323  O  OE1 . GLU A 1 42  ? -2.738  9.917   -12.901 1.00 19.10 ? 43  GLU A OE1 1 
ATOM   324  O  OE2 . GLU A 1 42  ? -4.702  10.887  -13.140 1.00 19.82 ? 43  GLU A OE2 1 
ATOM   325  N  N   . LYS A 1 43  ? -3.006  14.241  -9.223  1.00 18.46 ? 44  LYS A N   1 
ATOM   326  C  CA  . LYS A 1 43  ? -4.020  15.056  -8.561  1.00 19.75 ? 44  LYS A CA  1 
ATOM   327  C  C   . LYS A 1 43  ? -3.409  16.178  -7.721  1.00 20.11 ? 44  LYS A C   1 
ATOM   328  O  O   . LYS A 1 43  ? -4.127  17.027  -7.191  1.00 20.46 ? 44  LYS A O   1 
ATOM   329  C  CB  . LYS A 1 43  ? -4.903  14.181  -7.663  1.00 20.75 ? 44  LYS A CB  1 
ATOM   330  C  CG  . LYS A 1 43  ? -5.633  13.061  -8.387  1.00 23.06 ? 44  LYS A CG  1 
ATOM   331  C  CD  . LYS A 1 43  ? -6.625  13.596  -9.408  1.00 23.94 ? 44  LYS A CD  1 
ATOM   332  C  CE  . LYS A 1 43  ? -7.307  12.455  -10.156 1.00 26.57 ? 44  LYS A CE  1 
ATOM   333  N  NZ  . LYS A 1 43  ? -8.184  12.948  -11.255 1.00 28.79 ? 44  LYS A NZ  1 
ATOM   334  N  N   . GLY A 1 44  ? -2.086  16.179  -7.596  1.00 19.44 ? 45  GLY A N   1 
ATOM   335  C  CA  . GLY A 1 44  ? -1.436  17.212  -6.811  1.00 20.73 ? 45  GLY A CA  1 
ATOM   336  C  C   . GLY A 1 44  ? -1.139  16.748  -5.398  1.00 20.12 ? 45  GLY A C   1 
ATOM   337  O  O   . GLY A 1 44  ? -0.696  17.525  -4.557  1.00 21.63 ? 45  GLY A O   1 
ATOM   338  N  N   . PHE A 1 45  ? -1.416  15.476  -5.135  1.00 19.04 ? 46  PHE A N   1 
ATOM   339  C  CA  . PHE A 1 45  ? -1.155  14.876  -3.834  1.00 17.14 ? 46  PHE A CA  1 
ATOM   340  C  C   . PHE A 1 45  ? -1.058  13.376  -4.028  1.00 17.08 ? 46  PHE A C   1 
ATOM   341  O  O   . PHE A 1 45  ? -1.651  12.826  -4.956  1.00 17.62 ? 46  PHE A O   1 
ATOM   342  C  CB  . PHE A 1 45  ? -2.255  15.242  -2.819  1.00 16.91 ? 46  PHE A CB  1 
ATOM   343  C  CG  . PHE A 1 45  ? -3.650  14.847  -3.234  1.00 17.49 ? 46  PHE A CG  1 
ATOM   344  C  CD1 . PHE A 1 45  ? -4.105  13.542  -3.066  1.00 15.85 ? 46  PHE A CD1 1 
ATOM   345  C  CD2 . PHE A 1 45  ? -4.523  15.799  -3.760  1.00 15.85 ? 46  PHE A CD2 1 
ATOM   346  C  CE1 . PHE A 1 45  ? -5.410  13.190  -3.412  1.00 15.95 ? 46  PHE A CE1 1 
ATOM   347  C  CE2 . PHE A 1 45  ? -5.828  15.459  -4.109  1.00 16.02 ? 46  PHE A CE2 1 
ATOM   348  C  CZ  . PHE A 1 45  ? -6.274  14.150  -3.933  1.00 17.84 ? 46  PHE A CZ  1 
ATOM   349  N  N   . GLY A 1 46  ? -0.287  12.712  -3.178  1.00 16.59 ? 47  GLY A N   1 
ATOM   350  C  CA  . GLY A 1 46  ? -0.151  11.277  -3.323  1.00 14.77 ? 47  GLY A CA  1 
ATOM   351  C  C   . GLY A 1 46  ? 0.910   10.646  -2.448  1.00 12.91 ? 47  GLY A C   1 
ATOM   352  O  O   . GLY A 1 46  ? 1.318   11.215  -1.436  1.00 12.37 ? 47  GLY A O   1 
ATOM   353  N  N   . TYR A 1 47  ? 1.369   9.471   -2.866  1.00 11.31 ? 48  TYR A N   1 
ATOM   354  C  CA  . TYR A 1 47  ? 2.358   8.705   -2.116  1.00 10.93 ? 48  TYR A CA  1 
ATOM   355  C  C   . TYR A 1 47  ? 3.803   9.183   -2.163  1.00 11.44 ? 48  TYR A C   1 
ATOM   356  O  O   . TYR A 1 47  ? 4.577   8.881   -1.257  1.00 10.45 ? 48  TYR A O   1 
ATOM   357  C  CB  . TYR A 1 47  ? 2.312   7.243   -2.561  1.00 10.40 ? 48  TYR A CB  1 
ATOM   358  C  CG  . TYR A 1 47  ? 0.954   6.594   -2.396  1.00 9.47  ? 48  TYR A CG  1 
ATOM   359  C  CD1 . TYR A 1 47  ? 0.234   6.737   -1.210  1.00 9.93  ? 48  TYR A CD1 1 
ATOM   360  C  CD2 . TYR A 1 47  ? 0.402   5.818   -3.415  1.00 10.09 ? 48  TYR A CD2 1 
ATOM   361  C  CE1 . TYR A 1 47  ? -1.002  6.121   -1.036  1.00 8.90  ? 48  TYR A CE1 1 
ATOM   362  C  CE2 . TYR A 1 47  ? -0.838  5.189   -3.253  1.00 8.88  ? 48  TYR A CE2 1 
ATOM   363  C  CZ  . TYR A 1 47  ? -1.532  5.346   -2.057  1.00 9.53  ? 48  TYR A CZ  1 
ATOM   364  O  OH  . TYR A 1 47  ? -2.733  4.706   -1.860  1.00 6.52  ? 48  TYR A OH  1 
ATOM   365  N  N   . LYS A 1 48  ? 4.178   9.914   -3.204  1.00 12.65 ? 49  LYS A N   1 
ATOM   366  C  CA  . LYS A 1 48  ? 5.561   10.367  -3.316  1.00 15.00 ? 49  LYS A CA  1 
ATOM   367  C  C   . LYS A 1 48  ? 6.033   11.107  -2.069  1.00 14.96 ? 49  LYS A C   1 
ATOM   368  O  O   . LYS A 1 48  ? 5.479   12.139  -1.700  1.00 15.10 ? 49  LYS A O   1 
ATOM   369  C  CB  . LYS A 1 48  ? 5.742   11.263  -4.545  1.00 15.79 ? 49  LYS A CB  1 
ATOM   370  C  CG  . LYS A 1 48  ? 7.208   11.568  -4.850  1.00 20.06 ? 49  LYS A CG  1 
ATOM   371  C  CD  . LYS A 1 48  ? 7.362   12.344  -6.146  1.00 23.50 ? 49  LYS A CD  1 
ATOM   372  C  CE  . LYS A 1 48  ? 8.821   12.427  -6.567  1.00 24.68 ? 49  LYS A CE  1 
ATOM   373  N  NZ  . LYS A 1 48  ? 9.664   13.069  -5.524  1.00 29.24 ? 49  LYS A NZ  1 
ATOM   374  N  N   . GLY A 1 49  ? 7.055   10.560  -1.418  1.00 15.88 ? 50  GLY A N   1 
ATOM   375  C  CA  . GLY A 1 49  ? 7.593   11.192  -0.226  1.00 15.75 ? 50  GLY A CA  1 
ATOM   376  C  C   . GLY A 1 49  ? 7.002   10.717  1.088   1.00 16.26 ? 50  GLY A C   1 
ATOM   377  O  O   . GLY A 1 49  ? 7.524   11.061  2.148   1.00 15.39 ? 50  GLY A O   1 
ATOM   378  N  N   . SER A 1 50  ? 5.916   9.947   1.035   1.00 13.20 ? 51  SER A N   1 
ATOM   379  C  CA  . SER A 1 50  ? 5.295   9.445   2.257   1.00 12.71 ? 51  SER A CA  1 
ATOM   380  C  C   . SER A 1 50  ? 6.131   8.297   2.821   1.00 12.11 ? 51  SER A C   1 
ATOM   381  O  O   . SER A 1 50  ? 7.097   7.860   2.201   1.00 11.93 ? 51  SER A O   1 
ATOM   382  C  CB  . SER A 1 50  ? 3.864   8.965   1.981   1.00 12.25 ? 51  SER A CB  1 
ATOM   383  O  OG  . SER A 1 50  ? 3.847   7.881   1.071   1.00 15.40 ? 51  SER A OG  1 
ATOM   384  N  N   . CYS A 1 51  ? 5.751   7.800   3.992   1.00 11.72 ? 52  CYS A N   1 
ATOM   385  C  CA  . CYS A 1 51  ? 6.505   6.726   4.624   1.00 13.43 ? 52  CYS A CA  1 
ATOM   386  C  C   . CYS A 1 51  ? 5.651   5.529   5.020   1.00 11.44 ? 52  CYS A C   1 
ATOM   387  O  O   . CYS A 1 51  ? 4.422   5.595   5.018   1.00 11.20 ? 52  CYS A O   1 
ATOM   388  C  CB  . CYS A 1 51  ? 7.186   7.261   5.883   1.00 16.37 ? 52  CYS A CB  1 
ATOM   389  S  SG  . CYS A 1 51  ? 6.011   7.658   7.220   1.00 22.46 ? 52  CYS A SG  1 
ATOM   390  N  N   . PHE A 1 52  ? 6.320   4.428   5.345   1.00 10.76 ? 53  PHE A N   1 
ATOM   391  C  CA  . PHE A 1 52  ? 5.636   3.238   5.827   1.00 9.93  ? 53  PHE A CA  1 
ATOM   392  C  C   . PHE A 1 52  ? 5.787   3.394   7.337   1.00 10.67 ? 53  PHE A C   1 
ATOM   393  O  O   . PHE A 1 52  ? 6.855   3.136   7.899   1.00 10.49 ? 53  PHE A O   1 
ATOM   394  C  CB  . PHE A 1 52  ? 6.317   1.954   5.329   1.00 7.49  ? 53  PHE A CB  1 
ATOM   395  C  CG  . PHE A 1 52  ? 5.895   1.540   3.936   1.00 8.50  ? 53  PHE A CG  1 
ATOM   396  C  CD1 . PHE A 1 52  ? 6.442   2.157   2.812   1.00 7.44  ? 53  PHE A CD1 1 
ATOM   397  C  CD2 . PHE A 1 52  ? 4.934   0.542   3.754   1.00 3.84  ? 53  PHE A CD2 1 
ATOM   398  C  CE1 . PHE A 1 52  ? 6.041   1.784   1.524   1.00 8.92  ? 53  PHE A CE1 1 
ATOM   399  C  CE2 . PHE A 1 52  ? 4.524   0.160   2.470   1.00 6.00  ? 53  PHE A CE2 1 
ATOM   400  C  CZ  . PHE A 1 52  ? 5.076   0.781   1.354   1.00 7.58  ? 53  PHE A CZ  1 
ATOM   401  N  N   . HIS A 1 53  ? 4.716   3.842   7.984   1.00 10.66 ? 54  HIS A N   1 
ATOM   402  C  CA  . HIS A 1 53  ? 4.728   4.094   9.419   1.00 10.20 ? 54  HIS A CA  1 
ATOM   403  C  C   . HIS A 1 53  ? 4.485   2.883   10.309  1.00 9.77  ? 54  HIS A C   1 
ATOM   404  O  O   . HIS A 1 53  ? 4.760   2.934   11.502  1.00 9.78  ? 54  HIS A O   1 
ATOM   405  C  CB  . HIS A 1 53  ? 3.690   5.165   9.765   1.00 11.73 ? 54  HIS A CB  1 
ATOM   406  C  CG  . HIS A 1 53  ? 2.273   4.700   9.626   1.00 9.68  ? 54  HIS A CG  1 
ATOM   407  N  ND1 . HIS A 1 53  ? 1.627   4.635   8.411   1.00 10.49 ? 54  HIS A ND1 1 
ATOM   408  C  CD2 . HIS A 1 53  ? 1.389   4.247   10.547  1.00 10.49 ? 54  HIS A CD2 1 
ATOM   409  C  CE1 . HIS A 1 53  ? 0.406   4.160   8.588   1.00 10.73 ? 54  HIS A CE1 1 
ATOM   410  N  NE2 . HIS A 1 53  ? 0.237   3.916   9.875   1.00 10.19 ? 54  HIS A NE2 1 
ATOM   411  N  N   . ARG A 1 54  ? 3.980   1.798   9.736   1.00 11.21 ? 55  ARG A N   1 
ATOM   412  C  CA  . ARG A 1 54  ? 3.682   0.602   10.515  1.00 9.80  ? 55  ARG A CA  1 
ATOM   413  C  C   . ARG A 1 54  ? 4.147   -0.662  9.804   1.00 10.92 ? 55  ARG A C   1 
ATOM   414  O  O   . ARG A 1 54  ? 3.521   -1.119  8.845   1.00 10.68 ? 55  ARG A O   1 
ATOM   415  C  CB  . ARG A 1 54  ? 2.178   0.537   10.766  1.00 9.65  ? 55  ARG A CB  1 
ATOM   416  C  CG  . ARG A 1 54  ? 1.720   -0.567  11.692  1.00 11.90 ? 55  ARG A CG  1 
ATOM   417  C  CD  . ARG A 1 54  ? 0.204   -0.659  11.637  1.00 11.38 ? 55  ARG A CD  1 
ATOM   418  N  NE  . ARG A 1 54  ? -0.326  -1.665  12.548  1.00 12.62 ? 55  ARG A NE  1 
ATOM   419  C  CZ  . ARG A 1 54  ? -1.363  -2.446  12.266  1.00 10.87 ? 55  ARG A CZ  1 
ATOM   420  N  NH1 . ARG A 1 54  ? -1.978  -2.338  11.095  1.00 12.38 ? 55  ARG A NH1 1 
ATOM   421  N  NH2 . ARG A 1 54  ? -1.780  -3.337  13.153  1.00 12.24 ? 55  ARG A NH2 1 
ATOM   422  N  N   . ILE A 1 55  ? 5.250   -1.226  10.286  1.00 10.76 ? 56  ILE A N   1 
ATOM   423  C  CA  . ILE A 1 55  ? 5.810   -2.436  9.703   1.00 10.37 ? 56  ILE A CA  1 
ATOM   424  C  C   . ILE A 1 55  ? 5.897   -3.516  10.774  1.00 11.59 ? 56  ILE A C   1 
ATOM   425  O  O   . ILE A 1 55  ? 6.597   -3.363  11.778  1.00 12.69 ? 56  ILE A O   1 
ATOM   426  C  CB  . ILE A 1 55  ? 7.212   -2.163  9.105   1.00 10.23 ? 56  ILE A CB  1 
ATOM   427  C  CG1 . ILE A 1 55  ? 7.104   -1.083  8.026   1.00 8.83  ? 56  ILE A CG1 1 
ATOM   428  C  CG2 . ILE A 1 55  ? 7.798   -3.444  8.516   1.00 10.72 ? 56  ILE A CG2 1 
ATOM   429  C  CD1 . ILE A 1 55  ? 8.413   -0.786  7.303   1.00 9.56  ? 56  ILE A CD1 1 
ATOM   430  N  N   . ILE A 1 56  ? 5.166   -4.603  10.553  1.00 11.28 ? 57  ILE A N   1 
ATOM   431  C  CA  . ILE A 1 56  ? 5.133   -5.717  11.491  1.00 11.59 ? 57  ILE A CA  1 
ATOM   432  C  C   . ILE A 1 56  ? 5.655   -6.981  10.812  1.00 11.81 ? 57  ILE A C   1 
ATOM   433  O  O   . ILE A 1 56  ? 4.958   -7.603  10.009  1.00 10.72 ? 57  ILE A O   1 
ATOM   434  C  CB  . ILE A 1 56  ? 3.689   -5.943  12.006  1.00 12.07 ? 57  ILE A CB  1 
ATOM   435  C  CG1 . ILE A 1 56  ? 3.203   -4.673  12.714  1.00 11.96 ? 57  ILE A CG1 1 
ATOM   436  C  CG2 . ILE A 1 56  ? 3.642   -7.155  12.944  1.00 14.70 ? 57  ILE A CG2 1 
ATOM   437  C  CD1 . ILE A 1 56  ? 1.806   -4.765  13.301  1.00 12.41 ? 57  ILE A CD1 1 
ATOM   438  N  N   . PRO A 1 57  ? 6.903   -7.371  11.124  1.00 12.59 ? 58  PRO A N   1 
ATOM   439  C  CA  . PRO A 1 57  ? 7.502   -8.569  10.528  1.00 12.54 ? 58  PRO A CA  1 
ATOM   440  C  C   . PRO A 1 57  ? 6.580   -9.782  10.606  1.00 11.76 ? 58  PRO A C   1 
ATOM   441  O  O   . PRO A 1 57  ? 5.944   -10.024 11.632  1.00 12.68 ? 58  PRO A O   1 
ATOM   442  C  CB  . PRO A 1 57  ? 8.782   -8.754  11.342  1.00 13.58 ? 58  PRO A CB  1 
ATOM   443  C  CG  . PRO A 1 57  ? 9.168   -7.349  11.665  1.00 12.15 ? 58  PRO A CG  1 
ATOM   444  C  CD  . PRO A 1 57  ? 7.838   -6.735  12.067  1.00 13.08 ? 58  PRO A CD  1 
ATOM   445  N  N   . GLY A 1 58  ? 6.505   -10.530 9.510   1.00 11.28 ? 59  GLY A N   1 
ATOM   446  C  CA  . GLY A 1 58  ? 5.667   -11.714 9.476   1.00 11.97 ? 59  GLY A CA  1 
ATOM   447  C  C   . GLY A 1 58  ? 4.191   -11.445 9.268   1.00 10.17 ? 59  GLY A C   1 
ATOM   448  O  O   . GLY A 1 58  ? 3.397   -12.375 9.218   1.00 12.60 ? 59  GLY A O   1 
ATOM   449  N  N   . PHE A 1 59  ? 3.816   -10.177 9.146   1.00 9.31  ? 60  PHE A N   1 
ATOM   450  C  CA  . PHE A 1 59  ? 2.419   -9.813  8.945   1.00 8.21  ? 60  PHE A CA  1 
ATOM   451  C  C   . PHE A 1 59  ? 2.268   -8.924  7.707   1.00 9.38  ? 60  PHE A C   1 
ATOM   452  O  O   . PHE A 1 59  ? 1.815   -9.394  6.654   1.00 8.97  ? 60  PHE A O   1 
ATOM   453  C  CB  . PHE A 1 59  ? 1.892   -9.117  10.212  1.00 8.72  ? 60  PHE A CB  1 
ATOM   454  C  CG  . PHE A 1 59  ? 0.469   -8.611  10.112  1.00 8.94  ? 60  PHE A CG  1 
ATOM   455  C  CD1 . PHE A 1 59  ? -0.468  -9.238  9.293   1.00 10.39 ? 60  PHE A CD1 1 
ATOM   456  C  CD2 . PHE A 1 59  ? 0.063   -7.521  10.875  1.00 7.50  ? 60  PHE A CD2 1 
ATOM   457  C  CE1 . PHE A 1 59  ? -1.788  -8.781  9.237   1.00 9.89  ? 60  PHE A CE1 1 
ATOM   458  C  CE2 . PHE A 1 59  ? -1.247  -7.058  10.831  1.00 8.05  ? 60  PHE A CE2 1 
ATOM   459  C  CZ  . PHE A 1 59  ? -2.178  -7.689  10.009  1.00 10.15 ? 60  PHE A CZ  1 
ATOM   460  N  N   . MET A 1 60  ? 2.663   -7.656  7.814   1.00 8.09  ? 61  MET A N   1 
ATOM   461  C  CA  . MET A 1 60  ? 2.544   -6.751  6.677   1.00 8.34  ? 61  MET A CA  1 
ATOM   462  C  C   . MET A 1 60  ? 3.258   -5.420  6.862   1.00 9.46  ? 61  MET A C   1 
ATOM   463  O  O   . MET A 1 60  ? 3.686   -5.082  7.963   1.00 9.54  ? 61  MET A O   1 
ATOM   464  C  CB  . MET A 1 60  ? 1.060   -6.498  6.375   1.00 8.90  ? 61  MET A CB  1 
ATOM   465  C  CG  . MET A 1 60  ? 0.247   -5.900  7.534   1.00 10.28 ? 61  MET A CG  1 
ATOM   466  S  SD  . MET A 1 60  ? 0.437   -4.106  7.751   1.00 11.46 ? 61  MET A SD  1 
ATOM   467  C  CE  . MET A 1 60  ? 1.235   -4.055  9.361   1.00 10.54 ? 61  MET A CE  1 
ATOM   468  N  N   . CYS A 1 61  ? 3.398   -4.683  5.762   1.00 9.51  ? 62  CYS A N   1 
ATOM   469  C  CA  . CYS A 1 61  ? 4.014   -3.358  5.759   1.00 7.93  ? 62  CYS A CA  1 
ATOM   470  C  C   . CYS A 1 61  ? 2.894   -2.386  5.393   1.00 8.42  ? 62  CYS A C   1 
ATOM   471  O  O   . CYS A 1 61  ? 2.291   -2.517  4.329   1.00 10.26 ? 62  CYS A O   1 
ATOM   472  C  CB  . CYS A 1 61  ? 5.118   -3.286  4.706   1.00 8.75  ? 62  CYS A CB  1 
ATOM   473  S  SG  . CYS A 1 61  ? 6.497   -4.407  5.005   1.00 11.01 ? 62  CYS A SG  1 
ATOM   474  N  N   . GLN A 1 62  ? 2.617   -1.418  6.263   1.00 8.47  ? 63  GLN A N   1 
ATOM   475  C  CA  . GLN A 1 62  ? 1.541   -0.457  6.014   1.00 9.64  ? 63  GLN A CA  1 
ATOM   476  C  C   . GLN A 1 62  ? 2.039   0.967   5.759   1.00 9.46  ? 63  GLN A C   1 
ATOM   477  O  O   . GLN A 1 62  ? 2.943   1.449   6.437   1.00 9.40  ? 63  GLN A O   1 
ATOM   478  C  CB  . GLN A 1 62  ? 0.563   -0.453  7.201   1.00 8.88  ? 63  GLN A CB  1 
ATOM   479  C  CG  . GLN A 1 62  ? -0.712  0.353   6.965   1.00 9.36  ? 63  GLN A CG  1 
ATOM   480  C  CD  . GLN A 1 62  ? -1.678  0.304   8.140   1.00 11.70 ? 63  GLN A CD  1 
ATOM   481  O  OE1 . GLN A 1 62  ? -1.651  -0.633  8.941   1.00 12.57 ? 63  GLN A OE1 1 
ATOM   482  N  NE2 . GLN A 1 62  ? -2.557  1.300   8.230   1.00 7.24  ? 63  GLN A NE2 1 
ATOM   483  N  N   . GLY A 1 63  ? 1.435   1.632   4.774   1.00 10.05 ? 64  GLY A N   1 
ATOM   484  C  CA  . GLY A 1 63  ? 1.804   2.998   4.437   1.00 10.10 ? 64  GLY A CA  1 
ATOM   485  C  C   . GLY A 1 63  ? 0.622   3.727   3.818   1.00 11.75 ? 64  GLY A C   1 
ATOM   486  O  O   . GLY A 1 63  ? -0.526  3.304   3.974   1.00 9.78  ? 64  GLY A O   1 
ATOM   487  N  N   . GLY A 1 64  ? 0.886   4.833   3.129   1.00 10.90 ? 65  GLY A N   1 
ATOM   488  C  CA  . GLY A 1 64  ? -0.199  5.556   2.490   1.00 10.83 ? 65  GLY A CA  1 
ATOM   489  C  C   . GLY A 1 64  ? -0.736  6.792   3.187   1.00 11.94 ? 65  GLY A C   1 
ATOM   490  O  O   . GLY A 1 64  ? -1.532  7.529   2.599   1.00 9.58  ? 65  GLY A O   1 
ATOM   491  N  N   . ASP A 1 65  ? -0.331  7.032   4.433   1.00 11.38 ? 66  ASP A N   1 
ATOM   492  C  CA  . ASP A 1 65  ? -0.815  8.219   5.133   1.00 12.95 ? 66  ASP A CA  1 
ATOM   493  C  C   . ASP A 1 65  ? 0.071   9.401   4.753   1.00 13.46 ? 66  ASP A C   1 
ATOM   494  O  O   . ASP A 1 65  ? 1.006   9.742   5.477   1.00 11.65 ? 66  ASP A O   1 
ATOM   495  C  CB  . ASP A 1 65  ? -0.773  8.024   6.651   1.00 14.09 ? 66  ASP A CB  1 
ATOM   496  C  CG  . ASP A 1 65  ? -1.424  9.179   7.402   1.00 15.82 ? 66  ASP A CG  1 
ATOM   497  O  OD1 . ASP A 1 65  ? -1.613  10.252  6.790   1.00 16.01 ? 66  ASP A OD1 1 
ATOM   498  O  OD2 . ASP A 1 65  ? -1.745  9.018   8.598   1.00 15.85 ? 66  ASP A OD2 1 
ATOM   499  N  N   . PHE A 1 66  ? -0.227  10.027  3.620   1.00 13.63 ? 67  PHE A N   1 
ATOM   500  C  CA  . PHE A 1 66  ? 0.573   11.150  3.164   1.00 15.40 ? 67  PHE A CA  1 
ATOM   501  C  C   . PHE A 1 66  ? 0.164   12.502  3.740   1.00 14.48 ? 67  PHE A C   1 
ATOM   502  O  O   . PHE A 1 66  ? 0.767   13.524  3.406   1.00 15.77 ? 67  PHE A O   1 
ATOM   503  C  CB  . PHE A 1 66  ? 0.596   11.195  1.624   1.00 14.05 ? 67  PHE A CB  1 
ATOM   504  C  CG  . PHE A 1 66  ? -0.764  11.309  0.984   1.00 14.54 ? 67  PHE A CG  1 
ATOM   505  C  CD1 . PHE A 1 66  ? -1.451  12.518  0.986   1.00 14.84 ? 67  PHE A CD1 1 
ATOM   506  C  CD2 . PHE A 1 66  ? -1.350  10.206  0.368   1.00 14.62 ? 67  PHE A CD2 1 
ATOM   507  C  CE1 . PHE A 1 66  ? -2.704  12.630  0.380   1.00 14.33 ? 67  PHE A CE1 1 
ATOM   508  C  CE2 . PHE A 1 66  ? -2.605  10.305  -0.241  1.00 14.23 ? 67  PHE A CE2 1 
ATOM   509  C  CZ  . PHE A 1 66  ? -3.281  11.521  -0.235  1.00 13.99 ? 67  PHE A CZ  1 
ATOM   510  N  N   . THR A 1 67  ? -0.845  12.518  4.609   1.00 14.91 ? 68  THR A N   1 
ATOM   511  C  CA  . THR A 1 67  ? -1.272  13.777  5.217   1.00 17.66 ? 68  THR A CA  1 
ATOM   512  C  C   . THR A 1 67  ? -0.801  13.928  6.666   1.00 17.91 ? 68  THR A C   1 
ATOM   513  O  O   . THR A 1 67  ? -0.435  15.025  7.084   1.00 18.63 ? 68  THR A O   1 
ATOM   514  C  CB  . THR A 1 67  ? -2.810  13.965  5.179   1.00 16.16 ? 68  THR A CB  1 
ATOM   515  O  OG1 . THR A 1 67  ? -3.453  12.901  5.890   1.00 18.90 ? 68  THR A OG1 1 
ATOM   516  C  CG2 . THR A 1 67  ? -3.306  13.991  3.740   1.00 18.99 ? 68  THR A CG2 1 
ATOM   517  N  N   . ARG A 1 68  ? -0.807  12.837  7.429   1.00 18.63 ? 69  ARG A N   1 
ATOM   518  C  CA  . ARG A 1 68  ? -0.376  12.895  8.828   1.00 20.88 ? 69  ARG A CA  1 
ATOM   519  C  C   . ARG A 1 68  ? 0.785   11.948  9.145   1.00 20.21 ? 69  ARG A C   1 
ATOM   520  O  O   . ARG A 1 68  ? 1.374   12.013  10.221  1.00 17.85 ? 69  ARG A O   1 
ATOM   521  C  CB  . ARG A 1 68  ? -1.561  12.614  9.754   1.00 24.38 ? 69  ARG A CB  1 
ATOM   522  C  CG  . ARG A 1 68  ? -2.645  13.688  9.699   1.00 29.13 ? 69  ARG A CG  1 
ATOM   523  C  CD  . ARG A 1 68  ? -2.106  15.051  10.120  1.00 34.75 ? 69  ARG A CD  1 
ATOM   524  N  NE  . ARG A 1 68  ? -3.116  16.100  10.006  1.00 39.79 ? 69  ARG A NE  1 
ATOM   525  C  CZ  . ARG A 1 68  ? -3.652  16.505  8.857   1.00 41.77 ? 69  ARG A CZ  1 
ATOM   526  N  NH1 . ARG A 1 68  ? -3.275  15.953  7.712   1.00 44.50 ? 69  ARG A NH1 1 
ATOM   527  N  NH2 . ARG A 1 68  ? -4.576  17.456  8.854   1.00 42.16 ? 69  ARG A NH2 1 
ATOM   528  N  N   . HIS A 1 69  ? 1.101   11.066  8.200   1.00 20.49 ? 70  HIS A N   1 
ATOM   529  C  CA  . HIS A 1 69  ? 2.219   10.129  8.334   1.00 19.24 ? 70  HIS A CA  1 
ATOM   530  C  C   . HIS A 1 69  ? 2.228   9.275   9.600   1.00 18.80 ? 70  HIS A C   1 
ATOM   531  O  O   . HIS A 1 69  ? 3.278   8.764   9.994   1.00 20.62 ? 70  HIS A O   1 
ATOM   532  C  CB  . HIS A 1 69  ? 3.545   10.891  8.252   1.00 19.79 ? 70  HIS A CB  1 
ATOM   533  C  CG  . HIS A 1 69  ? 3.580   11.922  7.170   1.00 20.85 ? 70  HIS A CG  1 
ATOM   534  N  ND1 . HIS A 1 69  ? 3.018   13.173  7.313   1.00 24.20 ? 70  HIS A ND1 1 
ATOM   535  C  CD2 . HIS A 1 69  ? 4.077   11.874  5.911   1.00 21.65 ? 70  HIS A CD2 1 
ATOM   536  C  CE1 . HIS A 1 69  ? 3.168   13.850  6.189   1.00 22.08 ? 70  HIS A CE1 1 
ATOM   537  N  NE2 . HIS A 1 69  ? 3.806   13.086  5.323   1.00 22.61 ? 70  HIS A NE2 1 
ATOM   538  N  N   . ASN A 1 70  ? 1.072   9.099   10.228  1.00 17.90 ? 71  ASN A N   1 
ATOM   539  C  CA  . ASN A 1 70  ? 1.006   8.310   11.450  1.00 17.80 ? 71  ASN A CA  1 
ATOM   540  C  C   . ASN A 1 70  ? -0.174  7.339   11.482  1.00 18.55 ? 71  ASN A C   1 
ATOM   541  O  O   . ASN A 1 70  ? -0.373  6.626   12.468  1.00 18.02 ? 71  ASN A O   1 
ATOM   542  C  CB  . ASN A 1 70  ? 0.949   9.238   12.671  1.00 18.44 ? 71  ASN A CB  1 
ATOM   543  C  CG  . ASN A 1 70  ? -0.152  10.280  12.560  1.00 18.30 ? 71  ASN A CG  1 
ATOM   544  O  OD1 . ASN A 1 70  ? -1.252  9.988   12.097  1.00 19.22 ? 71  ASN A OD1 1 
ATOM   545  N  ND2 . ASN A 1 70  ? 0.139   11.503  12.996  1.00 20.21 ? 71  ASN A ND2 1 
ATOM   546  N  N   . GLY A 1 71  ? -0.957  7.311   10.409  1.00 17.68 ? 72  GLY A N   1 
ATOM   547  C  CA  . GLY A 1 71  ? -2.089  6.403   10.366  1.00 17.11 ? 72  GLY A CA  1 
ATOM   548  C  C   . GLY A 1 71  ? -3.430  7.059   10.626  1.00 19.12 ? 72  GLY A C   1 
ATOM   549  O  O   . GLY A 1 71  ? -4.478  6.425   10.461  1.00 18.87 ? 72  GLY A O   1 
ATOM   550  N  N   . THR A 1 72  ? -3.409  8.328   11.025  1.00 16.80 ? 73  THR A N   1 
ATOM   551  C  CA  . THR A 1 72  ? -4.645  9.056   11.300  1.00 17.60 ? 73  THR A CA  1 
ATOM   552  C  C   . THR A 1 72  ? -5.152  9.807   10.069  1.00 16.56 ? 73  THR A C   1 
ATOM   553  O  O   . THR A 1 72  ? -6.284  10.282  10.058  1.00 17.04 ? 73  THR A O   1 
ATOM   554  C  CB  . THR A 1 72  ? -4.464  10.106  12.430  1.00 16.49 ? 73  THR A CB  1 
ATOM   555  O  OG1 . THR A 1 72  ? -3.550  11.119  11.995  1.00 17.36 ? 73  THR A OG1 1 
ATOM   556  C  CG2 . THR A 1 72  ? -3.922  9.460   13.695  1.00 17.51 ? 73  THR A CG2 1 
ATOM   557  N  N   . GLY A 1 73  ? -4.324  9.906   9.031   1.00 16.16 ? 74  GLY A N   1 
ATOM   558  C  CA  . GLY A 1 73  ? -4.737  10.650  7.854   1.00 13.52 ? 74  GLY A CA  1 
ATOM   559  C  C   . GLY A 1 73  ? -4.846  9.922   6.527   1.00 14.99 ? 74  GLY A C   1 
ATOM   560  O  O   . GLY A 1 73  ? -5.162  8.732   6.463   1.00 13.11 ? 74  GLY A O   1 
ATOM   561  N  N   . GLY A 1 74  ? -4.582  10.668  5.460   1.00 14.10 ? 75  GLY A N   1 
ATOM   562  C  CA  . GLY A 1 74  ? -4.665  10.126  4.119   1.00 15.85 ? 75  GLY A CA  1 
ATOM   563  C  C   . GLY A 1 74  ? -6.053  10.384  3.571   1.00 15.51 ? 75  GLY A C   1 
ATOM   564  O  O   . GLY A 1 74  ? -7.005  10.517  4.338   1.00 15.49 ? 75  GLY A O   1 
ATOM   565  N  N   . LYS A 1 75  ? -6.170  10.473  2.250   1.00 15.32 ? 76  LYS A N   1 
ATOM   566  C  CA  . LYS A 1 75  ? -7.460  10.702  1.608   1.00 14.55 ? 76  LYS A CA  1 
ATOM   567  C  C   . LYS A 1 75  ? -7.454  10.084  0.216   1.00 12.76 ? 76  LYS A C   1 
ATOM   568  O  O   . LYS A 1 75  ? -6.393  9.867   -0.365  1.00 12.67 ? 76  LYS A O   1 
ATOM   569  C  CB  . LYS A 1 75  ? -7.750  12.199  1.498   1.00 16.65 ? 76  LYS A CB  1 
ATOM   570  C  CG  . LYS A 1 75  ? -6.753  12.964  0.647   1.00 16.86 ? 76  LYS A CG  1 
ATOM   571  C  CD  . LYS A 1 75  ? -7.174  14.414  0.468   1.00 19.32 ? 76  LYS A CD  1 
ATOM   572  C  CE  . LYS A 1 75  ? -6.096  15.221  -0.249  1.00 22.47 ? 76  LYS A CE  1 
ATOM   573  N  NZ  . LYS A 1 75  ? -6.470  16.660  -0.355  1.00 22.53 ? 76  LYS A NZ  1 
ATOM   574  N  N   . SER A 1 76  ? -8.640  9.799   -0.313  1.00 13.50 ? 77  SER A N   1 
ATOM   575  C  CA  . SER A 1 76  ? -8.759  9.206   -1.639  1.00 11.75 ? 77  SER A CA  1 
ATOM   576  C  C   . SER A 1 76  ? -8.982  10.306  -2.666  1.00 13.10 ? 77  SER A C   1 
ATOM   577  O  O   . SER A 1 76  ? -9.042  11.488  -2.320  1.00 11.91 ? 77  SER A O   1 
ATOM   578  C  CB  . SER A 1 76  ? -9.936  8.229   -1.688  1.00 7.32  ? 77  SER A CB  1 
ATOM   579  O  OG  . SER A 1 76  ? -11.178 8.915   -1.812  1.00 10.57 ? 77  SER A OG  1 
ATOM   580  N  N   . ILE A 1 77  ? -9.104  9.913   -3.929  1.00 12.51 ? 78  ILE A N   1 
ATOM   581  C  CA  . ILE A 1 77  ? -9.344  10.871  -4.996  1.00 13.64 ? 78  ILE A CA  1 
ATOM   582  C  C   . ILE A 1 77  ? -10.849 11.091  -5.169  1.00 14.31 ? 78  ILE A C   1 
ATOM   583  O  O   . ILE A 1 77  ? -11.269 11.901  -5.999  1.00 14.79 ? 78  ILE A O   1 
ATOM   584  C  CB  . ILE A 1 77  ? -8.752  10.380  -6.332  1.00 14.44 ? 78  ILE A CB  1 
ATOM   585  C  CG1 . ILE A 1 77  ? -9.431  9.077   -6.763  1.00 14.89 ? 78  ILE A CG1 1 
ATOM   586  C  CG2 . ILE A 1 77  ? -7.255  10.164  -6.184  1.00 15.56 ? 78  ILE A CG2 1 
ATOM   587  C  CD1 . ILE A 1 77  ? -9.026  8.611   -8.148  1.00 17.31 ? 78  ILE A CD1 1 
ATOM   588  N  N   . TYR A 1 78  ? -11.647 10.373  -4.374  1.00 13.44 ? 79  TYR A N   1 
ATOM   589  C  CA  . TYR A 1 78  ? -13.112 10.459  -4.423  1.00 13.44 ? 79  TYR A CA  1 
ATOM   590  C  C   . TYR A 1 78  ? -13.683 11.194  -3.215  1.00 15.42 ? 79  TYR A C   1 
ATOM   591  O  O   . TYR A 1 78  ? -14.900 11.314  -3.061  1.00 14.55 ? 79  TYR A O   1 
ATOM   592  C  CB  . TYR A 1 78  ? -13.723 9.058   -4.445  1.00 13.31 ? 79  TYR A CB  1 
ATOM   593  C  CG  . TYR A 1 78  ? -13.095 8.125   -5.446  1.00 9.87  ? 79  TYR A CG  1 
ATOM   594  C  CD1 . TYR A 1 78  ? -13.196 8.371   -6.812  1.00 11.47 ? 79  TYR A CD1 1 
ATOM   595  C  CD2 . TYR A 1 78  ? -12.384 7.004   -5.027  1.00 12.88 ? 79  TYR A CD2 1 
ATOM   596  C  CE1 . TYR A 1 78  ? -12.605 7.521   -7.743  1.00 11.00 ? 79  TYR A CE1 1 
ATOM   597  C  CE2 . TYR A 1 78  ? -11.785 6.146   -5.950  1.00 11.10 ? 79  TYR A CE2 1 
ATOM   598  C  CZ  . TYR A 1 78  ? -11.899 6.414   -7.302  1.00 11.37 ? 79  TYR A CZ  1 
ATOM   599  O  OH  . TYR A 1 78  ? -11.296 5.583   -8.220  1.00 11.63 ? 79  TYR A OH  1 
ATOM   600  N  N   . GLY A 1 79  ? -12.797 11.678  -2.357  1.00 16.62 ? 80  GLY A N   1 
ATOM   601  C  CA  . GLY A 1 79  ? -13.234 12.363  -1.159  1.00 16.32 ? 80  GLY A CA  1 
ATOM   602  C  C   . GLY A 1 79  ? -12.385 11.832  -0.027  1.00 15.73 ? 80  GLY A C   1 
ATOM   603  O  O   . GLY A 1 79  ? -11.425 11.102  -0.274  1.00 15.53 ? 80  GLY A O   1 
ATOM   604  N  N   . GLU A 1 80  ? -12.730 12.184  1.206   1.00 15.55 ? 81  GLU A N   1 
ATOM   605  C  CA  . GLU A 1 80  ? -11.964 11.733  2.361   1.00 16.78 ? 81  GLU A CA  1 
ATOM   606  C  C   . GLU A 1 80  ? -11.865 10.208  2.370   1.00 16.29 ? 81  GLU A C   1 
ATOM   607  O  O   . GLU A 1 80  ? -10.780 9.650   2.552   1.00 15.41 ? 81  GLU A O   1 
ATOM   608  C  CB  . GLU A 1 80  ? -12.622 12.233  3.650   1.00 20.14 ? 81  GLU A CB  1 
ATOM   609  C  CG  . GLU A 1 80  ? -11.643 12.501  4.785   1.00 27.82 ? 81  GLU A CG  1 
ATOM   610  C  CD  . GLU A 1 80  ? -10.527 13.449  4.376   1.00 29.71 ? 81  GLU A CD  1 
ATOM   611  O  OE1 . GLU A 1 80  ? -10.827 14.542  3.847   1.00 32.90 ? 81  GLU A OE1 1 
ATOM   612  O  OE2 . GLU A 1 80  ? -9.347  13.102  4.586   1.00 34.78 ? 81  GLU A OE2 1 
ATOM   613  N  N   . LYS A 1 81  ? -12.999 9.540   2.172   1.00 14.46 ? 82  LYS A N   1 
ATOM   614  C  CA  . LYS A 1 81  ? -13.038 8.080   2.141   1.00 14.04 ? 82  LYS A CA  1 
ATOM   615  C  C   . LYS A 1 81  ? -14.029 7.579   1.091   1.00 13.35 ? 82  LYS A C   1 
ATOM   616  O  O   . LYS A 1 81  ? -14.837 8.351   0.572   1.00 11.63 ? 82  LYS A O   1 
ATOM   617  C  CB  . LYS A 1 81  ? -13.435 7.520   3.514   1.00 18.48 ? 82  LYS A CB  1 
ATOM   618  C  CG  . LYS A 1 81  ? -12.265 7.269   4.470   1.00 23.26 ? 82  LYS A CG  1 
ATOM   619  C  CD  . LYS A 1 81  ? -11.639 8.553   4.982   1.00 26.40 ? 82  LYS A CD  1 
ATOM   620  C  CE  . LYS A 1 81  ? -10.315 8.287   5.691   1.00 26.86 ? 82  LYS A CE  1 
ATOM   621  N  NZ  . LYS A 1 81  ? -10.479 7.428   6.892   1.00 29.23 ? 82  LYS A NZ  1 
ATOM   622  N  N   . PHE A 1 82  ? -13.945 6.295   0.760   1.00 10.09 ? 83  PHE A N   1 
ATOM   623  C  CA  . PHE A 1 82  ? -14.883 5.714   -0.190  1.00 10.36 ? 83  PHE A CA  1 
ATOM   624  C  C   . PHE A 1 82  ? -15.275 4.291   0.199   1.00 8.54  ? 83  PHE A C   1 
ATOM   625  O  O   . PHE A 1 82  ? -14.661 3.673   1.073   1.00 9.09  ? 83  PHE A O   1 
ATOM   626  C  CB  . PHE A 1 82  ? -14.362 5.785   -1.641  1.00 9.76  ? 83  PHE A CB  1 
ATOM   627  C  CG  . PHE A 1 82  ? -13.113 4.998   -1.900  1.00 11.20 ? 83  PHE A CG  1 
ATOM   628  C  CD1 . PHE A 1 82  ? -11.868 5.481   -1.501  1.00 8.91  ? 83  PHE A CD1 1 
ATOM   629  C  CD2 . PHE A 1 82  ? -13.176 3.787   -2.589  1.00 9.41  ? 83  PHE A CD2 1 
ATOM   630  C  CE1 . PHE A 1 82  ? -10.702 4.770   -1.790  1.00 9.55  ? 83  PHE A CE1 1 
ATOM   631  C  CE2 . PHE A 1 82  ? -12.018 3.068   -2.884  1.00 7.35  ? 83  PHE A CE2 1 
ATOM   632  C  CZ  . PHE A 1 82  ? -10.779 3.562   -2.482  1.00 8.87  ? 83  PHE A CZ  1 
ATOM   633  N  N   . GLU A 1 83  ? -16.317 3.789   -0.449  1.00 9.86  ? 84  GLU A N   1 
ATOM   634  C  CA  . GLU A 1 83  ? -16.875 2.474   -0.159  1.00 10.94 ? 84  GLU A CA  1 
ATOM   635  C  C   . GLU A 1 83  ? -15.994 1.262   -0.440  1.00 11.13 ? 84  GLU A C   1 
ATOM   636  O  O   . GLU A 1 83  ? -15.019 1.331   -1.194  1.00 9.41  ? 84  GLU A O   1 
ATOM   637  C  CB  . GLU A 1 83  ? -18.180 2.294   -0.941  1.00 13.17 ? 84  GLU A CB  1 
ATOM   638  C  CG  . GLU A 1 83  ? -17.963 2.042   -2.433  1.00 13.42 ? 84  GLU A CG  1 
ATOM   639  C  CD  . GLU A 1 83  ? -17.811 3.315   -3.264  1.00 18.94 ? 84  GLU A CD  1 
ATOM   640  O  OE1 . GLU A 1 83  ? -17.257 4.320   -2.765  1.00 18.87 ? 84  GLU A OE1 1 
ATOM   641  O  OE2 . GLU A 1 83  ? -18.242 3.302   -4.437  1.00 20.87 ? 84  GLU A OE2 1 
ATOM   642  N  N   . ASP A 1 84  ? -16.358 0.147   0.190   1.00 11.50 ? 85  ASP A N   1 
ATOM   643  C  CA  . ASP A 1 84  ? -15.674 -1.116  -0.036  1.00 10.72 ? 85  ASP A CA  1 
ATOM   644  C  C   . ASP A 1 84  ? -16.283 -1.570  -1.365  1.00 10.87 ? 85  ASP A C   1 
ATOM   645  O  O   . ASP A 1 84  ? -17.447 -1.982  -1.418  1.00 10.91 ? 85  ASP A O   1 
ATOM   646  C  CB  . ASP A 1 84  ? -15.997 -2.128  1.073   1.00 11.62 ? 85  ASP A CB  1 
ATOM   647  C  CG  . ASP A 1 84  ? -15.329 -1.784  2.403   1.00 11.83 ? 85  ASP A CG  1 
ATOM   648  O  OD1 . ASP A 1 84  ? -14.141 -1.408  2.392   1.00 10.67 ? 85  ASP A OD1 1 
ATOM   649  O  OD2 . ASP A 1 84  ? -15.982 -1.905  3.464   1.00 11.95 ? 85  ASP A OD2 1 
ATOM   650  N  N   . GLU A 1 85  ? -15.503 -1.465  -2.437  1.00 12.93 ? 86  GLU A N   1 
ATOM   651  C  CA  . GLU A 1 85  ? -15.954 -1.822  -3.782  1.00 11.01 ? 86  GLU A CA  1 
ATOM   652  C  C   . GLU A 1 85  ? -16.493 -3.244  -3.864  1.00 11.67 ? 86  GLU A C   1 
ATOM   653  O  O   . GLU A 1 85  ? -17.538 -3.491  -4.474  1.00 11.08 ? 86  GLU A O   1 
ATOM   654  C  CB  . GLU A 1 85  ? -14.801 -1.624  -4.772  1.00 10.88 ? 86  GLU A CB  1 
ATOM   655  C  CG  . GLU A 1 85  ? -15.160 -1.835  -6.231  1.00 9.82  ? 86  GLU A CG  1 
ATOM   656  C  CD  . GLU A 1 85  ? -14.140 -1.203  -7.168  1.00 10.47 ? 86  GLU A CD  1 
ATOM   657  O  OE1 . GLU A 1 85  ? -12.977 -1.035  -6.748  1.00 9.45  ? 86  GLU A OE1 1 
ATOM   658  O  OE2 . GLU A 1 85  ? -14.499 -0.880  -8.322  1.00 9.16  ? 86  GLU A OE2 1 
ATOM   659  N  N   . ASN A 1 86  ? -15.768 -4.174  -3.256  1.00 8.55  ? 87  ASN A N   1 
ATOM   660  C  CA  . ASN A 1 86  ? -16.166 -5.574  -3.215  1.00 9.57  ? 87  ASN A CA  1 
ATOM   661  C  C   . ASN A 1 86  ? -15.070 -6.353  -2.512  1.00 10.77 ? 87  ASN A C   1 
ATOM   662  O  O   . ASN A 1 86  ? -14.006 -5.808  -2.228  1.00 10.63 ? 87  ASN A O   1 
ATOM   663  C  CB  . ASN A 1 86  ? -16.387 -6.144  -4.628  1.00 9.90  ? 87  ASN A CB  1 
ATOM   664  C  CG  . ASN A 1 86  ? -15.115 -6.198  -5.450  1.00 10.70 ? 87  ASN A CG  1 
ATOM   665  O  OD1 . ASN A 1 86  ? -14.134 -6.831  -5.062  1.00 11.39 ? 87  ASN A OD1 1 
ATOM   666  N  ND2 . ASN A 1 86  ? -15.128 -5.535  -6.602  1.00 11.80 ? 87  ASN A ND2 1 
ATOM   667  N  N   . PHE A 1 87  ? -15.338 -7.624  -2.234  1.00 10.70 ? 88  PHE A N   1 
ATOM   668  C  CA  . PHE A 1 87  ? -14.369 -8.481  -1.566  1.00 11.24 ? 88  PHE A CA  1 
ATOM   669  C  C   . PHE A 1 87  ? -14.097 -9.715  -2.412  1.00 11.26 ? 88  PHE A C   1 
ATOM   670  O  O   . PHE A 1 87  ? -13.968 -10.824 -1.896  1.00 12.16 ? 88  PHE A O   1 
ATOM   671  C  CB  . PHE A 1 87  ? -14.896 -8.881  -0.185  1.00 11.25 ? 88  PHE A CB  1 
ATOM   672  C  CG  . PHE A 1 87  ? -15.082 -7.716  0.745   1.00 12.85 ? 88  PHE A CG  1 
ATOM   673  C  CD1 . PHE A 1 87  ? -13.981 -7.014  1.231   1.00 13.02 ? 88  PHE A CD1 1 
ATOM   674  C  CD2 . PHE A 1 87  ? -16.357 -7.296  1.112   1.00 13.49 ? 88  PHE A CD2 1 
ATOM   675  C  CE1 . PHE A 1 87  ? -14.153 -5.907  2.071   1.00 13.00 ? 88  PHE A CE1 1 
ATOM   676  C  CE2 . PHE A 1 87  ? -16.537 -6.192  1.949   1.00 11.38 ? 88  PHE A CE2 1 
ATOM   677  C  CZ  . PHE A 1 87  ? -15.433 -5.500  2.427   1.00 13.30 ? 88  PHE A CZ  1 
ATOM   678  N  N   . ILE A 1 88  ? -14.010 -9.508  -3.722  1.00 10.78 ? 89  ILE A N   1 
ATOM   679  C  CA  . ILE A 1 88  ? -13.754 -10.593 -4.665  1.00 11.57 ? 89  ILE A CA  1 
ATOM   680  C  C   . ILE A 1 88  ? -12.431 -11.304 -4.381  1.00 11.69 ? 89  ILE A C   1 
ATOM   681  O  O   . ILE A 1 88  ? -12.381 -12.533 -4.313  1.00 10.75 ? 89  ILE A O   1 
ATOM   682  C  CB  . ILE A 1 88  ? -13.724 -10.058 -6.115  1.00 11.58 ? 89  ILE A CB  1 
ATOM   683  C  CG1 . ILE A 1 88  ? -15.106 -9.519  -6.496  1.00 9.90  ? 89  ILE A CG1 1 
ATOM   684  C  CG2 . ILE A 1 88  ? -13.280 -11.161 -7.073  1.00 13.39 ? 89  ILE A CG2 1 
ATOM   685  C  CD1 . ILE A 1 88  ? -15.167 -8.907  -7.891  1.00 9.77  ? 89  ILE A CD1 1 
ATOM   686  N  N   . LEU A 1 89  ? -11.365 -10.526 -4.210  1.00 11.57 ? 90  LEU A N   1 
ATOM   687  C  CA  . LEU A 1 89  ? -10.046 -11.094 -3.962  1.00 11.63 ? 90  LEU A CA  1 
ATOM   688  C  C   . LEU A 1 89  ? -9.728  -11.253 -2.478  1.00 12.35 ? 90  LEU A C   1 
ATOM   689  O  O   . LEU A 1 89  ? -10.077 -10.400 -1.658  1.00 10.61 ? 90  LEU A O   1 
ATOM   690  C  CB  . LEU A 1 89  ? -8.982  -10.235 -4.641  1.00 14.08 ? 90  LEU A CB  1 
ATOM   691  C  CG  . LEU A 1 89  ? -9.165  -10.119 -6.159  1.00 14.25 ? 90  LEU A CG  1 
ATOM   692  C  CD1 . LEU A 1 89  ? -8.252  -9.037  -6.705  1.00 12.47 ? 90  LEU A CD1 1 
ATOM   693  C  CD2 . LEU A 1 89  ? -8.875  -11.467 -6.821  1.00 14.16 ? 90  LEU A CD2 1 
ATOM   694  N  N   . LYS A 1 90  ? -9.060  -12.356 -2.146  1.00 11.58 ? 91  LYS A N   1 
ATOM   695  C  CA  . LYS A 1 90  ? -8.699  -12.656 -0.765  1.00 13.17 ? 91  LYS A CA  1 
ATOM   696  C  C   . LYS A 1 90  ? -7.212  -12.465 -0.476  1.00 11.53 ? 91  LYS A C   1 
ATOM   697  O  O   . LYS A 1 90  ? -6.397  -12.347 -1.388  1.00 12.21 ? 91  LYS A O   1 
ATOM   698  C  CB  . LYS A 1 90  ? -9.088  -14.097 -0.430  1.00 15.39 ? 91  LYS A CB  1 
ATOM   699  C  CG  . LYS A 1 90  ? -10.574 -14.396 -0.577  1.00 20.74 ? 91  LYS A CG  1 
ATOM   700  C  CD  . LYS A 1 90  ? -10.868 -15.838 -0.196  1.00 23.68 ? 91  LYS A CD  1 
ATOM   701  C  CE  . LYS A 1 90  ? -12.353 -16.154 -0.295  1.00 26.54 ? 91  LYS A CE  1 
ATOM   702  N  NZ  . LYS A 1 90  ? -12.634 -17.553 0.140   1.00 27.36 ? 91  LYS A NZ  1 
ATOM   703  N  N   . HIS A 1 91  ? -6.868  -12.429 0.807   1.00 10.97 ? 92  HIS A N   1 
ATOM   704  C  CA  . HIS A 1 91  ? -5.480  -12.276 1.228   1.00 10.84 ? 92  HIS A CA  1 
ATOM   705  C  C   . HIS A 1 91  ? -4.887  -13.685 1.199   1.00 12.61 ? 92  HIS A C   1 
ATOM   706  O  O   . HIS A 1 91  ? -4.856  -14.388 2.210   1.00 14.61 ? 92  HIS A O   1 
ATOM   707  C  CB  . HIS A 1 91  ? -5.428  -11.676 2.637   1.00 8.59  ? 92  HIS A CB  1 
ATOM   708  C  CG  . HIS A 1 91  ? -6.177  -10.382 2.769   1.00 8.78  ? 92  HIS A CG  1 
ATOM   709  N  ND1 . HIS A 1 91  ? -7.555  -10.317 2.790   1.00 8.96  ? 92  HIS A ND1 1 
ATOM   710  C  CD2 . HIS A 1 91  ? -5.740  -9.105  2.866   1.00 9.15  ? 92  HIS A CD2 1 
ATOM   711  C  CE1 . HIS A 1 91  ? -7.933  -9.056  2.897   1.00 8.32  ? 92  HIS A CE1 1 
ATOM   712  N  NE2 . HIS A 1 91  ? -6.851  -8.299  2.946   1.00 8.67  ? 92  HIS A NE2 1 
ATOM   713  N  N   . THR A 1 92  ? -4.417  -14.077 0.020   1.00 12.82 ? 93  THR A N   1 
ATOM   714  C  CA  . THR A 1 92  ? -3.873  -15.409 -0.223  1.00 14.06 ? 93  THR A CA  1 
ATOM   715  C  C   . THR A 1 92  ? -2.376  -15.635 -0.002  1.00 14.22 ? 93  THR A C   1 
ATOM   716  O  O   . THR A 1 92  ? -1.865  -16.704 -0.330  1.00 15.57 ? 93  THR A O   1 
ATOM   717  C  CB  . THR A 1 92  ? -4.209  -15.849 -1.654  1.00 15.15 ? 93  THR A CB  1 
ATOM   718  O  OG1 . THR A 1 92  ? -3.707  -14.874 -2.578  1.00 16.05 ? 93  THR A OG1 1 
ATOM   719  C  CG2 . THR A 1 92  ? -5.718  -15.972 -1.833  1.00 13.95 ? 93  THR A CG2 1 
ATOM   720  N  N   . GLY A 1 93  ? -1.669  -14.650 0.542   1.00 14.58 ? 94  GLY A N   1 
ATOM   721  C  CA  . GLY A 1 93  ? -0.245  -14.836 0.778   1.00 13.69 ? 94  GLY A CA  1 
ATOM   722  C  C   . GLY A 1 93  ? 0.599   -13.587 0.639   1.00 13.76 ? 94  GLY A C   1 
ATOM   723  O  O   . GLY A 1 93  ? 0.070   -12.505 0.395   1.00 14.36 ? 94  GLY A O   1 
ATOM   724  N  N   . PRO A 1 94  ? 1.928   -13.705 0.799   1.00 14.13 ? 95  PRO A N   1 
ATOM   725  C  CA  . PRO A 1 94  ? 2.851   -12.568 0.686   1.00 13.21 ? 95  PRO A CA  1 
ATOM   726  C  C   . PRO A 1 94  ? 2.698   -11.871 -0.662  1.00 13.35 ? 95  PRO A C   1 
ATOM   727  O  O   . PRO A 1 94  ? 2.524   -12.529 -1.690  1.00 13.55 ? 95  PRO A O   1 
ATOM   728  C  CB  . PRO A 1 94  ? 4.226   -13.224 0.830   1.00 14.13 ? 95  PRO A CB  1 
ATOM   729  C  CG  . PRO A 1 94  ? 3.950   -14.381 1.737   1.00 16.38 ? 95  PRO A CG  1 
ATOM   730  C  CD  . PRO A 1 94  ? 2.653   -14.934 1.176   1.00 15.96 ? 95  PRO A CD  1 
ATOM   731  N  N   . GLY A 1 95  ? 2.763   -10.544 -0.659  1.00 12.43 ? 96  GLY A N   1 
ATOM   732  C  CA  . GLY A 1 95  ? 2.642   -9.811  -1.907  1.00 10.71 ? 96  GLY A CA  1 
ATOM   733  C  C   . GLY A 1 95  ? 1.283   -9.183  -2.152  1.00 9.97  ? 96  GLY A C   1 
ATOM   734  O  O   . GLY A 1 95  ? 1.154   -8.300  -2.992  1.00 9.71  ? 96  GLY A O   1 
ATOM   735  N  N   . ILE A 1 96  ? 0.270   -9.638  -1.423  1.00 9.52  ? 97  ILE A N   1 
ATOM   736  C  CA  . ILE A 1 96  ? -1.083  -9.097  -1.571  1.00 9.06  ? 97  ILE A CA  1 
ATOM   737  C  C   . ILE A 1 96  ? -1.124  -7.636  -1.126  1.00 8.05  ? 97  ILE A C   1 
ATOM   738  O  O   . ILE A 1 96  ? -0.628  -7.295  -0.052  1.00 6.53  ? 97  ILE A O   1 
ATOM   739  C  CB  . ILE A 1 96  ? -2.108  -9.918  -0.730  1.00 9.14  ? 97  ILE A CB  1 
ATOM   740  C  CG1 . ILE A 1 96  ? -2.287  -11.320 -1.332  1.00 8.27  ? 97  ILE A CG1 1 
ATOM   741  C  CG2 . ILE A 1 96  ? -3.453  -9.186  -0.664  1.00 7.30  ? 97  ILE A CG2 1 
ATOM   742  C  CD1 . ILE A 1 96  ? -2.876  -11.331 -2.746  1.00 9.78  ? 97  ILE A CD1 1 
ATOM   743  N  N   . LEU A 1 97  ? -1.698  -6.781  -1.970  1.00 8.93  ? 98  LEU A N   1 
ATOM   744  C  CA  . LEU A 1 97  ? -1.838  -5.354  -1.681  1.00 8.42  ? 98  LEU A CA  1 
ATOM   745  C  C   . LEU A 1 97  ? -3.315  -5.166  -1.342  1.00 9.23  ? 98  LEU A C   1 
ATOM   746  O  O   . LEU A 1 97  ? -4.185  -5.511  -2.141  1.00 8.62  ? 98  LEU A O   1 
ATOM   747  C  CB  . LEU A 1 97  ? -1.462  -4.525  -2.913  1.00 8.71  ? 98  LEU A CB  1 
ATOM   748  C  CG  . LEU A 1 97  ? -1.541  -2.995  -2.851  1.00 8.18  ? 98  LEU A CG  1 
ATOM   749  C  CD1 . LEU A 1 97  ? -0.632  -2.462  -1.760  1.00 6.66  ? 98  LEU A CD1 1 
ATOM   750  C  CD2 . LEU A 1 97  ? -1.135  -2.417  -4.215  1.00 8.66  ? 98  LEU A CD2 1 
ATOM   751  N  N   . SER A 1 98  ? -3.591  -4.626  -0.159  1.00 8.16  ? 99  SER A N   1 
ATOM   752  C  CA  . SER A 1 98  ? -4.964  -4.451  0.311   1.00 6.76  ? 99  SER A CA  1 
ATOM   753  C  C   . SER A 1 98  ? -5.149  -3.072  0.950   1.00 8.01  ? 99  SER A C   1 
ATOM   754  O  O   . SER A 1 98  ? -4.177  -2.433  1.353   1.00 8.31  ? 99  SER A O   1 
ATOM   755  C  CB  . SER A 1 98  ? -5.265  -5.572  1.324   1.00 6.65  ? 99  SER A CB  1 
ATOM   756  O  OG  . SER A 1 98  ? -6.600  -5.560  1.811   1.00 5.98  ? 99  SER A OG  1 
ATOM   757  N  N   . MET A 1 99  ? -6.393  -2.606  1.029   1.00 7.71  ? 100 MET A N   1 
ATOM   758  C  CA  . MET A 1 99  ? -6.660  -1.300  1.622   1.00 6.92  ? 100 MET A CA  1 
ATOM   759  C  C   . MET A 1 99  ? -6.790  -1.356  3.138   1.00 8.05  ? 100 MET A C   1 
ATOM   760  O  O   . MET A 1 99  ? -7.447  -2.240  3.685   1.00 8.36  ? 100 MET A O   1 
ATOM   761  C  CB  . MET A 1 99  ? -7.946  -0.691  1.050   1.00 5.64  ? 100 MET A CB  1 
ATOM   762  C  CG  . MET A 1 99  ? -7.864  -0.267  -0.411  1.00 4.94  ? 100 MET A CG  1 
ATOM   763  S  SD  . MET A 1 99  ? -6.595  0.975   -0.708  1.00 8.27  ? 100 MET A SD  1 
ATOM   764  C  CE  . MET A 1 99  ? -7.392  2.422   -0.032  1.00 4.66  ? 100 MET A CE  1 
ATOM   765  N  N   . ALA A 1 100 ? -6.145  -0.414  3.814   1.00 7.60  ? 101 ALA A N   1 
ATOM   766  C  CA  . ALA A 1 100 ? -6.253  -0.335  5.262   1.00 8.93  ? 101 ALA A CA  1 
ATOM   767  C  C   . ALA A 1 100 ? -7.554  0.436   5.451   1.00 8.72  ? 101 ALA A C   1 
ATOM   768  O  O   . ALA A 1 100 ? -8.038  1.062   4.507   1.00 9.07  ? 101 ALA A O   1 
ATOM   769  C  CB  . ALA A 1 100 ? -5.072  0.450   5.846   1.00 8.76  ? 101 ALA A CB  1 
ATOM   770  N  N   . ASN A 1 101 ? -8.145  0.379   6.638   1.00 8.07  ? 102 ASN A N   1 
ATOM   771  C  CA  . ASN A 1 101 ? -9.382  1.115   6.873   1.00 9.94  ? 102 ASN A CA  1 
ATOM   772  C  C   . ASN A 1 101 ? -9.700  1.226   8.355   1.00 10.88 ? 102 ASN A C   1 
ATOM   773  O  O   . ASN A 1 101 ? -8.977  0.686   9.194   1.00 11.66 ? 102 ASN A O   1 
ATOM   774  C  CB  . ASN A 1 101 ? -10.560 0.479   6.097   1.00 8.95  ? 102 ASN A CB  1 
ATOM   775  C  CG  . ASN A 1 101 ? -10.925 -0.921  6.582   1.00 10.97 ? 102 ASN A CG  1 
ATOM   776  O  OD1 . ASN A 1 101 ? -11.168 -1.825  5.773   1.00 13.32 ? 102 ASN A OD1 1 
ATOM   777  N  ND2 . ASN A 1 101 ? -10.988 -1.102  7.893   1.00 6.17  ? 102 ASN A ND2 1 
ATOM   778  N  N   . ALA A 1 102 ? -10.768 1.951   8.670   1.00 12.19 ? 103 ALA A N   1 
ATOM   779  C  CA  . ALA A 1 102 ? -11.190 2.140   10.051  1.00 14.15 ? 103 ALA A CA  1 
ATOM   780  C  C   . ALA A 1 102 ? -12.599 1.578   10.195  1.00 15.57 ? 103 ALA A C   1 
ATOM   781  O  O   . ALA A 1 102 ? -13.441 2.151   10.882  1.00 16.78 ? 103 ALA A O   1 
ATOM   782  C  CB  . ALA A 1 102 ? -11.173 3.632   10.409  1.00 15.53 ? 103 ALA A CB  1 
ATOM   783  N  N   . GLY A 1 103 ? -12.838 0.447   9.538   1.00 14.40 ? 104 GLY A N   1 
ATOM   784  C  CA  . GLY A 1 103 ? -14.146 -0.178  9.583   1.00 14.60 ? 104 GLY A CA  1 
ATOM   785  C  C   . GLY A 1 103 ? -14.769 -0.164  8.199   1.00 13.47 ? 104 GLY A C   1 
ATOM   786  O  O   . GLY A 1 103 ? -14.126 0.263   7.240   1.00 12.38 ? 104 GLY A O   1 
ATOM   787  N  N   . PRO A 1 104 ? -16.024 -0.617  8.061   1.00 13.80 ? 105 PRO A N   1 
ATOM   788  C  CA  . PRO A 1 104 ? -16.706 -0.647  6.763   1.00 12.64 ? 105 PRO A CA  1 
ATOM   789  C  C   . PRO A 1 104 ? -16.788 0.698   6.046   1.00 11.60 ? 105 PRO A C   1 
ATOM   790  O  O   . PRO A 1 104 ? -17.112 1.717   6.648   1.00 10.39 ? 105 PRO A O   1 
ATOM   791  C  CB  . PRO A 1 104 ? -18.090 -1.191  7.114   1.00 14.02 ? 105 PRO A CB  1 
ATOM   792  C  CG  . PRO A 1 104 ? -17.807 -2.081  8.286   1.00 14.96 ? 105 PRO A CG  1 
ATOM   793  C  CD  . PRO A 1 104 ? -16.864 -1.229  9.104   1.00 14.95 ? 105 PRO A CD  1 
ATOM   794  N  N   . ASN A 1 105 ? -16.481 0.677   4.752   1.00 11.37 ? 106 ASN A N   1 
ATOM   795  C  CA  . ASN A 1 105 ? -16.543 1.855   3.899   1.00 10.09 ? 106 ASN A CA  1 
ATOM   796  C  C   . ASN A 1 105 ? -15.751 3.060   4.383   1.00 11.01 ? 106 ASN A C   1 
ATOM   797  O  O   . ASN A 1 105 ? -16.269 4.179   4.425   1.00 8.32  ? 106 ASN A O   1 
ATOM   798  C  CB  . ASN A 1 105 ? -18.004 2.253   3.690   1.00 10.01 ? 106 ASN A CB  1 
ATOM   799  C  CG  . ASN A 1 105 ? -18.838 1.110   3.161   1.00 10.50 ? 106 ASN A CG  1 
ATOM   800  O  OD1 . ASN A 1 105 ? -18.524 0.539   2.122   1.00 8.13  ? 106 ASN A OD1 1 
ATOM   801  N  ND2 . ASN A 1 105 ? -19.911 0.768   3.877   1.00 10.09 ? 106 ASN A ND2 1 
ATOM   802  N  N   . THR A 1 106 ? -14.491 2.835   4.741   1.00 9.16  ? 107 THR A N   1 
ATOM   803  C  CA  . THR A 1 106 ? -13.628 3.924   5.190   1.00 10.76 ? 107 THR A CA  1 
ATOM   804  C  C   . THR A 1 106 ? -12.264 3.852   4.506   1.00 10.71 ? 107 THR A C   1 
ATOM   805  O  O   . THR A 1 106 ? -11.227 4.119   5.119   1.00 10.32 ? 107 THR A O   1 
ATOM   806  C  CB  . THR A 1 106 ? -13.428 3.904   6.715   1.00 10.64 ? 107 THR A CB  1 
ATOM   807  O  OG1 . THR A 1 106 ? -12.937 2.620   7.121   1.00 13.13 ? 107 THR A OG1 1 
ATOM   808  C  CG2 . THR A 1 106 ? -14.744 4.201   7.422   1.00 12.24 ? 107 THR A CG2 1 
ATOM   809  N  N   . ASN A 1 107 ? -12.278 3.485   3.231   1.00 9.61  ? 108 ASN A N   1 
ATOM   810  C  CA  . ASN A 1 107 ? -11.053 3.402   2.447   1.00 8.72  ? 108 ASN A CA  1 
ATOM   811  C  C   . ASN A 1 107 ? -10.606 4.813   2.107   1.00 9.63  ? 108 ASN A C   1 
ATOM   812  O  O   . ASN A 1 107 ? -11.415 5.635   1.677   1.00 9.02  ? 108 ASN A O   1 
ATOM   813  C  CB  . ASN A 1 107 ? -11.298 2.638   1.148   1.00 8.48  ? 108 ASN A CB  1 
ATOM   814  C  CG  . ASN A 1 107 ? -11.664 1.191   1.381   1.00 9.80  ? 108 ASN A CG  1 
ATOM   815  O  OD1 . ASN A 1 107 ? -10.825 0.388   1.783   1.00 9.34  ? 108 ASN A OD1 1 
ATOM   816  N  ND2 . ASN A 1 107 ? -12.926 0.851   1.136   1.00 9.53  ? 108 ASN A ND2 1 
ATOM   817  N  N   . GLY A 1 108 ? -9.322  5.090   2.309   1.00 8.54  ? 109 GLY A N   1 
ATOM   818  C  CA  . GLY A 1 108 ? -8.785  6.401   1.993   1.00 9.52  ? 109 GLY A CA  1 
ATOM   819  C  C   . GLY A 1 108 ? -7.607  6.247   1.053   1.00 8.98  ? 109 GLY A C   1 
ATOM   820  O  O   . GLY A 1 108 ? -7.780  6.042   -0.154  1.00 9.77  ? 109 GLY A O   1 
ATOM   821  N  N   . SER A 1 109 ? -6.403  6.328   1.608   1.00 8.65  ? 110 SER A N   1 
ATOM   822  C  CA  . SER A 1 109 ? -5.185  6.188   0.817   1.00 7.93  ? 110 SER A CA  1 
ATOM   823  C  C   . SER A 1 109 ? -4.244  5.175   1.455   1.00 8.41  ? 110 SER A C   1 
ATOM   824  O  O   . SER A 1 109 ? -3.309  4.689   0.804   1.00 7.63  ? 110 SER A O   1 
ATOM   825  C  CB  . SER A 1 109 ? -4.475  7.540   0.689   1.00 9.63  ? 110 SER A CB  1 
ATOM   826  O  OG  . SER A 1 109 ? -4.180  8.082   1.966   1.00 8.73  ? 110 SER A OG  1 
ATOM   827  N  N   . GLN A 1 110 ? -4.487  4.860   2.727   1.00 7.22  ? 111 GLN A N   1 
ATOM   828  C  CA  . GLN A 1 110 ? -3.651  3.897   3.436   1.00 5.97  ? 111 GLN A CA  1 
ATOM   829  C  C   . GLN A 1 110 ? -3.834  2.485   2.892   1.00 6.13  ? 111 GLN A C   1 
ATOM   830  O  O   . GLN A 1 110 ? -4.946  2.053   2.592   1.00 8.62  ? 111 GLN A O   1 
ATOM   831  C  CB  . GLN A 1 110 ? -3.942  3.932   4.941   1.00 6.57  ? 111 GLN A CB  1 
ATOM   832  C  CG  . GLN A 1 110 ? -3.446  5.207   5.617   1.00 10.66 ? 111 GLN A CG  1 
ATOM   833  C  CD  . GLN A 1 110 ? -3.544  5.146   7.125   1.00 12.63 ? 111 GLN A CD  1 
ATOM   834  O  OE1 . GLN A 1 110 ? -3.013  4.227   7.759   1.00 13.78 ? 111 GLN A OE1 1 
ATOM   835  N  NE2 . GLN A 1 110 ? -4.214  6.131   7.713   1.00 13.91 ? 111 GLN A NE2 1 
ATOM   836  N  N   . PHE A 1 111 ? -2.722  1.772   2.777   1.00 6.97  ? 112 PHE A N   1 
ATOM   837  C  CA  . PHE A 1 111 ? -2.714  0.418   2.237   1.00 7.25  ? 112 PHE A CA  1 
ATOM   838  C  C   . PHE A 1 111 ? -1.650  -0.390  2.955   1.00 7.68  ? 112 PHE A C   1 
ATOM   839  O  O   . PHE A 1 111 ? -0.803  0.169   3.653   1.00 7.50  ? 112 PHE A O   1 
ATOM   840  C  CB  . PHE A 1 111 ? -2.322  0.466   0.767   1.00 7.63  ? 112 PHE A CB  1 
ATOM   841  C  CG  . PHE A 1 111 ? -0.945  1.041   0.544   1.00 7.70  ? 112 PHE A CG  1 
ATOM   842  C  CD1 . PHE A 1 111 ? -0.762  2.412   0.412   1.00 10.55 ? 112 PHE A CD1 1 
ATOM   843  C  CD2 . PHE A 1 111 ? 0.180   0.215   0.563   1.00 11.11 ? 112 PHE A CD2 1 
ATOM   844  C  CE1 . PHE A 1 111 ? 0.522   2.962   0.306   1.00 9.56  ? 112 PHE A CE1 1 
ATOM   845  C  CE2 . PHE A 1 111 ? 1.465   0.752   0.458   1.00 12.33 ? 112 PHE A CE2 1 
ATOM   846  C  CZ  . PHE A 1 111 ? 1.633   2.126   0.331   1.00 13.54 ? 112 PHE A CZ  1 
ATOM   847  N  N   . PHE A 1 112 ? -1.681  -1.704  2.755   1.00 9.07  ? 113 PHE A N   1 
ATOM   848  C  CA  . PHE A 1 112 ? -0.675  -2.578  3.336   1.00 7.56  ? 113 PHE A CA  1 
ATOM   849  C  C   . PHE A 1 112 ? -0.268  -3.684  2.365   1.00 7.87  ? 113 PHE A C   1 
ATOM   850  O  O   . PHE A 1 112 ? -1.053  -4.111  1.513   1.00 7.36  ? 113 PHE A O   1 
ATOM   851  C  CB  . PHE A 1 112 ? -1.143  -3.190  4.662   1.00 6.66  ? 113 PHE A CB  1 
ATOM   852  C  CG  . PHE A 1 112 ? -2.402  -4.010  4.564   1.00 10.07 ? 113 PHE A CG  1 
ATOM   853  C  CD1 . PHE A 1 112 ? -3.657  -3.400  4.568   1.00 8.43  ? 113 PHE A CD1 1 
ATOM   854  C  CD2 . PHE A 1 112 ? -2.332  -5.401  4.527   1.00 8.98  ? 113 PHE A CD2 1 
ATOM   855  C  CE1 . PHE A 1 112 ? -4.829  -4.165  4.546   1.00 9.45  ? 113 PHE A CE1 1 
ATOM   856  C  CE2 . PHE A 1 112 ? -3.494  -6.179  4.504   1.00 11.85 ? 113 PHE A CE2 1 
ATOM   857  C  CZ  . PHE A 1 112 ? -4.747  -5.558  4.516   1.00 10.23 ? 113 PHE A CZ  1 
ATOM   858  N  N   . ILE A 1 113 ? 0.981   -4.117  2.491   1.00 6.92  ? 114 ILE A N   1 
ATOM   859  C  CA  . ILE A 1 113 ? 1.538   -5.174  1.657   1.00 8.14  ? 114 ILE A CA  1 
ATOM   860  C  C   . ILE A 1 113 ? 1.759   -6.361  2.578   1.00 8.80  ? 114 ILE A C   1 
ATOM   861  O  O   . ILE A 1 113 ? 2.597   -6.305  3.478   1.00 10.67 ? 114 ILE A O   1 
ATOM   862  C  CB  . ILE A 1 113 ? 2.901   -4.759  1.058   1.00 7.30  ? 114 ILE A CB  1 
ATOM   863  C  CG1 . ILE A 1 113 ? 2.785   -3.393  0.376   1.00 7.88  ? 114 ILE A CG1 1 
ATOM   864  C  CG2 . ILE A 1 113 ? 3.381   -5.818  0.063   1.00 9.04  ? 114 ILE A CG2 1 
ATOM   865  C  CD1 . ILE A 1 113 ? 4.105   -2.863  -0.140  1.00 11.03 ? 114 ILE A CD1 1 
ATOM   866  N  N   . CYS A 1 114 ? 0.997   -7.426  2.366   1.00 11.21 ? 115 CYS A N   1 
ATOM   867  C  CA  . CYS A 1 114 ? 1.113   -8.615  3.195   1.00 10.24 ? 115 CYS A CA  1 
ATOM   868  C  C   . CYS A 1 114 ? 2.448   -9.307  2.964   1.00 12.00 ? 115 CYS A C   1 
ATOM   869  O  O   . CYS A 1 114 ? 2.959   -9.331  1.843   1.00 11.58 ? 115 CYS A O   1 
ATOM   870  C  CB  . CYS A 1 114 ? -0.016  -9.598  2.877   1.00 9.36  ? 115 CYS A CB  1 
ATOM   871  S  SG  . CYS A 1 114 ? -1.693  -8.949  3.060   1.00 11.14 ? 115 CYS A SG  1 
ATOM   872  N  N   . THR A 1 115 ? 3.012   -9.854  4.038   1.00 12.71 ? 116 THR A N   1 
ATOM   873  C  CA  . THR A 1 115 ? 4.268   -10.587 3.966   1.00 12.87 ? 116 THR A CA  1 
ATOM   874  C  C   . THR A 1 115 ? 3.985   -12.000 4.467   1.00 15.26 ? 116 THR A C   1 
ATOM   875  O  O   . THR A 1 115 ? 4.876   -12.704 4.947   1.00 15.97 ? 116 THR A O   1 
ATOM   876  C  CB  . THR A 1 115 ? 5.381   -9.924  4.826   1.00 13.23 ? 116 THR A CB  1 
ATOM   877  O  OG1 . THR A 1 115 ? 4.909   -9.701  6.159   1.00 14.81 ? 116 THR A OG1 1 
ATOM   878  C  CG2 . THR A 1 115 ? 5.798   -8.597  4.212   1.00 11.76 ? 116 THR A CG2 1 
ATOM   879  N  N   . ALA A 1 116 ? 2.719   -12.391 4.344   1.00 14.26 ? 117 ALA A N   1 
ATOM   880  C  CA  . ALA A 1 116 ? 2.237   -13.705 4.753   1.00 13.74 ? 117 ALA A CA  1 
ATOM   881  C  C   . ALA A 1 116 ? 0.757   -13.802 4.412   1.00 13.39 ? 117 ALA A C   1 
ATOM   882  O  O   . ALA A 1 116 ? 0.145   -12.820 3.988   1.00 11.08 ? 117 ALA A O   1 
ATOM   883  C  CB  . ALA A 1 116 ? 2.432   -13.897 6.253   1.00 15.49 ? 117 ALA A CB  1 
ATOM   884  N  N   . LYS A 1 117 ? 0.186   -14.986 4.596   1.00 12.33 ? 118 LYS A N   1 
ATOM   885  C  CA  . LYS A 1 117 ? -1.228  -15.196 4.330   1.00 13.56 ? 118 LYS A CA  1 
ATOM   886  C  C   . LYS A 1 117 ? -1.984  -14.661 5.540   1.00 13.58 ? 118 LYS A C   1 
ATOM   887  O  O   . LYS A 1 117 ? -1.681  -15.018 6.682   1.00 14.54 ? 118 LYS A O   1 
ATOM   888  C  CB  . LYS A 1 117 ? -1.515  -16.690 4.138   1.00 15.71 ? 118 LYS A CB  1 
ATOM   889  C  CG  . LYS A 1 117 ? -2.962  -17.015 3.805   1.00 16.91 ? 118 LYS A CG  1 
ATOM   890  C  CD  . LYS A 1 117 ? -3.142  -18.503 3.574   1.00 20.67 ? 118 LYS A CD  1 
ATOM   891  C  CE  . LYS A 1 117 ? -4.582  -18.849 3.238   1.00 21.82 ? 118 LYS A CE  1 
ATOM   892  N  NZ  . LYS A 1 117 ? -4.743  -20.317 3.043   1.00 22.35 ? 118 LYS A NZ  1 
ATOM   893  N  N   . THR A 1 118 ? -2.958  -13.796 5.293   1.00 11.65 ? 119 THR A N   1 
ATOM   894  C  CA  . THR A 1 118 ? -3.745  -13.209 6.373   1.00 12.24 ? 119 THR A CA  1 
ATOM   895  C  C   . THR A 1 118 ? -5.237  -13.382 6.102   1.00 11.62 ? 119 THR A C   1 
ATOM   896  O  O   . THR A 1 118 ? -5.960  -12.401 5.934   1.00 8.36  ? 119 THR A O   1 
ATOM   897  C  CB  . THR A 1 118 ? -3.425  -11.702 6.522   1.00 12.82 ? 119 THR A CB  1 
ATOM   898  O  OG1 . THR A 1 118 ? -3.751  -11.018 5.307   1.00 12.52 ? 119 THR A OG1 1 
ATOM   899  C  CG2 . THR A 1 118 ? -1.944  -11.501 6.818   1.00 13.43 ? 119 THR A CG2 1 
ATOM   900  N  N   . LYS A 1 119 ? -5.697  -14.634 6.091   1.00 11.97 ? 120 LYS A N   1 
ATOM   901  C  CA  . LYS A 1 119 ? -7.100  -14.938 5.809   1.00 12.98 ? 120 LYS A CA  1 
ATOM   902  C  C   . LYS A 1 119 ? -8.145  -14.247 6.688   1.00 11.90 ? 120 LYS A C   1 
ATOM   903  O  O   . LYS A 1 119 ? -9.248  -13.968 6.222   1.00 11.55 ? 120 LYS A O   1 
ATOM   904  C  CB  . LYS A 1 119 ? -7.356  -16.452 5.858   1.00 14.74 ? 120 LYS A CB  1 
ATOM   905  C  CG  . LYS A 1 119 ? -8.589  -16.858 5.035   1.00 19.03 ? 120 LYS A CG  1 
ATOM   906  C  CD  . LYS A 1 119 ? -9.152  -18.250 5.351   1.00 20.08 ? 120 LYS A CD  1 
ATOM   907  C  CE  . LYS A 1 119 ? -8.093  -19.323 5.350   1.00 18.97 ? 120 LYS A CE  1 
ATOM   908  N  NZ  . LYS A 1 119 ? -7.293  -19.259 6.593   1.00 20.02 ? 120 LYS A NZ  1 
ATOM   909  N  N   . TRP A 1 120 ? -7.813  -13.963 7.943   1.00 11.69 ? 121 TRP A N   1 
ATOM   910  C  CA  . TRP A 1 120 ? -8.783  -13.324 8.831   1.00 11.16 ? 121 TRP A CA  1 
ATOM   911  C  C   . TRP A 1 120 ? -9.204  -11.926 8.377   1.00 10.47 ? 121 TRP A C   1 
ATOM   912  O  O   . TRP A 1 120 ? -10.192 -11.379 8.872   1.00 9.47  ? 121 TRP A O   1 
ATOM   913  C  CB  . TRP A 1 120 ? -8.244  -13.274 10.264  1.00 12.35 ? 121 TRP A CB  1 
ATOM   914  C  CG  . TRP A 1 120 ? -7.026  -12.422 10.448  1.00 13.71 ? 121 TRP A CG  1 
ATOM   915  C  CD1 . TRP A 1 120 ? -6.991  -11.102 10.802  1.00 13.36 ? 121 TRP A CD1 1 
ATOM   916  C  CD2 . TRP A 1 120 ? -5.665  -12.829 10.276  1.00 13.84 ? 121 TRP A CD2 1 
ATOM   917  N  NE1 . TRP A 1 120 ? -5.692  -10.664 10.861  1.00 15.05 ? 121 TRP A NE1 1 
ATOM   918  C  CE2 . TRP A 1 120 ? -4.855  -11.703 10.543  1.00 15.12 ? 121 TRP A CE2 1 
ATOM   919  C  CE3 . TRP A 1 120 ? -5.049  -14.038 9.921   1.00 14.36 ? 121 TRP A CE3 1 
ATOM   920  C  CZ2 . TRP A 1 120 ? -3.461  -11.748 10.470  1.00 14.14 ? 121 TRP A CZ2 1 
ATOM   921  C  CZ3 . TRP A 1 120 ? -3.662  -14.084 9.845   1.00 15.91 ? 121 TRP A CZ3 1 
ATOM   922  C  CH2 . TRP A 1 120 ? -2.883  -12.943 10.120  1.00 16.50 ? 121 TRP A CH2 1 
ATOM   923  N  N   . LEU A 1 121 ? -8.467  -11.356 7.427   1.00 9.51  ? 122 LEU A N   1 
ATOM   924  C  CA  . LEU A 1 121 ? -8.791  -10.030 6.910   1.00 11.10 ? 122 LEU A CA  1 
ATOM   925  C  C   . LEU A 1 121 ? -9.756  -10.127 5.732   1.00 11.21 ? 122 LEU A C   1 
ATOM   926  O  O   . LEU A 1 121 ? -10.280 -9.113  5.272   1.00 13.91 ? 122 LEU A O   1 
ATOM   927  C  CB  . LEU A 1 121 ? -7.521  -9.297  6.467   1.00 8.31  ? 122 LEU A CB  1 
ATOM   928  C  CG  . LEU A 1 121 ? -6.427  -9.130  7.526   1.00 10.48 ? 122 LEU A CG  1 
ATOM   929  C  CD1 . LEU A 1 121 ? -5.231  -8.385  6.935   1.00 9.41  ? 122 LEU A CD1 1 
ATOM   930  C  CD2 . LEU A 1 121 ? -6.989  -8.380  8.719   1.00 10.42 ? 122 LEU A CD2 1 
ATOM   931  N  N   . ASP A 1 122 ? -9.995  -11.343 5.246   1.00 11.26 ? 123 ASP A N   1 
ATOM   932  C  CA  . ASP A 1 122 ? -10.901 -11.532 4.115   1.00 11.10 ? 123 ASP A CA  1 
ATOM   933  C  C   . ASP A 1 122 ? -12.301 -11.018 4.441   1.00 11.23 ? 123 ASP A C   1 
ATOM   934  O  O   . ASP A 1 122 ? -12.859 -11.319 5.497   1.00 10.14 ? 123 ASP A O   1 
ATOM   935  C  CB  . ASP A 1 122 ? -10.977 -13.012 3.710   1.00 9.37  ? 123 ASP A CB  1 
ATOM   936  C  CG  . ASP A 1 122 ? -9.674  -13.529 3.109   1.00 10.62 ? 123 ASP A CG  1 
ATOM   937  O  OD1 . ASP A 1 122 ? -8.830  -12.709 2.685   1.00 11.14 ? 123 ASP A OD1 1 
ATOM   938  O  OD2 . ASP A 1 122 ? -9.502  -14.765 3.045   1.00 12.91 ? 123 ASP A OD2 1 
ATOM   939  N  N   . GLY A 1 123 ? -12.870 -10.245 3.524   1.00 11.48 ? 124 GLY A N   1 
ATOM   940  C  CA  . GLY A 1 123 ? -14.196 -9.701  3.750   1.00 11.65 ? 124 GLY A CA  1 
ATOM   941  C  C   . GLY A 1 123 ? -14.173 -8.444  4.603   1.00 13.66 ? 124 GLY A C   1 
ATOM   942  O  O   . GLY A 1 123 ? -15.213 -7.812  4.809   1.00 11.18 ? 124 GLY A O   1 
ATOM   943  N  N   . LYS A 1 124 ? -12.994 -8.074  5.100   1.00 13.30 ? 125 LYS A N   1 
ATOM   944  C  CA  . LYS A 1 124 ? -12.861 -6.878  5.932   1.00 15.05 ? 125 LYS A CA  1 
ATOM   945  C  C   . LYS A 1 124 ? -12.042 -5.800  5.224   1.00 12.56 ? 125 LYS A C   1 
ATOM   946  O  O   . LYS A 1 124 ? -12.334 -4.609  5.335   1.00 12.38 ? 125 LYS A O   1 
ATOM   947  C  CB  . LYS A 1 124 ? -12.205 -7.229  7.273   1.00 17.81 ? 125 LYS A CB  1 
ATOM   948  C  CG  . LYS A 1 124 ? -13.006 -8.210  8.113   1.00 22.04 ? 125 LYS A CG  1 
ATOM   949  C  CD  . LYS A 1 124 ? -12.339 -8.470  9.452   1.00 25.68 ? 125 LYS A CD  1 
ATOM   950  C  CE  . LYS A 1 124 ? -13.180 -9.396  10.315  1.00 29.54 ? 125 LYS A CE  1 
ATOM   951  N  NZ  . LYS A 1 124 ? -12.540 -9.660  11.635  1.00 31.01 ? 125 LYS A NZ  1 
ATOM   952  N  N   . HIS A 1 125 ? -11.017 -6.230  4.499   1.00 10.02 ? 126 HIS A N   1 
ATOM   953  C  CA  . HIS A 1 125 ? -10.161 -5.314  3.756   1.00 8.18  ? 126 HIS A CA  1 
ATOM   954  C  C   . HIS A 1 125 ? -10.222 -5.660  2.271   1.00 7.12  ? 126 HIS A C   1 
ATOM   955  O  O   . HIS A 1 125 ? -10.164 -6.831  1.886   1.00 6.46  ? 126 HIS A O   1 
ATOM   956  C  CB  . HIS A 1 125 ? -8.729  -5.407  4.281   1.00 8.07  ? 126 HIS A CB  1 
ATOM   957  C  CG  . HIS A 1 125 ? -8.584  -4.923  5.691   1.00 6.55  ? 126 HIS A CG  1 
ATOM   958  N  ND1 . HIS A 1 125 ? -8.378  -3.597  6.004   1.00 5.77  ? 126 HIS A ND1 1 
ATOM   959  C  CD2 . HIS A 1 125 ? -8.702  -5.573  6.873   1.00 7.77  ? 126 HIS A CD2 1 
ATOM   960  C  CE1 . HIS A 1 125 ? -8.379  -3.449  7.316   1.00 7.51  ? 126 HIS A CE1 1 
ATOM   961  N  NE2 . HIS A 1 125 ? -8.575  -4.633  7.868   1.00 6.73  ? 126 HIS A NE2 1 
ATOM   962  N  N   . VAL A 1 126 ? -10.364 -4.633  1.442   1.00 8.08  ? 127 VAL A N   1 
ATOM   963  C  CA  . VAL A 1 126 ? -10.461 -4.815  -0.007  1.00 6.96  ? 127 VAL A CA  1 
ATOM   964  C  C   . VAL A 1 126 ? -9.098  -5.027  -0.670  1.00 7.64  ? 127 VAL A C   1 
ATOM   965  O  O   . VAL A 1 126 ? -8.247  -4.133  -0.667  1.00 7.68  ? 127 VAL A O   1 
ATOM   966  C  CB  . VAL A 1 126 ? -11.142 -3.586  -0.671  1.00 7.43  ? 127 VAL A CB  1 
ATOM   967  C  CG1 . VAL A 1 126 ? -11.168 -3.761  -2.189  1.00 8.07  ? 127 VAL A CG1 1 
ATOM   968  C  CG2 . VAL A 1 126 ? -12.554 -3.410  -0.127  1.00 7.59  ? 127 VAL A CG2 1 
ATOM   969  N  N   . VAL A 1 127 ? -8.899  -6.213  -1.238  1.00 7.36  ? 128 VAL A N   1 
ATOM   970  C  CA  . VAL A 1 127 ? -7.657  -6.537  -1.929  1.00 8.62  ? 128 VAL A CA  1 
ATOM   971  C  C   . VAL A 1 127 ? -7.769  -6.011  -3.359  1.00 8.59  ? 128 VAL A C   1 
ATOM   972  O  O   . VAL A 1 127 ? -8.761  -6.268  -4.044  1.00 10.09 ? 128 VAL A O   1 
ATOM   973  C  CB  . VAL A 1 127 ? -7.431  -8.066  -1.963  1.00 9.45  ? 128 VAL A CB  1 
ATOM   974  C  CG1 . VAL A 1 127 ? -6.207  -8.394  -2.798  1.00 9.41  ? 128 VAL A CG1 1 
ATOM   975  C  CG2 . VAL A 1 127 ? -7.259  -8.597  -0.541  1.00 9.75  ? 128 VAL A CG2 1 
ATOM   976  N  N   . PHE A 1 128 ? -6.760  -5.278  -3.814  1.00 8.75  ? 129 PHE A N   1 
ATOM   977  C  CA  . PHE A 1 128 ? -6.809  -4.715  -5.156  1.00 8.26  ? 129 PHE A CA  1 
ATOM   978  C  C   . PHE A 1 128 ? -5.546  -4.877  -5.983  1.00 8.49  ? 129 PHE A C   1 
ATOM   979  O  O   . PHE A 1 128 ? -5.464  -4.347  -7.089  1.00 9.29  ? 129 PHE A O   1 
ATOM   980  C  CB  . PHE A 1 128 ? -7.159  -3.227  -5.084  1.00 8.02  ? 129 PHE A CB  1 
ATOM   981  C  CG  . PHE A 1 128 ? -6.159  -2.406  -4.325  1.00 7.36  ? 129 PHE A CG  1 
ATOM   982  C  CD1 . PHE A 1 128 ? -6.138  -2.424  -2.934  1.00 6.33  ? 129 PHE A CD1 1 
ATOM   983  C  CD2 . PHE A 1 128 ? -5.218  -1.635  -5.002  1.00 9.06  ? 129 PHE A CD2 1 
ATOM   984  C  CE1 . PHE A 1 128 ? -5.194  -1.686  -2.226  1.00 5.49  ? 129 PHE A CE1 1 
ATOM   985  C  CE2 . PHE A 1 128 ? -4.268  -0.891  -4.303  1.00 6.47  ? 129 PHE A CE2 1 
ATOM   986  C  CZ  . PHE A 1 128 ? -4.257  -0.919  -2.912  1.00 9.04  ? 129 PHE A CZ  1 
ATOM   987  N  N   . GLY A 1 129 ? -4.557  -5.592  -5.458  1.00 9.58  ? 130 GLY A N   1 
ATOM   988  C  CA  . GLY A 1 129 ? -3.330  -5.768  -6.215  1.00 9.83  ? 130 GLY A CA  1 
ATOM   989  C  C   . GLY A 1 129 ? -2.375  -6.778  -5.616  1.00 8.46  ? 130 GLY A C   1 
ATOM   990  O  O   . GLY A 1 129 ? -2.684  -7.424  -4.624  1.00 10.32 ? 130 GLY A O   1 
ATOM   991  N  N   . ALA A 1 130 ? -1.206  -6.919  -6.228  1.00 9.83  ? 131 ALA A N   1 
ATOM   992  C  CA  . ALA A 1 130 ? -0.198  -7.848  -5.735  1.00 10.46 ? 131 ALA A CA  1 
ATOM   993  C  C   . ALA A 1 130 ? 1.174   -7.417  -6.232  1.00 10.12 ? 131 ALA A C   1 
ATOM   994  O  O   . ALA A 1 130 ? 1.300   -6.864  -7.328  1.00 8.87  ? 131 ALA A O   1 
ATOM   995  C  CB  . ALA A 1 130 ? -0.506  -9.265  -6.219  1.00 12.15 ? 131 ALA A CB  1 
ATOM   996  N  N   . VAL A 1 131 ? 2.195   -7.659  -5.416  1.00 11.38 ? 132 VAL A N   1 
ATOM   997  C  CA  . VAL A 1 131 ? 3.560   -7.325  -5.788  1.00 11.06 ? 132 VAL A CA  1 
ATOM   998  C  C   . VAL A 1 131 ? 3.907   -8.123  -7.042  1.00 13.15 ? 132 VAL A C   1 
ATOM   999  O  O   . VAL A 1 131 ? 3.657   -9.328  -7.114  1.00 13.95 ? 132 VAL A O   1 
ATOM   1000 C  CB  . VAL A 1 131 ? 4.556   -7.690  -4.666  1.00 10.09 ? 132 VAL A CB  1 
ATOM   1001 C  CG1 . VAL A 1 131 ? 5.986   -7.514  -5.162  1.00 10.83 ? 132 VAL A CG1 1 
ATOM   1002 C  CG2 . VAL A 1 131 ? 4.305   -6.817  -3.439  1.00 7.36  ? 132 VAL A CG2 1 
ATOM   1003 N  N   . LYS A 1 132 ? 4.476   -7.440  -8.026  1.00 14.39 ? 133 LYS A N   1 
ATOM   1004 C  CA  . LYS A 1 132 ? 4.863   -8.069  -9.281  1.00 17.69 ? 133 LYS A CA  1 
ATOM   1005 C  C   . LYS A 1 132 ? 6.366   -8.338  -9.243  1.00 18.51 ? 133 LYS A C   1 
ATOM   1006 O  O   . LYS A 1 132 ? 6.816   -9.460  -9.475  1.00 20.34 ? 133 LYS A O   1 
ATOM   1007 C  CB  . LYS A 1 132 ? 4.512   -7.137  -10.442 1.00 18.82 ? 133 LYS A CB  1 
ATOM   1008 C  CG  . LYS A 1 132 ? 4.709   -7.719  -11.826 1.00 25.08 ? 133 LYS A CG  1 
ATOM   1009 C  CD  . LYS A 1 132 ? 4.241   -6.719  -12.880 1.00 27.43 ? 133 LYS A CD  1 
ATOM   1010 C  CE  . LYS A 1 132 ? 4.387   -7.268  -14.282 1.00 28.38 ? 133 LYS A CE  1 
ATOM   1011 N  NZ  . LYS A 1 132 ? 3.882   -6.297  -15.288 1.00 30.24 ? 133 LYS A NZ  1 
ATOM   1012 N  N   . GLU A 1 133 ? 7.132   -7.299  -8.937  1.00 19.13 ? 134 GLU A N   1 
ATOM   1013 C  CA  . GLU A 1 133 ? 8.584   -7.404  -8.844  1.00 19.24 ? 134 GLU A CA  1 
ATOM   1014 C  C   . GLU A 1 133 ? 9.049   -6.711  -7.568  1.00 16.14 ? 134 GLU A C   1 
ATOM   1015 O  O   . GLU A 1 133 ? 8.454   -5.724  -7.153  1.00 15.63 ? 134 GLU A O   1 
ATOM   1016 C  CB  . GLU A 1 133 ? 9.238   -6.738  -10.056 1.00 22.34 ? 134 GLU A CB  1 
ATOM   1017 C  CG  . GLU A 1 133 ? 8.912   -7.402  -11.382 1.00 27.36 ? 134 GLU A CG  1 
ATOM   1018 C  CD  . GLU A 1 133 ? 9.415   -8.831  -11.449 1.00 29.77 ? 134 GLU A CD  1 
ATOM   1019 O  OE1 . GLU A 1 133 ? 10.626  -9.042  -11.230 1.00 31.32 ? 134 GLU A OE1 1 
ATOM   1020 O  OE2 . GLU A 1 133 ? 8.602   -9.740  -11.720 1.00 33.45 ? 134 GLU A OE2 1 
ATOM   1021 N  N   . GLY A 1 134 ? 10.093  -7.242  -6.940  1.00 13.97 ? 135 GLY A N   1 
ATOM   1022 C  CA  . GLY A 1 134 ? 10.614  -6.622  -5.734  1.00 12.23 ? 135 GLY A CA  1 
ATOM   1023 C  C   . GLY A 1 134 ? 10.093  -7.113  -4.397  1.00 11.51 ? 135 GLY A C   1 
ATOM   1024 O  O   . GLY A 1 134 ? 10.142  -6.377  -3.409  1.00 9.84  ? 135 GLY A O   1 
ATOM   1025 N  N   . MET A 1 135 ? 9.595   -8.346  -4.352  1.00 9.61  ? 136 MET A N   1 
ATOM   1026 C  CA  . MET A 1 135 ? 9.088   -8.905  -3.105  1.00 11.33 ? 136 MET A CA  1 
ATOM   1027 C  C   . MET A 1 135 ? 10.233  -9.024  -2.098  1.00 12.33 ? 136 MET A C   1 
ATOM   1028 O  O   . MET A 1 135 ? 10.015  -8.989  -0.886  1.00 11.93 ? 136 MET A O   1 
ATOM   1029 C  CB  . MET A 1 135 ? 8.460   -10.281 -3.348  1.00 11.58 ? 136 MET A CB  1 
ATOM   1030 C  CG  . MET A 1 135 ? 7.711   -10.864 -2.144  1.00 13.35 ? 136 MET A CG  1 
ATOM   1031 S  SD  . MET A 1 135 ? 6.352   -9.816  -1.532  1.00 16.66 ? 136 MET A SD  1 
ATOM   1032 C  CE  . MET A 1 135 ? 6.652   -9.847  0.234   1.00 14.73 ? 136 MET A CE  1 
ATOM   1033 N  N   . ASN A 1 136 ? 11.458  -9.164  -2.598  1.00 12.94 ? 137 ASN A N   1 
ATOM   1034 C  CA  . ASN A 1 136 ? 12.610  -9.269  -1.713  1.00 15.29 ? 137 ASN A CA  1 
ATOM   1035 C  C   . ASN A 1 136 ? 12.840  -7.937  -1.007  1.00 14.85 ? 137 ASN A C   1 
ATOM   1036 O  O   . ASN A 1 136 ? 13.326  -7.906  0.126   1.00 14.49 ? 137 ASN A O   1 
ATOM   1037 C  CB  . ASN A 1 136 ? 13.864  -9.675  -2.494  1.00 16.95 ? 137 ASN A CB  1 
ATOM   1038 C  CG  . ASN A 1 136 ? 13.778  -11.090 -3.036  1.00 17.35 ? 137 ASN A CG  1 
ATOM   1039 O  OD1 . ASN A 1 136 ? 13.251  -11.985 -2.375  1.00 20.38 ? 137 ASN A OD1 1 
ATOM   1040 N  ND2 . ASN A 1 136 ? 14.310  -11.304 -4.235  1.00 20.13 ? 137 ASN A ND2 1 
ATOM   1041 N  N   . ILE A 1 137 ? 12.490  -6.844  -1.682  1.00 13.18 ? 138 ILE A N   1 
ATOM   1042 C  CA  . ILE A 1 137 ? 12.637  -5.517  -1.102  1.00 11.37 ? 138 ILE A CA  1 
ATOM   1043 C  C   . ILE A 1 137 ? 11.592  -5.365  0.004   1.00 13.27 ? 138 ILE A C   1 
ATOM   1044 O  O   . ILE A 1 137 ? 11.860  -4.769  1.046   1.00 12.34 ? 138 ILE A O   1 
ATOM   1045 C  CB  . ILE A 1 137 ? 12.416  -4.422  -2.162  1.00 11.73 ? 138 ILE A CB  1 
ATOM   1046 C  CG1 . ILE A 1 137 ? 13.373  -4.623  -3.344  1.00 13.61 ? 138 ILE A CG1 1 
ATOM   1047 C  CG2 . ILE A 1 137 ? 12.603  -3.037  -1.543  1.00 12.74 ? 138 ILE A CG2 1 
ATOM   1048 C  CD1 . ILE A 1 137 ? 14.845  -4.607  -2.964  1.00 15.78 ? 138 ILE A CD1 1 
ATOM   1049 N  N   . VAL A 1 138 ? 10.402  -5.915  -0.223  1.00 11.95 ? 139 VAL A N   1 
ATOM   1050 C  CA  . VAL A 1 138 ? 9.350   -5.846  0.785   1.00 11.68 ? 139 VAL A CA  1 
ATOM   1051 C  C   . VAL A 1 138 ? 9.791   -6.605  2.030   1.00 12.45 ? 139 VAL A C   1 
ATOM   1052 O  O   . VAL A 1 138 ? 9.596   -6.142  3.158   1.00 12.50 ? 139 VAL A O   1 
ATOM   1053 C  CB  . VAL A 1 138 ? 8.032   -6.462  0.282   1.00 11.61 ? 139 VAL A CB  1 
ATOM   1054 C  CG1 . VAL A 1 138 ? 6.975   -6.351  1.361   1.00 11.20 ? 139 VAL A CG1 1 
ATOM   1055 C  CG2 . VAL A 1 138 ? 7.573   -5.756  -0.988  1.00 11.45 ? 139 VAL A CG2 1 
ATOM   1056 N  N   . GLU A 1 139 ? 10.391  -7.773  1.829   1.00 12.02 ? 140 GLU A N   1 
ATOM   1057 C  CA  . GLU A 1 139 ? 10.866  -8.564  2.957   1.00 11.94 ? 140 GLU A CA  1 
ATOM   1058 C  C   . GLU A 1 139 ? 11.979  -7.807  3.680   1.00 11.82 ? 140 GLU A C   1 
ATOM   1059 O  O   . GLU A 1 139 ? 12.044  -7.816  4.910   1.00 10.38 ? 140 GLU A O   1 
ATOM   1060 C  CB  . GLU A 1 139 ? 11.380  -9.927  2.482   1.00 15.29 ? 140 GLU A CB  1 
ATOM   1061 C  CG  . GLU A 1 139 ? 10.279  -10.873 2.025   1.00 18.71 ? 140 GLU A CG  1 
ATOM   1062 C  CD  . GLU A 1 139 ? 10.797  -12.246 1.635   1.00 22.50 ? 140 GLU A CD  1 
ATOM   1063 O  OE1 . GLU A 1 139 ? 11.711  -12.758 2.319   1.00 25.27 ? 140 GLU A OE1 1 
ATOM   1064 O  OE2 . GLU A 1 139 ? 10.276  -12.823 0.658   1.00 22.65 ? 140 GLU A OE2 1 
ATOM   1065 N  N   . ALA A 1 140 ? 12.845  -7.144  2.913   1.00 11.43 ? 141 ALA A N   1 
ATOM   1066 C  CA  . ALA A 1 140 ? 13.953  -6.380  3.489   1.00 12.37 ? 141 ALA A CA  1 
ATOM   1067 C  C   . ALA A 1 140 ? 13.415  -5.276  4.390   1.00 13.54 ? 141 ALA A C   1 
ATOM   1068 O  O   . ALA A 1 140 ? 14.009  -4.949  5.417   1.00 14.64 ? 141 ALA A O   1 
ATOM   1069 C  CB  . ALA A 1 140 ? 14.816  -5.768  2.375   1.00 11.70 ? 141 ALA A CB  1 
ATOM   1070 N  N   . MET A 1 141 ? 12.288  -4.701  3.985   1.00 13.03 ? 142 MET A N   1 
ATOM   1071 C  CA  . MET A 1 141 ? 11.641  -3.640  4.744   1.00 12.76 ? 142 MET A CA  1 
ATOM   1072 C  C   . MET A 1 141 ? 11.226  -4.123  6.134   1.00 12.83 ? 142 MET A C   1 
ATOM   1073 O  O   . MET A 1 141 ? 11.199  -3.343  7.084   1.00 12.24 ? 142 MET A O   1 
ATOM   1074 C  CB  . MET A 1 141 ? 10.416  -3.126  3.981   1.00 12.69 ? 142 MET A CB  1 
ATOM   1075 C  CG  . MET A 1 141 ? 10.757  -2.277  2.767   1.00 13.64 ? 142 MET A CG  1 
ATOM   1076 S  SD  . MET A 1 141 ? 9.347   -2.022  1.673   1.00 16.94 ? 142 MET A SD  1 
ATOM   1077 C  CE  . MET A 1 141 ? 8.255   -1.058  2.739   1.00 15.82 ? 142 MET A CE  1 
ATOM   1078 N  N   . GLU A 1 142 ? 10.904  -5.408  6.254   1.00 10.83 ? 143 GLU A N   1 
ATOM   1079 C  CA  . GLU A 1 142 ? 10.500  -5.963  7.543   1.00 12.38 ? 143 GLU A CA  1 
ATOM   1080 C  C   . GLU A 1 142 ? 11.606  -5.874  8.588   1.00 13.63 ? 143 GLU A C   1 
ATOM   1081 O  O   . GLU A 1 142 ? 11.342  -5.784  9.787   1.00 11.92 ? 143 GLU A O   1 
ATOM   1082 C  CB  . GLU A 1 142 ? 10.106  -7.428  7.392   1.00 14.45 ? 143 GLU A CB  1 
ATOM   1083 C  CG  . GLU A 1 142 ? 8.827   -7.673  6.631   1.00 13.04 ? 143 GLU A CG  1 
ATOM   1084 C  CD  . GLU A 1 142 ? 8.486   -9.141  6.586   1.00 14.68 ? 143 GLU A CD  1 
ATOM   1085 O  OE1 . GLU A 1 142 ? 9.257   -9.903  5.967   1.00 15.01 ? 143 GLU A OE1 1 
ATOM   1086 O  OE2 . GLU A 1 142 ? 7.461   -9.538  7.179   1.00 14.59 ? 143 GLU A OE2 1 
ATOM   1087 N  N   . ARG A 1 143 ? 12.851  -5.904  8.137   1.00 15.02 ? 144 ARG A N   1 
ATOM   1088 C  CA  . ARG A 1 143 ? 13.961  -5.845  9.071   1.00 16.36 ? 144 ARG A CA  1 
ATOM   1089 C  C   . ARG A 1 143 ? 13.963  -4.524  9.845   1.00 14.74 ? 144 ARG A C   1 
ATOM   1090 O  O   . ARG A 1 143 ? 14.608  -4.406  10.885  1.00 16.17 ? 144 ARG A O   1 
ATOM   1091 C  CB  . ARG A 1 143 ? 15.278  -6.068  8.314   1.00 19.90 ? 144 ARG A CB  1 
ATOM   1092 C  CG  . ARG A 1 143 ? 16.103  -4.839  8.010   1.00 23.02 ? 144 ARG A CG  1 
ATOM   1093 C  CD  . ARG A 1 143 ? 16.860  -4.416  9.235   1.00 24.37 ? 144 ARG A CD  1 
ATOM   1094 N  NE  . ARG A 1 143 ? 17.520  -5.548  9.876   1.00 27.74 ? 144 ARG A NE  1 
ATOM   1095 C  CZ  . ARG A 1 143 ? 17.850  -5.574  11.162  1.00 27.94 ? 144 ARG A CZ  1 
ATOM   1096 N  NH1 . ARG A 1 143 ? 17.574  -4.534  11.935  1.00 26.74 ? 144 ARG A NH1 1 
ATOM   1097 N  NH2 . ARG A 1 143 ? 18.452  -6.638  11.674  1.00 32.05 ? 144 ARG A NH2 1 
ATOM   1098 N  N   . PHE A 1 144 ? 13.215  -3.541  9.355   1.00 14.20 ? 145 PHE A N   1 
ATOM   1099 C  CA  . PHE A 1 144 ? 13.151  -2.242  10.016  1.00 13.53 ? 145 PHE A CA  1 
ATOM   1100 C  C   . PHE A 1 144 ? 11.845  -2.012  10.789  1.00 13.83 ? 145 PHE A C   1 
ATOM   1101 O  O   . PHE A 1 144 ? 11.575  -0.907  11.264  1.00 12.58 ? 145 PHE A O   1 
ATOM   1102 C  CB  . PHE A 1 144 ? 13.385  -1.140  8.978   1.00 14.69 ? 145 PHE A CB  1 
ATOM   1103 C  CG  . PHE A 1 144 ? 14.690  -1.289  8.239   1.00 14.01 ? 145 PHE A CG  1 
ATOM   1104 C  CD1 . PHE A 1 144 ? 15.901  -1.091  8.893   1.00 12.14 ? 145 PHE A CD1 1 
ATOM   1105 C  CD2 . PHE A 1 144 ? 14.707  -1.686  6.904   1.00 14.70 ? 145 PHE A CD2 1 
ATOM   1106 C  CE1 . PHE A 1 144 ? 17.117  -1.289  8.230   1.00 13.04 ? 145 PHE A CE1 1 
ATOM   1107 C  CE2 . PHE A 1 144 ? 15.914  -1.887  6.236   1.00 15.03 ? 145 PHE A CE2 1 
ATOM   1108 C  CZ  . PHE A 1 144 ? 17.123  -1.688  6.903   1.00 13.24 ? 145 PHE A CZ  1 
ATOM   1109 N  N   . GLY A 1 145 ? 11.038  -3.059  10.924  1.00 14.68 ? 146 GLY A N   1 
ATOM   1110 C  CA  . GLY A 1 145 ? 9.791   -2.934  11.665  1.00 16.00 ? 146 GLY A CA  1 
ATOM   1111 C  C   . GLY A 1 145 ? 9.902   -3.526  13.064  1.00 17.24 ? 146 GLY A C   1 
ATOM   1112 O  O   . GLY A 1 145 ? 11.008  -3.752  13.564  1.00 15.26 ? 146 GLY A O   1 
ATOM   1113 N  N   . SER A 1 146 ? 8.763   -3.775  13.701  1.00 17.30 ? 147 SER A N   1 
ATOM   1114 C  CA  . SER A 1 146 ? 8.745   -4.355  15.043  1.00 19.14 ? 147 SER A CA  1 
ATOM   1115 C  C   . SER A 1 146 ? 7.390   -4.990  15.348  1.00 21.36 ? 147 SER A C   1 
ATOM   1116 O  O   . SER A 1 146 ? 6.421   -4.790  14.611  1.00 19.41 ? 147 SER A O   1 
ATOM   1117 C  CB  . SER A 1 146 ? 9.069   -3.288  16.098  1.00 18.15 ? 147 SER A CB  1 
ATOM   1118 O  OG  . SER A 1 146 ? 8.092   -2.267  16.121  1.00 17.79 ? 147 SER A OG  1 
ATOM   1119 N  N   . ARG A 1 147 ? 7.325   -5.750  16.437  1.00 22.25 ? 148 ARG A N   1 
ATOM   1120 C  CA  . ARG A 1 147 ? 6.089   -6.425  16.824  1.00 25.48 ? 148 ARG A CA  1 
ATOM   1121 C  C   . ARG A 1 147 ? 4.868   -5.505  16.814  1.00 24.71 ? 148 ARG A C   1 
ATOM   1122 O  O   . ARG A 1 147 ? 3.784   -5.923  16.405  1.00 23.29 ? 148 ARG A O   1 
ATOM   1123 C  CB  . ARG A 1 147 ? 6.228   -7.046  18.215  1.00 30.27 ? 148 ARG A CB  1 
ATOM   1124 C  CG  . ARG A 1 147 ? 5.058   -7.947  18.589  1.00 37.12 ? 148 ARG A CG  1 
ATOM   1125 C  CD  . ARG A 1 147 ? 4.823   -7.969  20.091  1.00 44.19 ? 148 ARG A CD  1 
ATOM   1126 N  NE  . ARG A 1 147 ? 6.009   -8.376  20.838  1.00 49.60 ? 148 ARG A NE  1 
ATOM   1127 C  CZ  . ARG A 1 147 ? 6.096   -8.358  22.164  1.00 52.06 ? 148 ARG A CZ  1 
ATOM   1128 N  NH1 . ARG A 1 147 ? 5.064   -7.951  22.893  1.00 53.59 ? 148 ARG A NH1 1 
ATOM   1129 N  NH2 . ARG A 1 147 ? 7.215   -8.742  22.763  1.00 52.71 ? 148 ARG A NH2 1 
ATOM   1130 N  N   . ASN A 1 148 ? 5.033   -4.266  17.270  1.00 24.21 ? 149 ASN A N   1 
ATOM   1131 C  CA  . ASN A 1 148 ? 3.913   -3.330  17.294  1.00 23.24 ? 149 ASN A CA  1 
ATOM   1132 C  C   . ASN A 1 148 ? 3.862   -2.433  16.061  1.00 20.88 ? 149 ASN A C   1 
ATOM   1133 O  O   . ASN A 1 148 ? 3.016   -1.547  15.969  1.00 21.45 ? 149 ASN A O   1 
ATOM   1134 C  CB  . ASN A 1 148 ? 3.948   -2.468  18.561  1.00 25.93 ? 149 ASN A CB  1 
ATOM   1135 C  CG  . ASN A 1 148 ? 5.050   -1.424  18.537  1.00 28.73 ? 149 ASN A CG  1 
ATOM   1136 O  OD1 . ASN A 1 148 ? 5.159   -0.608  19.452  1.00 32.16 ? 149 ASN A OD1 1 
ATOM   1137 N  ND2 . ASN A 1 148 ? 5.872   -1.446  17.497  1.00 28.08 ? 149 ASN A ND2 1 
ATOM   1138 N  N   . GLY A 1 149 ? 4.779   -2.651  15.123  1.00 17.50 ? 150 GLY A N   1 
ATOM   1139 C  CA  . GLY A 1 149 ? 4.774   -1.865  13.901  1.00 14.41 ? 150 GLY A CA  1 
ATOM   1140 C  C   . GLY A 1 149 ? 5.682   -0.652  13.851  1.00 12.98 ? 150 GLY A C   1 
ATOM   1141 O  O   . GLY A 1 149 ? 5.967   -0.149  12.766  1.00 12.61 ? 150 GLY A O   1 
ATOM   1142 N  N   . LYS A 1 150 ? 6.141   -0.175  15.004  1.00 12.97 ? 151 LYS A N   1 
ATOM   1143 C  CA  . LYS A 1 150 ? 7.023   0.992   15.043  1.00 13.60 ? 151 LYS A CA  1 
ATOM   1144 C  C   . LYS A 1 150 ? 8.315   0.701   14.274  1.00 12.62 ? 151 LYS A C   1 
ATOM   1145 O  O   . LYS A 1 150 ? 8.935   -0.345  14.470  1.00 12.72 ? 151 LYS A O   1 
ATOM   1146 C  CB  . LYS A 1 150 ? 7.358   1.342   16.493  1.00 17.76 ? 151 LYS A CB  1 
ATOM   1147 C  CG  . LYS A 1 150 ? 7.856   2.761   16.693  1.00 24.34 ? 151 LYS A CG  1 
ATOM   1148 C  CD  . LYS A 1 150 ? 6.758   3.767   16.365  1.00 29.09 ? 151 LYS A CD  1 
ATOM   1149 C  CE  . LYS A 1 150 ? 7.158   5.183   16.755  1.00 32.65 ? 151 LYS A CE  1 
ATOM   1150 N  NZ  . LYS A 1 150 ? 7.405   5.307   18.222  1.00 35.60 ? 151 LYS A NZ  1 
ATOM   1151 N  N   . THR A 1 151 ? 8.728   1.626   13.411  1.00 13.35 ? 152 THR A N   1 
ATOM   1152 C  CA  . THR A 1 151 ? 9.941   1.429   12.619  1.00 13.63 ? 152 THR A CA  1 
ATOM   1153 C  C   . THR A 1 151 ? 11.200  1.995   13.276  1.00 15.01 ? 152 THR A C   1 
ATOM   1154 O  O   . THR A 1 151 ? 11.170  3.051   13.910  1.00 14.72 ? 152 THR A O   1 
ATOM   1155 C  CB  . THR A 1 151 ? 9.797   2.048   11.200  1.00 12.78 ? 152 THR A CB  1 
ATOM   1156 O  OG1 . THR A 1 151 ? 9.535   3.453   11.308  1.00 12.38 ? 152 THR A OG1 1 
ATOM   1157 C  CG2 . THR A 1 151 ? 8.650   1.389   10.444  1.00 11.36 ? 152 THR A CG2 1 
ATOM   1158 N  N   . SER A 1 152 ? 12.306  1.274   13.109  1.00 16.29 ? 153 SER A N   1 
ATOM   1159 C  CA  . SER A 1 152 ? 13.590  1.669   13.677  1.00 17.24 ? 153 SER A CA  1 
ATOM   1160 C  C   . SER A 1 152 ? 14.328  2.654   12.778  1.00 18.02 ? 153 SER A C   1 
ATOM   1161 O  O   . SER A 1 152 ? 15.274  3.314   13.208  1.00 18.91 ? 153 SER A O   1 
ATOM   1162 C  CB  . SER A 1 152 ? 14.455  0.430   13.907  1.00 17.55 ? 153 SER A CB  1 
ATOM   1163 O  OG  . SER A 1 152 ? 14.613  -0.305  12.706  1.00 19.65 ? 153 SER A OG  1 
ATOM   1164 N  N   . LYS A 1 153 ? 13.899  2.736   11.522  1.00 17.02 ? 154 LYS A N   1 
ATOM   1165 C  CA  . LYS A 1 153 ? 14.486  3.650   10.543  1.00 16.52 ? 154 LYS A CA  1 
ATOM   1166 C  C   . LYS A 1 153 ? 13.353  4.235   9.702   1.00 16.92 ? 154 LYS A C   1 
ATOM   1167 O  O   . LYS A 1 153 ? 12.260  3.676   9.660   1.00 14.49 ? 154 LYS A O   1 
ATOM   1168 C  CB  . LYS A 1 153 ? 15.474  2.914   9.630   1.00 20.96 ? 154 LYS A CB  1 
ATOM   1169 C  CG  . LYS A 1 153 ? 16.921  2.909   10.121  1.00 24.42 ? 154 LYS A CG  1 
ATOM   1170 C  CD  . LYS A 1 153 ? 17.111  2.054   11.361  1.00 28.69 ? 154 LYS A CD  1 
ATOM   1171 C  CE  . LYS A 1 153 ? 18.511  2.233   11.930  1.00 30.21 ? 154 LYS A CE  1 
ATOM   1172 N  NZ  . LYS A 1 153 ? 19.561  1.981   10.904  1.00 29.25 ? 154 LYS A NZ  1 
ATOM   1173 N  N   . LYS A 1 154 ? 13.611  5.354   9.034   1.00 16.26 ? 155 LYS A N   1 
ATOM   1174 C  CA  . LYS A 1 154 ? 12.592  5.991   8.206   1.00 16.79 ? 155 LYS A CA  1 
ATOM   1175 C  C   . LYS A 1 154 ? 12.466  5.278   6.870   1.00 15.13 ? 155 LYS A C   1 
ATOM   1176 O  O   . LYS A 1 154 ? 13.385  5.318   6.048   1.00 13.35 ? 155 LYS A O   1 
ATOM   1177 C  CB  . LYS A 1 154 ? 12.933  7.464   7.953   1.00 21.75 ? 155 LYS A CB  1 
ATOM   1178 C  CG  . LYS A 1 154 ? 12.854  8.372   9.172   1.00 26.08 ? 155 LYS A CG  1 
ATOM   1179 C  CD  . LYS A 1 154 ? 13.917  8.041   10.205  1.00 32.20 ? 155 LYS A CD  1 
ATOM   1180 C  CE  . LYS A 1 154 ? 14.038  9.152   11.237  1.00 33.88 ? 155 LYS A CE  1 
ATOM   1181 N  NZ  . LYS A 1 154 ? 12.735  9.452   11.895  1.00 35.38 ? 155 LYS A NZ  1 
ATOM   1182 N  N   . ILE A 1 155 ? 11.330  4.623   6.654   1.00 14.18 ? 156 ILE A N   1 
ATOM   1183 C  CA  . ILE A 1 155 ? 11.092  3.909   5.405   1.00 13.70 ? 156 ILE A CA  1 
ATOM   1184 C  C   . ILE A 1 155 ? 10.151  4.755   4.557   1.00 14.62 ? 156 ILE A C   1 
ATOM   1185 O  O   . ILE A 1 155 ? 8.975   4.923   4.888   1.00 13.84 ? 156 ILE A O   1 
ATOM   1186 C  CB  . ILE A 1 155 ? 10.458  2.532   5.661   1.00 12.41 ? 156 ILE A CB  1 
ATOM   1187 C  CG1 . ILE A 1 155 ? 11.245  1.782   6.745   1.00 14.98 ? 156 ILE A CG1 1 
ATOM   1188 C  CG2 . ILE A 1 155 ? 10.444  1.723   4.369   1.00 12.75 ? 156 ILE A CG2 1 
ATOM   1189 C  CD1 . ILE A 1 155 ? 12.708  1.543   6.409   1.00 13.25 ? 156 ILE A CD1 1 
ATOM   1190 N  N   . THR A 1 156 ? 10.679  5.289   3.462   1.00 15.18 ? 157 THR A N   1 
ATOM   1191 C  CA  . THR A 1 156 ? 9.905   6.163   2.591   1.00 15.10 ? 157 THR A CA  1 
ATOM   1192 C  C   . THR A 1 156 ? 9.781   5.732   1.135   1.00 15.24 ? 157 THR A C   1 
ATOM   1193 O  O   . THR A 1 156 ? 10.484  4.838   0.655   1.00 13.95 ? 157 THR A O   1 
ATOM   1194 C  CB  . THR A 1 156 ? 10.508  7.580   2.565   1.00 16.49 ? 157 THR A CB  1 
ATOM   1195 O  OG1 . THR A 1 156 ? 11.845  7.509   2.045   1.00 15.57 ? 157 THR A OG1 1 
ATOM   1196 C  CG2 . THR A 1 156 ? 10.530  8.185   3.963   1.00 15.58 ? 157 THR A CG2 1 
ATOM   1197 N  N   . ILE A 1 157 ? 8.868   6.404   0.444   1.00 14.64 ? 158 ILE A N   1 
ATOM   1198 C  CA  . ILE A 1 157 ? 8.635   6.186   -0.973  1.00 14.25 ? 158 ILE A CA  1 
ATOM   1199 C  C   . ILE A 1 157 ? 9.306   7.386   -1.633  1.00 13.95 ? 158 ILE A C   1 
ATOM   1200 O  O   . ILE A 1 157 ? 8.659   8.396   -1.903  1.00 17.46 ? 158 ILE A O   1 
ATOM   1201 C  CB  . ILE A 1 157 ? 7.118   6.190   -1.306  1.00 13.03 ? 158 ILE A CB  1 
ATOM   1202 C  CG1 . ILE A 1 157 ? 6.435   4.981   -0.652  1.00 11.89 ? 158 ILE A CG1 1 
ATOM   1203 C  CG2 . ILE A 1 157 ? 6.915   6.179   -2.824  1.00 14.72 ? 158 ILE A CG2 1 
ATOM   1204 C  CD1 . ILE A 1 157 ? 4.922   4.910   -0.875  1.00 12.57 ? 158 ILE A CD1 1 
ATOM   1205 N  N   . ALA A 1 158 ? 10.614  7.280   -1.862  1.00 15.42 ? 159 ALA A N   1 
ATOM   1206 C  CA  . ALA A 1 158 ? 11.383  8.365   -2.470  1.00 15.20 ? 159 ALA A CA  1 
ATOM   1207 C  C   . ALA A 1 158 ? 10.816  8.782   -3.818  1.00 15.98 ? 159 ALA A C   1 
ATOM   1208 O  O   . ALA A 1 158 ? 10.958  9.929   -4.242  1.00 16.87 ? 159 ALA A O   1 
ATOM   1209 C  CB  . ALA A 1 158 ? 12.842  7.953   -2.619  1.00 15.20 ? 159 ALA A CB  1 
ATOM   1210 N  N   . ASP A 1 159 ? 10.172  7.843   -4.496  1.00 16.86 ? 160 ASP A N   1 
ATOM   1211 C  CA  . ASP A 1 159 ? 9.579   8.136   -5.787  1.00 16.83 ? 160 ASP A CA  1 
ATOM   1212 C  C   . ASP A 1 159 ? 8.620   7.023   -6.171  1.00 15.43 ? 160 ASP A C   1 
ATOM   1213 O  O   . ASP A 1 159 ? 8.768   5.879   -5.746  1.00 15.36 ? 160 ASP A O   1 
ATOM   1214 C  CB  . ASP A 1 159 ? 10.676  8.298   -6.846  1.00 19.24 ? 160 ASP A CB  1 
ATOM   1215 C  CG  . ASP A 1 159 ? 10.140  8.812   -8.170  1.00 20.76 ? 160 ASP A CG  1 
ATOM   1216 O  OD1 . ASP A 1 159 ? 9.262   9.705   -8.163  1.00 20.15 ? 160 ASP A OD1 1 
ATOM   1217 O  OD2 . ASP A 1 159 ? 10.612  8.335   -9.221  1.00 26.06 ? 160 ASP A OD2 1 
ATOM   1218 N  N   . CYS A 1 160 ? 7.623   7.369   -6.966  1.00 15.74 ? 161 CYS A N   1 
ATOM   1219 C  CA  . CYS A 1 160 ? 6.646   6.389   -7.394  1.00 14.99 ? 161 CYS A CA  1 
ATOM   1220 C  C   . CYS A 1 160 ? 5.975   6.859   -8.673  1.00 16.14 ? 161 CYS A C   1 
ATOM   1221 O  O   . CYS A 1 160 ? 6.123   8.013   -9.088  1.00 15.44 ? 161 CYS A O   1 
ATOM   1222 C  CB  . CYS A 1 160 ? 5.609   6.160   -6.288  1.00 14.68 ? 161 CYS A CB  1 
ATOM   1223 S  SG  . CYS A 1 160 ? 4.875   7.659   -5.586  1.00 15.88 ? 161 CYS A SG  1 
ATOM   1224 N  N   . GLY A 1 161 ? 5.243   5.957   -9.309  1.00 15.36 ? 162 GLY A N   1 
ATOM   1225 C  CA  . GLY A 1 161 ? 4.579   6.310   -10.544 1.00 15.59 ? 162 GLY A CA  1 
ATOM   1226 C  C   . GLY A 1 161 ? 4.019   5.085   -11.223 1.00 15.87 ? 162 GLY A C   1 
ATOM   1227 O  O   . GLY A 1 161 ? 3.922   4.018   -10.617 1.00 14.69 ? 162 GLY A O   1 
ATOM   1228 N  N   . GLN A 1 162 ? 3.662   5.242   -12.492 1.00 15.84 ? 163 GLN A N   1 
ATOM   1229 C  CA  . GLN A 1 162 ? 3.088   4.156   -13.264 1.00 16.57 ? 163 GLN A CA  1 
ATOM   1230 C  C   . GLN A 1 162 ? 4.082   3.645   -14.289 1.00 17.11 ? 163 GLN A C   1 
ATOM   1231 O  O   . GLN A 1 162 ? 4.780   4.423   -14.937 1.00 16.34 ? 163 GLN A O   1 
ATOM   1232 C  CB  . GLN A 1 162 ? 1.825   4.647   -13.967 1.00 15.82 ? 163 GLN A CB  1 
ATOM   1233 C  CG  . GLN A 1 162 ? 0.830   3.564   -14.311 1.00 16.01 ? 163 GLN A CG  1 
ATOM   1234 C  CD  . GLN A 1 162 ? -0.420  4.132   -14.955 1.00 14.76 ? 163 GLN A CD  1 
ATOM   1235 O  OE1 . GLN A 1 162 ? -0.806  5.274   -14.687 1.00 10.95 ? 163 GLN A OE1 1 
ATOM   1236 N  NE2 . GLN A 1 162 ? -1.067  3.338   -15.798 1.00 11.43 ? 163 GLN A NE2 1 
ATOM   1237 N  N   . LEU A 1 163 ? 4.148   2.328   -14.425 1.00 18.62 ? 164 LEU A N   1 
ATOM   1238 C  CA  . LEU A 1 163 ? 5.051   1.706   -15.382 1.00 18.86 ? 164 LEU A CA  1 
ATOM   1239 C  C   . LEU A 1 163 ? 4.233   1.179   -16.551 1.00 19.47 ? 164 LEU A C   1 
ATOM   1240 O  O   . LEU A 1 163 ? 3.001   1.197   -16.514 1.00 17.91 ? 164 LEU A O   1 
ATOM   1241 C  CB  . LEU A 1 163 ? 5.804   0.552   -14.721 1.00 20.70 ? 164 LEU A CB  1 
ATOM   1242 C  CG  . LEU A 1 163 ? 6.765   0.892   -13.581 1.00 20.99 ? 164 LEU A CG  1 
ATOM   1243 C  CD1 . LEU A 1 163 ? 7.331   -0.398  -12.997 1.00 24.44 ? 164 LEU A CD1 1 
ATOM   1244 C  CD2 . LEU A 1 163 ? 7.885   1.779   -14.096 1.00 21.83 ? 164 LEU A CD2 1 
ATOM   1245 N  N   . GLU A 1 164 ? 4.921   0.718   -17.591 1.00 19.88 ? 165 GLU A N   1 
ATOM   1246 C  CA  . GLU A 1 164 ? 4.252   0.163   -18.759 1.00 21.43 ? 165 GLU A CA  1 
ATOM   1247 C  C   . GLU A 1 164 ? 3.191   1.109   -19.312 1.00 21.39 ? 165 GLU A C   1 
ATOM   1248 O  O   . GLU A 1 164 ? 3.457   2.328   -19.345 1.00 21.51 ? 165 GLU A O   1 
ATOM   1249 C  CB  . GLU A 1 164 ? 3.629   -1.187  -18.393 1.00 23.56 ? 165 GLU A CB  1 
ATOM   1250 C  CG  . GLU A 1 164 ? 4.643   -2.162  -17.813 1.00 27.62 ? 165 GLU A CG  1 
ATOM   1251 C  CD  . GLU A 1 164 ? 4.024   -3.445  -17.294 1.00 31.46 ? 165 GLU A CD  1 
ATOM   1252 O  OE1 . GLU A 1 164 ? 4.764   -4.257  -16.700 1.00 32.18 ? 165 GLU A OE1 1 
ATOM   1253 O  OE2 . GLU A 1 164 ? 2.803   -3.644  -17.478 1.00 34.18 ? 165 GLU A OE2 1 
ATOM   1254 O  OXT . GLU A 1 164 ? 2.116   0.623   -19.724 1.00 21.79 ? 165 GLU A OXT 1 
HETATM 1255 MG MG  . MG  B 2 .   ? -12.704 -0.694  -2.167  1.00 20.00 ? 302 MG  A MG  1 
HETATM 1256 O  O   . HOH C 3 .   ? -12.871 -0.402  -2.128  1.00 3.27  ? 303 HOH A O   1 
HETATM 1257 O  O   . HOH C 3 .   ? -1.778  2.957   11.781  1.00 16.21 ? 304 HOH A O   1 
HETATM 1258 O  O   . HOH C 3 .   ? -2.334  -12.311 2.502   1.00 11.78 ? 305 HOH A O   1 
HETATM 1259 O  O   . HOH C 3 .   ? -14.707 -3.444  5.668   1.00 8.69  ? 306 HOH A O   1 
HETATM 1260 O  O   . HOH C 3 .   ? -8.461  -14.406 -4.557  1.00 6.76  ? 307 HOH A O   1 
HETATM 1261 O  O   . HOH C 3 .   ? -6.834  2.389   -12.935 1.00 10.97 ? 308 HOH A O   1 
HETATM 1262 O  O   . HOH C 3 .   ? 13.790  7.282   4.149   1.00 14.66 ? 309 HOH A O   1 
HETATM 1263 O  O   . HOH C 3 .   ? -6.420  6.826   4.624   1.00 8.41  ? 310 HOH A O   1 
HETATM 1264 O  O   . HOH C 3 .   ? -13.354 0.143   4.534   1.00 8.79  ? 311 HOH A O   1 
HETATM 1265 O  O   . HOH C 3 .   ? -11.487 -7.495  -4.249  1.00 10.52 ? 312 HOH A O   1 
HETATM 1266 O  O   . HOH C 3 .   ? -16.149 9.355   -1.710  1.00 9.70  ? 313 HOH A O   1 
HETATM 1267 O  O   . HOH C 3 .   ? 9.190   4.420   8.633   1.00 13.47 ? 314 HOH A O   1 
HETATM 1268 O  O   . HOH C 3 .   ? 0.353   0.697   -16.112 1.00 13.89 ? 315 HOH A O   1 
HETATM 1269 O  O   . HOH C 3 .   ? 13.700  -3.013  13.511  1.00 21.41 ? 316 HOH A O   1 
HETATM 1270 O  O   . HOH C 3 .   ? -11.174 -7.898  -1.433  1.00 10.97 ? 317 HOH A O   1 
HETATM 1271 O  O   . HOH C 3 .   ? -5.924  -12.776 -3.998  1.00 13.11 ? 318 HOH A O   1 
HETATM 1272 O  O   . HOH C 3 .   ? -1.098  -14.946 -3.417  1.00 14.82 ? 319 HOH A O   1 
HETATM 1273 O  O   . HOH C 3 .   ? -19.019 -1.387  -5.651  1.00 14.24 ? 320 HOH A O   1 
HETATM 1274 O  O   . HOH C 3 .   ? -7.400  3.459   3.373   1.00 9.56  ? 321 HOH A O   1 
HETATM 1275 O  O   . HOH C 3 .   ? 2.672   10.623  -5.752  1.00 12.49 ? 322 HOH A O   1 
HETATM 1276 O  O   . HOH C 3 .   ? -7.123  2.456   -3.448  1.00 9.35  ? 323 HOH A O   1 
HETATM 1277 O  O   . HOH C 3 .   ? -18.327 -2.999  3.624   1.00 16.91 ? 324 HOH A O   1 
HETATM 1278 O  O   . HOH C 3 .   ? 2.011   6.176   6.099   1.00 8.39  ? 325 HOH A O   1 
HETATM 1279 O  O   . HOH C 3 .   ? -16.496 -2.033  -9.529  1.00 16.25 ? 326 HOH A O   1 
HETATM 1280 O  O   . HOH C 3 .   ? 7.356   -12.432 6.409   1.00 15.29 ? 327 HOH A O   1 
HETATM 1281 O  O   . HOH C 3 .   ? 17.627  -2.465  -5.095  1.00 17.18 ? 328 HOH A O   1 
HETATM 1282 O  O   . HOH C 3 .   ? -10.928 -1.969  2.841   1.00 15.13 ? 329 HOH A O   1 
HETATM 1283 O  O   . HOH C 3 .   ? -17.776 0.955   -5.747  1.00 18.41 ? 330 HOH A O   1 
HETATM 1284 O  O   . HOH C 3 .   ? -9.265  1.180   -12.765 1.00 15.72 ? 331 HOH A O   1 
HETATM 1285 O  O   . HOH C 3 .   ? -18.616 -4.497  -0.886  1.00 14.91 ? 332 HOH A O   1 
HETATM 1286 O  O   . HOH C 3 .   ? 3.005   -11.081 -5.148  1.00 13.25 ? 333 HOH A O   1 
HETATM 1287 O  O   . HOH C 3 .   ? 7.170   3.927   12.530  1.00 16.90 ? 334 HOH A O   1 
HETATM 1288 O  O   . HOH C 3 .   ? -11.776 -3.593  8.755   1.00 18.82 ? 335 HOH A O   1 
HETATM 1289 O  O   . HOH C 3 .   ? -5.934  1.847   9.168   1.00 20.15 ? 336 HOH A O   1 
HETATM 1290 O  O   . HOH C 3 .   ? 6.389   -9.305  14.269  1.00 21.89 ? 337 HOH A O   1 
HETATM 1291 O  O   . HOH C 3 .   ? -10.893 -9.594  1.375   1.00 10.96 ? 338 HOH A O   1 
HETATM 1292 O  O   . HOH C 3 .   ? -13.082 -3.377  -14.467 1.00 14.99 ? 339 HOH A O   1 
HETATM 1293 O  O   . HOH C 3 .   ? -6.152  12.961  -13.442 1.00 32.88 ? 340 HOH A O   1 
HETATM 1294 O  O   . HOH C 3 .   ? 1.766   -10.973 -8.858  1.00 26.19 ? 341 HOH A O   1 
HETATM 1295 O  O   . HOH C 3 .   ? -11.210 -16.792 3.507   1.00 32.09 ? 342 HOH A O   1 
HETATM 1296 O  O   . HOH C 3 .   ? 1.279   -6.439  -15.234 1.00 28.02 ? 343 HOH A O   1 
HETATM 1297 O  O   . HOH C 3 .   ? -7.614  1.714   11.443  1.00 16.26 ? 344 HOH A O   1 
HETATM 1298 O  O   . HOH C 3 .   ? 3.231   2.311   -22.280 1.00 18.51 ? 345 HOH A O   1 
HETATM 1299 O  O   . HOH C 3 .   ? 0.709   14.690  -1.124  1.00 14.29 ? 346 HOH A O   1 
HETATM 1300 O  O   . HOH C 3 .   ? -7.188  -16.119 2.337   1.00 20.40 ? 347 HOH A O   1 
HETATM 1301 O  O   . HOH C 3 .   ? -3.979  -10.063 14.151  1.00 37.53 ? 348 HOH A O   1 
HETATM 1302 O  O   . HOH C 3 .   ? 15.539  -2.283  -6.856  1.00 18.92 ? 349 HOH A O   1 
HETATM 1303 O  O   . HOH C 3 .   ? 1.644   15.383  -6.912  1.00 19.99 ? 350 HOH A O   1 
HETATM 1304 O  O   . HOH C 3 .   ? 8.940   -10.275 -6.754  1.00 21.87 ? 351 HOH A O   1 
HETATM 1305 O  O   . HOH C 3 .   ? 3.447   5.304   2.251   1.00 10.87 ? 352 HOH A O   1 
HETATM 1306 O  O   . HOH C 3 .   ? -2.770  12.037  -7.376  1.00 19.79 ? 353 HOH A O   1 
HETATM 1307 O  O   . HOH C 3 .   ? -3.870  -4.527  11.269  1.00 9.12  ? 354 HOH A O   1 
HETATM 1308 O  O   . HOH C 3 .   ? -5.010  -7.917  12.260  1.00 15.89 ? 355 HOH A O   1 
HETATM 1309 O  O   . HOH C 3 .   ? -7.482  3.916   7.983   1.00 15.25 ? 356 HOH A O   1 
HETATM 1310 O  O   . HOH C 3 .   ? 3.273   0.292   -23.908 1.00 13.36 ? 357 HOH A O   1 
HETATM 1311 O  O   . HOH C 3 .   ? -14.461 -3.650  8.460   1.00 17.89 ? 358 HOH A O   1 
HETATM 1312 O  O   . HOH C 3 .   ? 3.992   8.105   -13.522 1.00 20.53 ? 359 HOH A O   1 
HETATM 1313 O  O   . HOH C 3 .   ? 4.813   3.022   -24.135 1.00 31.22 ? 360 HOH A O   1 
HETATM 1314 O  O   . HOH C 3 .   ? -19.707 -4.331  1.779   1.00 15.55 ? 361 HOH A O   1 
HETATM 1315 O  O   . HOH C 3 .   ? 7.662   -13.445 0.773   1.00 18.64 ? 362 HOH A O   1 
HETATM 1316 O  O   . HOH C 3 .   ? -4.129  -16.925 7.272   1.00 11.36 ? 363 HOH A O   1 
HETATM 1317 O  O   . HOH C 3 .   ? 0.070   7.629   -16.201 1.00 19.15 ? 364 HOH A O   1 
HETATM 1318 O  O   . HOH C 3 .   ? 23.293  2.830   5.195   1.00 22.97 ? 365 HOH A O   1 
HETATM 1319 O  O   . HOH C 3 .   ? 14.947  3.632   -3.987  1.00 20.20 ? 366 HOH A O   1 
HETATM 1320 O  O   . HOH C 3 .   ? -16.763 -5.314  5.637   1.00 20.58 ? 367 HOH A O   1 
HETATM 1321 O  O   . HOH C 3 .   ? 7.800   0.391   -18.261 1.00 26.16 ? 368 HOH A O   1 
HETATM 1322 O  O   . HOH C 3 .   ? 10.613  5.931   12.135  1.00 26.20 ? 369 HOH A O   1 
HETATM 1323 O  O   . HOH C 3 .   ? -0.552  -0.466  -18.406 1.00 29.35 ? 370 HOH A O   1 
HETATM 1324 O  O   . HOH C 3 .   ? 13.815  9.758   5.125   1.00 23.28 ? 371 HOH A O   1 
HETATM 1325 O  O   . HOH C 3 .   ? 0.778   -12.581 9.828   1.00 19.14 ? 372 HOH A O   1 
HETATM 1326 O  O   . HOH C 3 .   ? 3.118   4.839   -19.819 1.00 30.26 ? 373 HOH A O   1 
HETATM 1327 O  O   . HOH C 3 .   ? 13.634  -4.655  -7.152  1.00 31.11 ? 374 HOH A O   1 
HETATM 1328 O  O   . HOH C 3 .   ? -17.264 7.667   -3.587  1.00 20.77 ? 375 HOH A O   1 
HETATM 1329 O  O   . HOH C 3 .   ? 1.740   4.252   -22.116 1.00 29.17 ? 376 HOH A O   1 
HETATM 1330 O  O   . HOH C 3 .   ? 2.059   13.159  -4.972  1.00 22.21 ? 377 HOH A O   1 
HETATM 1331 O  O   . HOH C 3 .   ? 19.104  2.085   1.991   1.00 20.95 ? 378 HOH A O   1 
HETATM 1332 O  O   . HOH C 3 .   ? -7.657  15.080  4.375   1.00 38.24 ? 379 HOH A O   1 
HETATM 1333 O  O   . HOH C 3 .   ? 20.616  5.288   8.526   1.00 25.20 ? 380 HOH A O   1 
HETATM 1334 O  O   . HOH C 3 .   ? -18.920 -1.815  -8.387  1.00 26.19 ? 381 HOH A O   1 
HETATM 1335 O  O   . HOH C 3 .   ? 10.798  -12.420 -1.871  1.00 28.74 ? 382 HOH A O   1 
HETATM 1336 O  O   . HOH C 3 .   ? 5.054   -12.206 -4.177  1.00 36.71 ? 383 HOH A O   1 
HETATM 1337 O  O   . HOH C 3 .   ? 11.409  -9.323  -8.684  1.00 23.70 ? 384 HOH A O   1 
HETATM 1338 O  O   . HOH C 3 .   ? -5.918  2.437   -15.673 1.00 24.85 ? 385 HOH A O   1 
HETATM 1339 O  O   . HOH C 3 .   ? -0.316  -15.266 9.031   1.00 20.24 ? 386 HOH A O   1 
HETATM 1340 O  O   . HOH C 3 .   ? 6.322   3.489   -19.453 1.00 23.52 ? 387 HOH A O   1 
HETATM 1341 O  O   . HOH C 3 .   ? -12.768 5.624   -10.469 1.00 21.23 ? 388 HOH A O   1 
HETATM 1342 O  O   . HOH C 3 .   ? -4.034  3.584   10.260  1.00 24.96 ? 389 HOH A O   1 
HETATM 1343 O  O   . HOH C 3 .   ? 4.426   11.026  -7.792  1.00 21.46 ? 390 HOH A O   1 
HETATM 1344 O  O   . HOH C 3 .   ? 4.497   -14.814 9.107   1.00 24.50 ? 391 HOH A O   1 
HETATM 1345 O  O   . HOH C 3 .   ? -12.236 -12.307 10.418  1.00 35.47 ? 392 HOH A O   1 
HETATM 1346 O  O   . HOH C 3 .   ? 11.343  -0.289  15.859  1.00 24.21 ? 393 HOH A O   1 
HETATM 1347 O  O   . HOH C 3 .   ? -3.610  3.704   -16.814 1.00 25.72 ? 394 HOH A O   1 
HETATM 1348 O  O   . HOH C 3 .   ? -9.802  1.424   13.844  1.00 25.06 ? 395 HOH A O   1 
HETATM 1349 O  O   . HOH C 3 .   ? -5.420  12.955  10.113  1.00 48.08 ? 396 HOH A O   1 
HETATM 1350 O  O   . HOH C 3 .   ? 14.124  6.963   -7.363  1.00 45.74 ? 397 HOH A O   1 
HETATM 1351 O  O   . HOH C 3 .   ? -7.163  -9.790  -12.137 1.00 27.75 ? 398 HOH A O   1 
HETATM 1352 O  O   . HOH C 3 .   ? -4.947  18.395  -1.701  1.00 29.90 ? 399 HOH A O   1 
HETATM 1353 O  O   . HOH C 3 .   ? -0.214  -10.587 -10.436 1.00 42.65 ? 400 HOH A O   1 
HETATM 1354 O  O   . HOH C 3 .   ? -1.558  9.409   -15.327 1.00 39.13 ? 401 HOH A O   1 
HETATM 1355 O  O   . HOH C 3 .   ? 0.303   -12.713 -7.671  1.00 24.41 ? 402 HOH A O   1 
HETATM 1356 O  O   . HOH C 3 .   ? 0.387   -3.068  -16.771 1.00 31.85 ? 403 HOH A O   1 
HETATM 1357 O  O   . HOH C 3 .   ? -3.692  -21.011 0.693   1.00 31.31 ? 404 HOH A O   1 
HETATM 1358 O  O   . HOH C 3 .   ? -5.218  -6.844  -17.250 1.00 33.25 ? 405 HOH A O   1 
HETATM 1359 O  O   . HOH C 3 .   ? -15.721 -4.549  -10.366 1.00 24.14 ? 406 HOH A O   1 
HETATM 1360 O  O   . HOH C 3 .   ? 3.483   13.927  -2.816  1.00 24.46 ? 407 HOH A O   1 
HETATM 1361 O  O   . HOH C 3 .   ? 0.935   17.101  11.990  1.00 41.48 ? 408 HOH A O   1 
HETATM 1362 O  O   . HOH C 3 .   ? 18.238  11.238  0.281   1.00 36.58 ? 409 HOH A O   1 
HETATM 1363 O  O   . HOH C 3 .   ? -15.200 -9.612  13.133  1.00 35.10 ? 410 HOH A O   1 
HETATM 1364 O  O   . HOH C 3 .   ? 3.570   2.578   13.893  1.00 22.76 ? 411 HOH A O   1 
HETATM 1365 O  O   . HOH C 3 .   ? 16.525  -8.248  12.948  1.00 42.28 ? 412 HOH A O   1 
HETATM 1366 O  O   . HOH C 3 .   ? -14.353 5.173   10.960  1.00 27.15 ? 413 HOH A O   1 
HETATM 1367 O  O   . HOH C 3 .   ? 3.004   1.208   16.418  1.00 37.94 ? 414 HOH A O   1 
HETATM 1368 O  O   . HOH C 3 .   ? 0.594   -1.984  15.752  1.00 26.06 ? 415 HOH A O   1 
HETATM 1369 O  O   . HOH C 3 .   ? -6.899  -18.242 0.815   1.00 24.36 ? 416 HOH A O   1 
HETATM 1370 O  O   . HOH C 3 .   ? 0.536   17.227  -2.251  1.00 34.12 ? 417 HOH A O   1 
HETATM 1371 O  O   . HOH C 3 .   ? -18.318 3.033   8.558   1.00 30.57 ? 418 HOH A O   1 
HETATM 1372 O  O   . HOH C 3 .   ? 16.897  7.462   -2.027  1.00 40.77 ? 419 HOH A O   1 
HETATM 1373 O  O   . HOH C 3 .   ? -1.178  -5.834  -16.823 1.00 36.14 ? 420 HOH A O   1 
HETATM 1374 O  O   . HOH C 3 .   ? 20.148  -4.855  12.676  1.00 50.11 ? 421 HOH A O   1 
HETATM 1375 O  O   . HOH C 3 .   ? 1.535   -15.028 -2.644  1.00 24.77 ? 422 HOH A O   1 
HETATM 1376 O  O   . HOH C 3 .   ? -7.999  -4.675  -16.800 1.00 29.89 ? 423 HOH A O   1 
HETATM 1377 O  O   . HOH C 3 .   ? -7.373  -10.851 14.423  1.00 29.98 ? 424 HOH A O   1 
HETATM 1378 O  O   . HOH C 3 .   ? -13.008 -4.794  -16.754 1.00 32.19 ? 425 HOH A O   1 
HETATM 1379 O  O   . HOH C 3 .   ? -10.784 -14.164 -6.026  1.00 30.01 ? 426 HOH A O   1 
HETATM 1380 O  O   . HOH C 3 .   ? -9.104  10.046  8.154   1.00 36.96 ? 427 HOH A O   1 
HETATM 1381 O  O   . HOH C 3 .   ? -4.055  0.148   -17.528 1.00 43.65 ? 428 HOH A O   1 
HETATM 1382 O  O   . HOH C 3 .   ? -5.255  -1.043  9.522   1.00 15.72 ? 429 HOH A O   1 
HETATM 1383 O  O   . HOH C 3 .   ? -5.863  -5.529  11.962  1.00 22.88 ? 430 HOH A O   1 
HETATM 1384 O  O   . HOH C 3 .   ? -4.886  -4.953  8.740   1.00 24.44 ? 431 HOH A O   1 
HETATM 1385 O  O   . HOH C 3 .   ? -6.179  17.931  6.863   1.00 21.46 ? 432 HOH A O   1 
HETATM 1386 O  O   . HOH C 3 .   ? 1.282   -0.362  -26.144 1.00 26.35 ? 433 HOH A O   1 
HETATM 1387 O  O   . HOH C 3 .   ? -15.368 6.148   -10.152 1.00 22.76 ? 434 HOH A O   1 
HETATM 1388 O  O   . HOH C 3 .   ? -8.692  -5.435  10.437  1.00 20.76 ? 435 HOH A O   1 
HETATM 1389 O  O   . HOH C 3 .   ? 12.952  9.583   0.818   1.00 28.94 ? 436 HOH A O   1 
HETATM 1390 O  O   . HOH C 3 .   ? -10.691 13.712  -2.546  1.00 33.11 ? 437 HOH A O   1 
HETATM 1391 O  O   . HOH C 3 .   ? -7.761  7.592   8.025   1.00 27.28 ? 438 HOH A O   1 
HETATM 1392 O  O   . HOH C 3 .   ? -4.842  -19.179 6.294   1.00 31.56 ? 439 HOH A O   1 
HETATM 1393 O  O   . HOH C 3 .   ? 2.153   -16.696 9.311   1.00 31.02 ? 440 HOH A O   1 
HETATM 1394 O  O   . HOH C 3 .   ? -10.046 -3.053  -17.714 1.00 32.70 ? 441 HOH A O   1 
HETATM 1395 O  O   . HOH C 3 .   ? 1.443   5.036   -17.735 1.00 26.38 ? 442 HOH A O   1 
HETATM 1396 O  O   . HOH C 3 .   ? -1.298  -3.592  16.501  1.00 37.76 ? 443 HOH A O   1 
HETATM 1397 O  O   . HOH C 3 .   ? 9.743   -5.997  18.298  1.00 24.31 ? 444 HOH A O   1 
HETATM 1398 O  O   . HOH C 3 .   ? 16.442  6.691   11.733  1.00 34.14 ? 445 HOH A O   1 
HETATM 1399 O  O   . HOH C 3 .   ? 15.841  9.480   -1.070  1.00 22.95 ? 446 HOH A O   1 
HETATM 1400 O  O   . HOH C 3 .   ? 1.947   -9.073  -12.203 1.00 31.46 ? 447 HOH A O   1 
HETATM 1401 O  O   . HOH C 3 .   ? -5.868  -9.284  -16.015 1.00 26.21 ? 448 HOH A O   1 
HETATM 1402 O  O   . HOH C 3 .   ? 17.402  -0.760  12.658  1.00 39.66 ? 449 HOH A O   1 
HETATM 1403 O  O   . HOH C 3 .   ? -5.833  16.580  3.095   1.00 30.85 ? 450 HOH A O   1 
HETATM 1404 O  O   . HOH C 3 .   ? -8.079  5.101   5.777   1.00 28.34 ? 451 HOH A O   1 
HETATM 1405 O  O   . HOH C 3 .   ? -16.789 5.345   10.155  1.00 36.63 ? 452 HOH A O   1 
HETATM 1406 O  O   . HOH C 3 .   ? -6.052  3.996   11.797  1.00 32.73 ? 453 HOH A O   1 
HETATM 1407 O  O   . HOH C 3 .   ? -12.362 7.562   -12.058 1.00 29.09 ? 454 HOH A O   1 
HETATM 1408 O  O   . HOH C 3 .   ? 19.565  -1.447  -6.539  1.00 23.49 ? 455 HOH A O   1 
HETATM 1409 O  O   . HOH C 3 .   ? 15.653  6.154   -4.564  1.00 30.51 ? 456 HOH A O   1 
HETATM 1410 O  O   . HOH C 3 .   ? 17.190  2.316   15.418  1.00 32.49 ? 457 HOH A O   1 
HETATM 1411 O  O   . HOH C 3 .   ? 4.883   10.022  -11.829 1.00 25.51 ? 458 HOH A O   1 
HETATM 1412 O  O   . HOH C 3 .   ? -7.512  5.801   9.965   1.00 30.11 ? 459 HOH A O   1 
HETATM 1413 O  O   . HOH C 3 .   ? 8.268   -1.256  19.067  1.00 41.91 ? 460 HOH A O   1 
HETATM 1414 O  O   . HOH C 3 .   ? 16.100  9.961   6.816   1.00 32.25 ? 461 HOH A O   1 
HETATM 1415 O  O   . HOH C 3 .   ? 3.841   -9.136  15.554  1.00 30.70 ? 462 HOH A O   1 
HETATM 1416 O  O   . HOH C 3 .   ? -10.477 11.653  -12.260 1.00 37.27 ? 463 HOH A O   1 
HETATM 1417 O  O   . HOH C 3 .   ? -7.839  -1.175  -20.550 1.00 31.95 ? 464 HOH A O   1 
HETATM 1418 O  O   . HOH C 3 .   ? -7.628  11.825  6.479   1.00 37.21 ? 465 HOH A O   1 
HETATM 1419 O  O   . HOH C 3 .   ? -13.667 -13.579 -1.499  1.00 35.22 ? 466 HOH A O   1 
HETATM 1420 O  O   . HOH C 3 .   ? 4.386   14.402  -7.630  1.00 33.72 ? 467 HOH A O   1 
HETATM 1421 O  O   . HOH C 3 .   ? 1.301   3.928   14.056  1.00 42.59 ? 468 HOH A O   1 
HETATM 1422 O  O   . HOH C 3 .   ? 1.861   -17.203 5.470   1.00 23.39 ? 469 HOH A O   1 
HETATM 1423 O  O   . HOH C 3 .   ? -0.627  5.200   -20.994 1.00 33.07 ? 470 HOH A O   1 
HETATM 1424 O  O   . HOH C 3 .   ? -17.473 -4.546  -8.470  1.00 20.89 ? 471 HOH A O   1 
HETATM 1425 O  O   . HOH C 3 .   ? 4.233   -1.594  -21.784 1.00 37.38 ? 472 HOH A O   1 
HETATM 1426 O  O   . HOH C 3 .   ? 6.928   -14.211 3.394   1.00 29.39 ? 473 HOH A O   1 
HETATM 1427 O  O   . HOH C 3 .   ? -22.420 -4.444  1.332   1.00 30.97 ? 474 HOH A O   1 
HETATM 1428 O  O   . HOH C 3 .   ? -8.256  3.997   -16.321 1.00 40.47 ? 475 HOH A O   1 
HETATM 1429 O  O   . HOH C 3 .   ? 12.257  6.192   -12.199 1.00 42.80 ? 476 HOH A O   1 
HETATM 1430 O  O   . HOH C 3 .   ? -2.620  4.598   -19.229 1.00 38.14 ? 477 HOH A O   1 
HETATM 1431 O  O   . HOH C 3 .   ? -18.665 5.389   -7.751  1.00 30.25 ? 478 HOH A O   1 
HETATM 1432 O  O   . HOH C 3 .   ? 10.700  11.984  -2.534  1.00 36.38 ? 479 HOH A O   1 
HETATM 1433 O  O   . HOH C 3 .   ? 14.165  -7.297  -5.416  1.00 47.28 ? 480 HOH A O   1 
HETATM 1434 O  O   . HOH C 3 .   ? -9.736  -8.087  11.852  1.00 37.61 ? 481 HOH A O   1 
HETATM 1435 O  O   . HOH C 3 .   ? -17.236 8.428   -6.423  1.00 31.52 ? 482 HOH A O   1 
HETATM 1436 O  O   . HOH C 3 .   ? -2.657  -8.120  -16.238 1.00 50.56 ? 483 HOH A O   1 
HETATM 1437 O  O   . HOH C 3 .   ? 19.830  -2.829  14.891  1.00 32.66 ? 484 HOH A O   1 
HETATM 1438 O  O   . HOH C 3 .   ? 14.149  11.245  2.771   1.00 31.04 ? 485 HOH A O   1 
HETATM 1439 O  O   . HOH C 3 .   ? -3.517  17.359  -13.162 1.00 34.47 ? 486 HOH A O   1 
HETATM 1440 O  O   . HOH C 3 .   ? -11.923 11.319  -8.709  1.00 42.42 ? 487 HOH A O   1 
HETATM 1441 O  O   . HOH C 3 .   ? 9.097   -10.151 14.703  1.00 59.37 ? 488 HOH A O   1 
HETATM 1442 O  O   . HOH C 3 .   ? 9.662   8.522   -11.700 1.00 38.20 ? 489 HOH A O   1 
HETATM 1443 O  O   . HOH C 3 .   ? 4.947   8.490   12.275  1.00 37.77 ? 490 HOH A O   1 
HETATM 1444 O  O   . HOH C 3 .   ? 14.891  2.551   -8.258  1.00 33.45 ? 491 HOH A O   1 
HETATM 1445 O  O   . HOH C 3 .   ? 12.349  13.955  -6.590  1.00 44.46 ? 492 HOH A O   1 
HETATM 1446 O  O   . HOH C 3 .   ? 14.525  12.163  6.874   1.00 43.73 ? 493 HOH A O   1 
HETATM 1447 O  O   . HOH C 3 .   ? -4.836  10.254  -16.143 1.00 33.92 ? 494 HOH A O   1 
HETATM 1448 O  O   . HOH C 3 .   ? 14.535  -6.910  12.244  1.00 45.34 ? 495 HOH A O   1 
HETATM 1449 O  O   . HOH C 3 .   ? 9.882   2.430   -17.458 1.00 42.34 ? 496 HOH A O   1 
HETATM 1450 O  O   . HOH C 3 .   ? 6.890   -3.690  -15.239 1.00 40.52 ? 497 HOH A O   1 
HETATM 1451 O  O   . HOH C 3 .   ? -10.195 6.968   9.517   1.00 33.34 ? 498 HOH A O   1 
HETATM 1452 O  O   . HOH C 3 .   ? 12.984  -2.320  16.501  1.00 36.93 ? 499 HOH A O   1 
HETATM 1453 O  O   . HOH C 3 .   ? -12.844 3.377   -12.405 1.00 43.37 ? 500 HOH A O   1 
HETATM 1454 O  O   . HOH C 3 .   ? 5.829   1.388   -21.285 1.00 45.04 ? 501 HOH A O   1 
HETATM 1455 O  O   . HOH C 3 .   ? 19.048  -8.693  13.260  1.00 51.13 ? 502 HOH A O   1 
HETATM 1456 O  O   . HOH C 3 .   ? 2.953   -12.348 -10.799 1.00 31.01 ? 503 HOH A O   1 
HETATM 1457 O  O   . HOH C 3 .   ? 0.001   -11.781 12.422  1.00 39.91 ? 504 HOH A O   1 
HETATM 1458 O  O   . HOH C 3 .   ? 3.262   16.358  -1.975  1.00 43.35 ? 505 HOH A O   1 
HETATM 1459 O  O   . HOH C 3 .   ? 6.998   8.573   -11.659 1.00 40.52 ? 506 HOH A O   1 
HETATM 1460 O  O   . HOH C 3 .   ? -9.310  9.428   -11.813 1.00 32.40 ? 507 HOH A O   1 
HETATM 1461 O  O   . HOH C 3 .   ? -4.649  -10.168 -13.490 1.00 46.11 ? 508 HOH A O   1 
HETATM 1462 O  O   . HOH C 3 .   ? 0.666   -18.609 0.067   1.00 39.42 ? 509 HOH A O   1 
HETATM 1463 O  O   . HOH C 3 .   ? 3.787   6.287   -17.968 1.00 43.48 ? 510 HOH A O   1 
HETATM 1464 O  O   . HOH C 3 .   ? 6.711   -11.235 21.566  1.00 44.71 ? 511 HOH A O   1 
HETATM 1465 O  O   . HOH C 3 .   ? -17.609 -8.943  3.734   1.00 30.20 ? 512 HOH A O   1 
HETATM 1466 O  O   . HOH C 3 .   ? -9.313  -14.810 -8.443  1.00 45.21 ? 513 HOH A O   1 
HETATM 1467 O  O   . HOH C 3 .   ? -8.589  -18.158 -1.393  1.00 37.99 ? 514 HOH A O   1 
HETATM 1468 O  O   . HOH C 3 .   ? 6.897   6.023   -21.129 1.00 32.08 ? 515 HOH A O   1 
HETATM 1469 O  O   . HOH C 3 .   ? 10.481  -4.119  -8.748  1.00 42.64 ? 516 HOH A O   1 
HETATM 1470 O  O   . HOH C 3 .   ? 6.939   -15.400 -0.867  1.00 41.53 ? 517 HOH A O   1 
HETATM 1471 O  O   . HOH C 3 .   ? -20.447 -1.326  0.694   1.00 26.28 ? 518 HOH A O   1 
HETATM 1472 O  O   . HOH C 3 .   ? -12.412 -7.106  -17.748 1.00 33.90 ? 519 HOH A O   1 
HETATM 1473 O  O   . HOH C 3 .   ? 5.758   1.855   20.509  1.00 44.45 ? 520 HOH A O   1 
HETATM 1474 O  O   . HOH C 3 .   ? 9.323   -7.688  15.420  1.00 54.63 ? 521 HOH A O   1 
HETATM 1475 O  O   . HOH C 3 .   ? -3.512  -6.119  -8.924  1.00 57.40 ? 522 HOH A O   1 
HETATM 1476 O  O   . HOH C 3 .   ? 11.331  -0.762  -13.277 1.00 33.66 ? 523 HOH A O   1 
HETATM 1477 O  O   . HOH C 3 .   ? 3.411   -10.777 21.104  1.00 42.80 ? 524 HOH A O   1 
HETATM 1478 O  O   . HOH C 3 .   ? 21.282  3.280   -0.353  1.00 57.90 ? 525 HOH A O   1 
HETATM 1479 O  O   . HOH C 3 .   ? 13.186  11.025  -5.977  1.00 39.43 ? 526 HOH A O   1 
HETATM 1480 O  O   . HOH C 3 .   ? 12.292  -8.498  10.618  1.00 35.39 ? 527 HOH A O   1 
HETATM 1481 O  O   . HOH C 3 .   ? 23.273  4.553   8.268   1.00 37.59 ? 528 HOH A O   1 
HETATM 1482 O  O   . HOH C 3 .   ? -7.635  -20.327 2.405   1.00 43.77 ? 529 HOH A O   1 
HETATM 1483 O  O   . HOH C 3 .   ? -4.843  6.986   -16.506 1.00 41.94 ? 530 HOH A O   1 
HETATM 1484 O  O   . HOH C 3 .   ? -13.245 6.808   9.364   1.00 44.04 ? 531 HOH A O   1 
HETATM 1485 O  O   . HOH C 3 .   ? -13.015 -15.939 5.342   1.00 40.88 ? 532 HOH A O   1 
HETATM 1486 O  O   . HOH C 3 .   ? -21.136 -1.852  4.142   1.00 52.42 ? 533 HOH A O   1 
HETATM 1487 O  O   . HOH C 3 .   ? -16.642 12.476  -5.359  1.00 39.09 ? 534 HOH A O   1 
HETATM 1488 O  O   . HOH C 3 .   ? 1.886   16.658  1.155   1.00 35.46 ? 535 HOH A O   1 
HETATM 1489 O  O   . HOH C 3 .   ? 7.133   -3.460  19.391  1.00 31.23 ? 536 HOH A O   1 
HETATM 1490 O  O   . HOH C 3 .   ? -16.110 -5.866  9.997   1.00 37.52 ? 537 HOH A O   1 
HETATM 1491 O  O   . HOH C 3 .   ? 7.874   2.888   -21.959 1.00 31.18 ? 538 HOH A O   1 
HETATM 1492 O  O   . HOH C 3 .   ? -12.750 -16.971 -6.754  1.00 36.79 ? 539 HOH A O   1 
HETATM 1493 O  O   . HOH C 3 .   ? -8.593  -16.788 -3.692  1.00 28.73 ? 540 HOH A O   1 
HETATM 1494 O  O   . HOH C 3 .   ? -13.288 2.579   13.649  1.00 40.80 ? 541 HOH A O   1 
HETATM 1495 O  O   . HOH C 3 .   ? 16.202  1.725   -5.385  1.00 38.93 ? 542 HOH A O   1 
HETATM 1496 O  O   . HOH C 3 .   ? -10.476 3.085   -13.832 1.00 41.09 ? 543 HOH A O   1 
HETATM 1497 O  O   . HOH C 3 .   ? 8.186   -14.473 7.689   1.00 27.97 ? 544 HOH A O   1 
HETATM 1498 O  O   . HOH C 3 .   ? -7.733  13.133  -15.743 1.00 38.57 ? 545 HOH A O   1 
HETATM 1499 O  O   . HOH C 3 .   ? 10.038  5.780   14.632  1.00 40.29 ? 546 HOH A O   1 
HETATM 1500 O  O   . HOH C 3 .   ? 13.347  6.395   13.020  1.00 45.49 ? 547 HOH A O   1 
# 
